data_4B6P
# 
_entry.id   4B6P 
# 
_audit_conform.dict_name       mmcif_pdbx.dic 
_audit_conform.dict_version    5.383 
_audit_conform.dict_location   http://mmcif.pdb.org/dictionaries/ascii/mmcif_pdbx.dic 
# 
loop_
_database_2.database_id 
_database_2.database_code 
_database_2.pdbx_database_accession 
_database_2.pdbx_DOI 
PDB   4B6P         pdb_00004b6p 10.2210/pdb4b6p/pdb 
PDBE  EBI-53723    ?            ?                   
WWPDB D_1290053723 ?            ?                   
# 
loop_
_pdbx_database_related.db_name 
_pdbx_database_related.db_id 
_pdbx_database_related.content_type 
_pdbx_database_related.details 
PDB 1H05 unspecified '3-DEHYDROQUINATE DEHYDRATASE FROM MYCOBACTERIUM TUBERCULOSIS IN COMPLEX WITH SULPHATE' 
PDB 1H0R unspecified 'TYPE II DEHYDROQUINASE FROM MYCOBACTERIUM TUBERCULOSIS COMPLEXED WITH 2,3-ANNHYDRO-QUINIC ACID' 
PDB 1H0S unspecified '3-DEHYDROQUINATE DEHYDRATASE FROM MYCOBACTERIUM TUBERCULOSIS IN COMPLEX WITH 3-HYDROXYIMINO-QUNIC ACID' 
PDB 2DHQ unspecified '3-DEHYDROQUINATE DEHYDRATASE FROM MYCOBACTERIUM TUBERCULOSIS' 
PDB 2XB8 unspecified 
;STRUCTURE OF MYCOBACTERIUM TUBERCULOSIS TYPE II DEHYDROQUINASE IN COMPLEX WITH INHIBITOR COMPOUND (2R)-2 -(4-METHOXYBENZYL)-3-DEHYDROQUINIC ACID
;
PDB 2Y71 unspecified 
;STRUCTURE OF MYCOBACTERIUM TUBERCULOSIS TYPE II DEHYDROQUINASE COMPLEXED WITH (1R,4S,5R)-1,4,5- TRIHYDROXY-3-((5-METHYLBENZO(B)THIOPHEN-2-YL)METHOXY) CYCLOHEX-2-ENECARBOXYLATE
;
PDB 2Y76 unspecified 
;STRUCTURE OF MYCOBACTERIUM TUBERCULOSIS TYPE II DEHYDROQUINASE COMPLEXED WITH (1R,4S,5R)-3-(BENZO(B) THIOPHEN-5-YLMETHOXY)-2-(BENZO(B)THIOPHEN-5-YLMETHYL )-1,4,5-TRIHYDROXYCYCLOHEX-2-ENECARBOXYLATE
;
PDB 2Y77 unspecified 
;STRUCTURE OF MYCOBACTERIUM TUBERCULOSIS TYPE II DEHYDROQUINASE COMPLEXED WITH (1R,4S,5R)-3-(BENZO(B) THIOPHEN-2-YLMETHOXY)-1,4,5-TRIHYDROXY-2-(THIOPHEN-2 -YLMETHYL)CYCLOHEX-2-ENECARBOXYLATE
;
PDB 4B6S unspecified 
'STRUCTURE OF HELICOBACTER PYLORI TYPE II DEHYDROQUINASE INHIBITED BY (2S)-2-PERFLUOROBENZYL-3- DEHYDROQUINIC ACID' 
PDB 4B6R unspecified 
'STRUCTURE OF HELICOBACTER PYLORI TYPE II DEHYDROQUINASE INHIBITED BY (2S)-2-(4-METHOXY)BENZYL-3 -DEHYDROQUINIC ACID' 
PDB 4B6O unspecified 
'STRUCTURE OF MYCOBACTERIUM TUBERCULOSIS TYPE II DEHYDROQUINASE INHIBITED BY (2S)-2-(4-METHOXY)BENZYL-3 -DEHYDROQUINIC ACID' 
PDB 4B6Q unspecified 
'STRUCTURE OF MYCOBACTERIUM TUBERCULOSIS TYPE II DEHYDROQUINASE INHIBITED BY (2R)-2-(BENZOTHIOPHEN-5-YL) METHYL-3-DEHYDROQUINIC ACID' 
# 
_pdbx_database_status.status_code                     REL 
_pdbx_database_status.entry_id                        4B6P 
_pdbx_database_status.deposit_site                    PDBE 
_pdbx_database_status.process_site                    PDBE 
_pdbx_database_status.SG_entry                        . 
_pdbx_database_status.recvd_initial_deposition_date   2012-08-14 
_pdbx_database_status.pdb_format_compatible           Y 
_pdbx_database_status.status_code_sf                  REL 
_pdbx_database_status.status_code_mr                  ? 
_pdbx_database_status.status_code_cs                  ? 
_pdbx_database_status.methods_development_category    ? 
_pdbx_database_status.status_code_nmr_data            ? 
# 
loop_
_audit_author.name 
_audit_author.pdbx_ordinal 
'Otero, J.M.'        1  
'Llamas-Saiz, A.L.'  2  
'Lence, E.'          3  
'Tizon, L.'          4  
'Peon, A.'           5  
'Prazeres, V.F.V.'   6  
'Lamb, H.'           7  
'Hawkins, A.R.'      8  
'Gonzalez-Bello, C.' 9  
'van Raaij, M.J.'    10 
# 
_citation.id                        primary 
_citation.title                     
'Mechanistic basis of the inhibition of type II dehydroquinase by (2S)- and (2R)-2-benzyl-3-dehydroquinic acids.' 
_citation.journal_abbrev            'ACS Chem. Biol.' 
_citation.journal_volume            8 
_citation.page_first                568 
_citation.page_last                 577 
_citation.year                      2013 
_citation.journal_id_ASTM           ? 
_citation.country                   US 
_citation.journal_id_ISSN           1554-8937 
_citation.journal_id_CSD            ? 
_citation.book_publisher            ? 
_citation.pdbx_database_id_PubMed   23198883 
_citation.pdbx_database_id_DOI      10.1021/cb300493s 
# 
loop_
_citation_author.citation_id 
_citation_author.name 
_citation_author.ordinal 
_citation_author.identifier_ORCID 
primary 'Lence, E.'          1  ? 
primary 'Tizon, L.'          2  ? 
primary 'Otero, J.M.'        3  ? 
primary 'Peon, A.'           4  ? 
primary 'Prazeres, V.F.'     5  ? 
primary 'Llamas-Saiz, A.L.'  6  ? 
primary 'Fox, G.C.'          7  ? 
primary 'van Raaij, M.J.'    8  ? 
primary 'Lamb, H.'           9  ? 
primary 'Hawkins, A.R.'      10 ? 
primary 'Gonzalez-Bello, C.' 11 ? 
# 
_cell.entry_id           4B6P 
_cell.length_a           126.270 
_cell.length_b           126.270 
_cell.length_c           126.270 
_cell.angle_alpha        90.00 
_cell.angle_beta         90.00 
_cell.angle_gamma        90.00 
_cell.Z_PDB              48 
_cell.pdbx_unique_axis   ? 
# 
_symmetry.entry_id                         4B6P 
_symmetry.space_group_name_H-M             'F 2 3' 
_symmetry.pdbx_full_space_group_name_H-M   ? 
_symmetry.cell_setting                     ? 
_symmetry.Int_Tables_number                196 
# 
loop_
_entity.id 
_entity.type 
_entity.src_method 
_entity.pdbx_description 
_entity.formula_weight 
_entity.pdbx_number_of_molecules 
_entity.pdbx_ec 
_entity.pdbx_mutation 
_entity.pdbx_fragment 
_entity.details 
1 polymer     man '3-DEHYDROQUINATE DEHYDRATASE'                                                                            
15676.737 1  4.2.1.10 ? ? ? 
2 non-polymer syn '(1R,2S,4S,5R)-2-(2,3,4,5,6-pentafluorophenyl)methyl-1,4,5-trihydroxy-3-oxocyclohexane-1-carboxylic acid' 
370.226   1  ?        ? ? ? 
3 non-polymer syn 'SULFATE ION'                                                                                             96.063 
2  ?        ? ? ? 
4 water       nat water                                                                                                     18.015 
62 ?        ? ? ? 
# 
_entity_name_com.entity_id   1 
_entity_name_com.name        '3-DEHYDROQUINASE, TYPE II DHQASE' 
# 
_entity_poly.entity_id                      1 
_entity_poly.type                           'polypeptide(L)' 
_entity_poly.nstd_linkage                   no 
_entity_poly.nstd_monomer                   no 
_entity_poly.pdbx_seq_one_letter_code       
;SELIVNVINGPNLGRLGRREPAVYGGTTHDELVALIEREAAELGLKAVVRQSDSEAQLLDWIHQAADAAEPVILNAGGLT
HTSVALRDACAELSAPLIEVHISNVHAREEFRRHSYLSPIATGVIVGLGIQGYLLALRYLAEHVGT
;
_entity_poly.pdbx_seq_one_letter_code_can   
;SELIVNVINGPNLGRLGRREPAVYGGTTHDELVALIEREAAELGLKAVVRQSDSEAQLLDWIHQAADAAEPVILNAGGLT
HTSVALRDACAELSAPLIEVHISNVHAREEFRRHSYLSPIATGVIVGLGIQGYLLALRYLAEHVGT
;
_entity_poly.pdbx_strand_id                 A 
_entity_poly.pdbx_target_identifier         ? 
# 
loop_
_entity_poly_seq.entity_id 
_entity_poly_seq.num 
_entity_poly_seq.mon_id 
_entity_poly_seq.hetero 
1 1   SER n 
1 2   GLU n 
1 3   LEU n 
1 4   ILE n 
1 5   VAL n 
1 6   ASN n 
1 7   VAL n 
1 8   ILE n 
1 9   ASN n 
1 10  GLY n 
1 11  PRO n 
1 12  ASN n 
1 13  LEU n 
1 14  GLY n 
1 15  ARG n 
1 16  LEU n 
1 17  GLY n 
1 18  ARG n 
1 19  ARG n 
1 20  GLU n 
1 21  PRO n 
1 22  ALA n 
1 23  VAL n 
1 24  TYR n 
1 25  GLY n 
1 26  GLY n 
1 27  THR n 
1 28  THR n 
1 29  HIS n 
1 30  ASP n 
1 31  GLU n 
1 32  LEU n 
1 33  VAL n 
1 34  ALA n 
1 35  LEU n 
1 36  ILE n 
1 37  GLU n 
1 38  ARG n 
1 39  GLU n 
1 40  ALA n 
1 41  ALA n 
1 42  GLU n 
1 43  LEU n 
1 44  GLY n 
1 45  LEU n 
1 46  LYS n 
1 47  ALA n 
1 48  VAL n 
1 49  VAL n 
1 50  ARG n 
1 51  GLN n 
1 52  SER n 
1 53  ASP n 
1 54  SER n 
1 55  GLU n 
1 56  ALA n 
1 57  GLN n 
1 58  LEU n 
1 59  LEU n 
1 60  ASP n 
1 61  TRP n 
1 62  ILE n 
1 63  HIS n 
1 64  GLN n 
1 65  ALA n 
1 66  ALA n 
1 67  ASP n 
1 68  ALA n 
1 69  ALA n 
1 70  GLU n 
1 71  PRO n 
1 72  VAL n 
1 73  ILE n 
1 74  LEU n 
1 75  ASN n 
1 76  ALA n 
1 77  GLY n 
1 78  GLY n 
1 79  LEU n 
1 80  THR n 
1 81  HIS n 
1 82  THR n 
1 83  SER n 
1 84  VAL n 
1 85  ALA n 
1 86  LEU n 
1 87  ARG n 
1 88  ASP n 
1 89  ALA n 
1 90  CYS n 
1 91  ALA n 
1 92  GLU n 
1 93  LEU n 
1 94  SER n 
1 95  ALA n 
1 96  PRO n 
1 97  LEU n 
1 98  ILE n 
1 99  GLU n 
1 100 VAL n 
1 101 HIS n 
1 102 ILE n 
1 103 SER n 
1 104 ASN n 
1 105 VAL n 
1 106 HIS n 
1 107 ALA n 
1 108 ARG n 
1 109 GLU n 
1 110 GLU n 
1 111 PHE n 
1 112 ARG n 
1 113 ARG n 
1 114 HIS n 
1 115 SER n 
1 116 TYR n 
1 117 LEU n 
1 118 SER n 
1 119 PRO n 
1 120 ILE n 
1 121 ALA n 
1 122 THR n 
1 123 GLY n 
1 124 VAL n 
1 125 ILE n 
1 126 VAL n 
1 127 GLY n 
1 128 LEU n 
1 129 GLY n 
1 130 ILE n 
1 131 GLN n 
1 132 GLY n 
1 133 TYR n 
1 134 LEU n 
1 135 LEU n 
1 136 ALA n 
1 137 LEU n 
1 138 ARG n 
1 139 TYR n 
1 140 LEU n 
1 141 ALA n 
1 142 GLU n 
1 143 HIS n 
1 144 VAL n 
1 145 GLY n 
1 146 THR n 
# 
_entity_src_gen.entity_id                          1 
_entity_src_gen.pdbx_src_id                        1 
_entity_src_gen.pdbx_alt_source_flag               sample 
_entity_src_gen.pdbx_seq_type                      ? 
_entity_src_gen.pdbx_beg_seq_num                   ? 
_entity_src_gen.pdbx_end_seq_num                   ? 
_entity_src_gen.gene_src_common_name               ? 
_entity_src_gen.gene_src_genus                     ? 
_entity_src_gen.pdbx_gene_src_gene                 ? 
_entity_src_gen.gene_src_species                   ? 
_entity_src_gen.gene_src_strain                    ? 
_entity_src_gen.gene_src_tissue                    ? 
_entity_src_gen.gene_src_tissue_fraction           ? 
_entity_src_gen.gene_src_details                   ? 
_entity_src_gen.pdbx_gene_src_fragment             ? 
_entity_src_gen.pdbx_gene_src_scientific_name      'MYCOBACTERIUM TUBERCULOSIS' 
_entity_src_gen.pdbx_gene_src_ncbi_taxonomy_id     1773 
_entity_src_gen.pdbx_gene_src_variant              ? 
_entity_src_gen.pdbx_gene_src_cell_line            ? 
_entity_src_gen.pdbx_gene_src_atcc                 ? 
_entity_src_gen.pdbx_gene_src_organ                ? 
_entity_src_gen.pdbx_gene_src_organelle            ? 
_entity_src_gen.pdbx_gene_src_cell                 ? 
_entity_src_gen.pdbx_gene_src_cellular_location    ? 
_entity_src_gen.host_org_common_name               ? 
_entity_src_gen.pdbx_host_org_scientific_name      'ESCHERICHIA COLI' 
_entity_src_gen.pdbx_host_org_ncbi_taxonomy_id     83333 
_entity_src_gen.host_org_genus                     ? 
_entity_src_gen.pdbx_host_org_gene                 ? 
_entity_src_gen.pdbx_host_org_organ                ? 
_entity_src_gen.host_org_species                   ? 
_entity_src_gen.pdbx_host_org_tissue               ? 
_entity_src_gen.pdbx_host_org_tissue_fraction      ? 
_entity_src_gen.pdbx_host_org_strain               K-12 
_entity_src_gen.pdbx_host_org_variant              SK3430 
_entity_src_gen.pdbx_host_org_cell_line            ? 
_entity_src_gen.pdbx_host_org_atcc                 ? 
_entity_src_gen.pdbx_host_org_culture_collection   ? 
_entity_src_gen.pdbx_host_org_cell                 ? 
_entity_src_gen.pdbx_host_org_organelle            ? 
_entity_src_gen.pdbx_host_org_cellular_location    ? 
_entity_src_gen.pdbx_host_org_vector_type          PLASMID 
_entity_src_gen.pdbx_host_org_vector               ? 
_entity_src_gen.host_org_details                   ? 
_entity_src_gen.expression_system_id               ? 
_entity_src_gen.plasmid_name                       PKK233-2 
_entity_src_gen.plasmid_details                    ? 
_entity_src_gen.pdbx_description                   ? 
# 
_struct_ref.id                         1 
_struct_ref.db_name                    UNP 
_struct_ref.db_code                    AROQ_MYCTU 
_struct_ref.entity_id                  1 
_struct_ref.pdbx_seq_one_letter_code   ? 
_struct_ref.pdbx_align_begin           ? 
_struct_ref.pdbx_db_accession          P0A4Z6 
_struct_ref.pdbx_db_isoform            ? 
# 
_struct_ref_seq.align_id                      1 
_struct_ref_seq.ref_id                        1 
_struct_ref_seq.pdbx_PDB_id_code              4B6P 
_struct_ref_seq.pdbx_strand_id                A 
_struct_ref_seq.seq_align_beg                 1 
_struct_ref_seq.pdbx_seq_align_beg_ins_code   ? 
_struct_ref_seq.seq_align_end                 146 
_struct_ref_seq.pdbx_seq_align_end_ins_code   ? 
_struct_ref_seq.pdbx_db_accession             P0A4Z6 
_struct_ref_seq.db_align_beg                  2 
_struct_ref_seq.pdbx_db_align_beg_ins_code    ? 
_struct_ref_seq.db_align_end                  147 
_struct_ref_seq.pdbx_db_align_end_ins_code    ? 
_struct_ref_seq.pdbx_auth_seq_align_beg       1 
_struct_ref_seq.pdbx_auth_seq_align_end       146 
# 
loop_
_chem_comp.id 
_chem_comp.type 
_chem_comp.mon_nstd_flag 
_chem_comp.name 
_chem_comp.pdbx_synonyms 
_chem_comp.formula 
_chem_comp.formula_weight 
2HN non-polymer         . 
'(1R,2S,4S,5R)-2-(2,3,4,5,6-pentafluorophenyl)methyl-1,4,5-trihydroxy-3-oxocyclohexane-1-carboxylic acid' 
'(1R,2S,4S,5R)-2-(perfluorophenyl)methyl-1,4,5-trihydroxy-3-oxocyclohexane-1-carboxylic acid' 'C14 H11 F5 O6'  370.226 
ALA 'L-peptide linking' y ALANINE ?                                                                                             
'C3 H7 N O2'     89.093  
ARG 'L-peptide linking' y ARGININE ?                                                                                             
'C6 H15 N4 O2 1' 175.209 
ASN 'L-peptide linking' y ASPARAGINE ?                                                                                             
'C4 H8 N2 O3'    132.118 
ASP 'L-peptide linking' y 'ASPARTIC ACID' ? 'C4 H7 N O4'     133.103 
CYS 'L-peptide linking' y CYSTEINE ?                                                                                             
'C3 H7 N O2 S'   121.158 
GLN 'L-peptide linking' y GLUTAMINE ?                                                                                             
'C5 H10 N2 O3'   146.144 
GLU 'L-peptide linking' y 'GLUTAMIC ACID' ? 'C5 H9 N O4'     147.129 
GLY 'peptide linking'   y GLYCINE ?                                                                                             
'C2 H5 N O2'     75.067  
HIS 'L-peptide linking' y HISTIDINE ?                                                                                             
'C6 H10 N3 O2 1' 156.162 
HOH non-polymer         . WATER ?                                                                                             
'H2 O'           18.015  
ILE 'L-peptide linking' y ISOLEUCINE ?                                                                                             
'C6 H13 N O2'    131.173 
LEU 'L-peptide linking' y LEUCINE ?                                                                                             
'C6 H13 N O2'    131.173 
LYS 'L-peptide linking' y LYSINE ?                                                                                             
'C6 H15 N2 O2 1' 147.195 
PHE 'L-peptide linking' y PHENYLALANINE ? 'C9 H11 N O2'    165.189 
PRO 'L-peptide linking' y PROLINE ?                                                                                             
'C5 H9 N O2'     115.130 
SER 'L-peptide linking' y SERINE ?                                                                                             
'C3 H7 N O3'     105.093 
SO4 non-polymer         . 'SULFATE ION' ? 'O4 S -2'        96.063  
THR 'L-peptide linking' y THREONINE ?                                                                                             
'C4 H9 N O3'     119.119 
TRP 'L-peptide linking' y TRYPTOPHAN ?                                                                                             
'C11 H12 N2 O2'  204.225 
TYR 'L-peptide linking' y TYROSINE ?                                                                                             
'C9 H11 N O3'    181.189 
VAL 'L-peptide linking' y VALINE ?                                                                                             
'C5 H11 N O2'    117.146 
# 
_exptl.entry_id          4B6P 
_exptl.method            'X-RAY DIFFRACTION' 
_exptl.crystals_number   1 
# 
_exptl_crystal.id                    1 
_exptl_crystal.density_meas          ? 
_exptl_crystal.density_Matthews      2.7 
_exptl_crystal.density_percent_sol   54 
_exptl_crystal.description           NONE 
# 
_exptl_crystal_grow.crystal_id      1 
_exptl_crystal_grow.method          ? 
_exptl_crystal_grow.temp            ? 
_exptl_crystal_grow.temp_details    ? 
_exptl_crystal_grow.pH              6.5 
_exptl_crystal_grow.pdbx_pH_range   ? 
_exptl_crystal_grow.pdbx_details    
;50 MM TRIS-HCL PH 7.5 1 MM 2-MERCAPTOETHANOL 1 MM ETHYLENEDIAMINETETRAACETIC ACID 200 MM SODIUM CHLORIDE 20% (W/V) POLYETHYLENEGLYCOL 2000ME 0.1 M 3-(N-MORPHOLINO)PROPANESULFONIC ACID (MOPS) PH 6.5
;
# 
_diffrn.id                     1 
_diffrn.ambient_temp           100 
_diffrn.ambient_temp_details   ? 
_diffrn.crystal_id             1 
# 
_diffrn_detector.diffrn_id              1 
_diffrn_detector.detector               CCD 
_diffrn_detector.type                   'ADSC QUANTUM 315r' 
_diffrn_detector.pdbx_collection_date   2010-07-26 
_diffrn_detector.details                'KIRKPATRICK-BAEZ PAIR OF BI-MORPH MIRRORS' 
# 
_diffrn_radiation.diffrn_id                        1 
_diffrn_radiation.wavelength_id                    1 
_diffrn_radiation.pdbx_monochromatic_or_laue_m_l   M 
_diffrn_radiation.monochromator                    'CHANNEL CUT CRYOGENICALLY COOLED MONOCHROMATOR CRYSTAL' 
_diffrn_radiation.pdbx_diffrn_protocol             'SINGLE WAVELENGTH' 
_diffrn_radiation.pdbx_scattering_type             x-ray 
# 
_diffrn_radiation_wavelength.id           1 
_diffrn_radiation_wavelength.wavelength   0.98011 
_diffrn_radiation_wavelength.wt           1.0 
# 
_diffrn_source.diffrn_id                   1 
_diffrn_source.source                      SYNCHROTRON 
_diffrn_source.type                        'SOLEIL BEAMLINE PROXIMA 1' 
_diffrn_source.pdbx_synchrotron_site       SOLEIL 
_diffrn_source.pdbx_synchrotron_beamline   'PROXIMA 1' 
_diffrn_source.pdbx_wavelength             0.98011 
_diffrn_source.pdbx_wavelength_list        ? 
# 
_reflns.pdbx_diffrn_id               1 
_reflns.pdbx_ordinal                 1 
_reflns.entry_id                     4B6P 
_reflns.observed_criterion_sigma_I   . 
_reflns.observed_criterion_sigma_F   ? 
_reflns.d_resolution_low             44.64 
_reflns.d_resolution_high            2.30 
_reflns.number_obs                   7534 
_reflns.number_all                   ? 
_reflns.percent_possible_obs         100.0 
_reflns.pdbx_Rmerge_I_obs            0.11 
_reflns.pdbx_Rsym_value              ? 
_reflns.pdbx_netI_over_sigmaI        5.40 
_reflns.B_iso_Wilson_estimate        27.5 
_reflns.pdbx_redundancy              4.3 
# 
_reflns_shell.pdbx_diffrn_id         1 
_reflns_shell.pdbx_ordinal           1 
_reflns_shell.d_res_high             2.30 
_reflns_shell.d_res_low              2.43 
_reflns_shell.percent_possible_all   100.0 
_reflns_shell.Rmerge_I_obs           0.39 
_reflns_shell.pdbx_Rsym_value        ? 
_reflns_shell.meanI_over_sigI_obs    1.90 
_reflns_shell.pdbx_redundancy        4.3 
# 
_refine.pdbx_refine_id                           'X-RAY DIFFRACTION' 
_refine.entry_id                                 4B6P 
_refine.pdbx_diffrn_id                           1 
_refine.pdbx_TLS_residual_ADP_flag               ? 
_refine.ls_number_reflns_obs                     7144 
_refine.ls_number_reflns_all                     ? 
_refine.pdbx_ls_sigma_I                          ? 
_refine.pdbx_ls_sigma_F                          . 
_refine.pdbx_data_cutoff_high_absF               ? 
_refine.pdbx_data_cutoff_low_absF                ? 
_refine.pdbx_data_cutoff_high_rms_absF           ? 
_refine.ls_d_res_low                             44.64 
_refine.ls_d_res_high                            2.30 
_refine.ls_percent_reflns_obs                    100.00 
_refine.ls_R_factor_obs                          0.17207 
_refine.ls_R_factor_all                          ? 
_refine.ls_R_factor_R_work                       0.16928 
_refine.ls_R_factor_R_free                       0.22313 
_refine.ls_R_factor_R_free_error                 ? 
_refine.ls_R_factor_R_free_error_details         ? 
_refine.ls_percent_reflns_R_free                 5.1 
_refine.ls_number_reflns_R_free                  384 
_refine.ls_number_parameters                     ? 
_refine.ls_number_restraints                     ? 
_refine.occupancy_min                            ? 
_refine.occupancy_max                            ? 
_refine.correlation_coeff_Fo_to_Fc               0.947 
_refine.correlation_coeff_Fo_to_Fc_free          0.910 
_refine.B_iso_mean                               15.884 
_refine.aniso_B[1][1]                            ? 
_refine.aniso_B[2][2]                            ? 
_refine.aniso_B[3][3]                            ? 
_refine.aniso_B[1][2]                            ? 
_refine.aniso_B[1][3]                            ? 
_refine.aniso_B[2][3]                            ? 
_refine.solvent_model_details                    MASK 
_refine.solvent_model_param_ksol                 ? 
_refine.solvent_model_param_bsol                 ? 
_refine.pdbx_solvent_vdw_probe_radii             1.40 
_refine.pdbx_solvent_ion_probe_radii             0.80 
_refine.pdbx_solvent_shrinkage_radii             0.80 
_refine.pdbx_ls_cross_valid_method               THROUGHOUT 
_refine.details                                  'HYDROGENS HAVE BEEN ADDED IN THE RIDING POSITIONS. U VALUES REFINED INDIVIDUALLY' 
_refine.pdbx_starting_model                      'PDB ENTRY 1H0S' 
_refine.pdbx_method_to_determine_struct          'MOLECULAR REPLACEMENT' 
_refine.pdbx_isotropic_thermal_model             ? 
_refine.pdbx_stereochemistry_target_values       'MAXIMUM LIKELIHOOD' 
_refine.pdbx_stereochem_target_val_spec_case     ? 
_refine.pdbx_R_Free_selection_details            RANDOM 
_refine.pdbx_overall_ESU_R                       0.281 
_refine.pdbx_overall_ESU_R_Free                  0.214 
_refine.overall_SU_ML                            0.150 
_refine.pdbx_overall_phase_error                 ? 
_refine.overall_SU_B                             6.086 
_refine.overall_SU_R_Cruickshank_DPI             ? 
_refine.pdbx_overall_SU_R_free_Cruickshank_DPI   ? 
_refine.pdbx_overall_SU_R_Blow_DPI               ? 
_refine.pdbx_overall_SU_R_free_Blow_DPI          ? 
# 
_refine_hist.pdbx_refine_id                   'X-RAY DIFFRACTION' 
_refine_hist.cycle_id                         LAST 
_refine_hist.pdbx_number_atoms_protein        1078 
_refine_hist.pdbx_number_atoms_nucleic_acid   0 
_refine_hist.pdbx_number_atoms_ligand         35 
_refine_hist.number_atoms_solvent             62 
_refine_hist.number_atoms_total               1175 
_refine_hist.d_res_high                       2.30 
_refine_hist.d_res_low                        44.64 
# 
loop_
_refine_ls_restr.type 
_refine_ls_restr.dev_ideal 
_refine_ls_restr.dev_ideal_target 
_refine_ls_restr.weight 
_refine_ls_restr.number 
_refine_ls_restr.pdbx_refine_id 
_refine_ls_restr.pdbx_restraint_function 
r_bond_refined_d             0.015  0.021  ? 1149 'X-RAY DIFFRACTION' ? 
r_bond_other_d               0.001  0.020  ? 739  'X-RAY DIFFRACTION' ? 
r_angle_refined_deg          1.533  1.991  ? 1572 'X-RAY DIFFRACTION' ? 
r_angle_other_deg            0.940  3.001  ? 1790 'X-RAY DIFFRACTION' ? 
r_dihedral_angle_1_deg       6.085  5.000  ? 141  'X-RAY DIFFRACTION' ? 
r_dihedral_angle_2_deg       31.772 23.077 ? 52   'X-RAY DIFFRACTION' ? 
r_dihedral_angle_3_deg       14.701 15.000 ? 181  'X-RAY DIFFRACTION' ? 
r_dihedral_angle_4_deg       23.535 15.000 ? 11   'X-RAY DIFFRACTION' ? 
r_chiral_restr               0.085  0.200  ? 185  'X-RAY DIFFRACTION' ? 
r_gen_planes_refined         0.007  0.021  ? 1272 'X-RAY DIFFRACTION' ? 
r_gen_planes_other           0.001  0.020  ? 222  'X-RAY DIFFRACTION' ? 
r_nbd_refined                0.213  0.200  ? 233  'X-RAY DIFFRACTION' ? 
r_nbd_other                  0.187  0.200  ? 753  'X-RAY DIFFRACTION' ? 
r_nbtor_refined              0.172  0.200  ? 551  'X-RAY DIFFRACTION' ? 
r_nbtor_other                0.092  0.200  ? 584  'X-RAY DIFFRACTION' ? 
r_xyhbond_nbd_refined        0.181  0.200  ? 47   'X-RAY DIFFRACTION' ? 
r_xyhbond_nbd_other          ?      ?      ? ?    'X-RAY DIFFRACTION' ? 
r_metal_ion_refined          ?      ?      ? ?    'X-RAY DIFFRACTION' ? 
r_metal_ion_other            ?      ?      ? ?    'X-RAY DIFFRACTION' ? 
r_symmetry_vdw_refined       0.153  0.200  ? 12   'X-RAY DIFFRACTION' ? 
r_symmetry_vdw_other         0.203  0.200  ? 30   'X-RAY DIFFRACTION' ? 
r_symmetry_hbond_refined     0.175  0.200  ? 9    'X-RAY DIFFRACTION' ? 
r_symmetry_hbond_other       ?      ?      ? ?    'X-RAY DIFFRACTION' ? 
r_symmetry_metal_ion_refined ?      ?      ? ?    'X-RAY DIFFRACTION' ? 
r_symmetry_metal_ion_other   ?      ?      ? ?    'X-RAY DIFFRACTION' ? 
r_mcbond_it                  0.780  1.500  ? 705  'X-RAY DIFFRACTION' ? 
r_mcbond_other               0.148  1.500  ? 290  'X-RAY DIFFRACTION' ? 
r_mcangle_it                 1.441  2.000  ? 1130 'X-RAY DIFFRACTION' ? 
r_mcangle_other              ?      ?      ? ?    'X-RAY DIFFRACTION' ? 
r_scbond_it                  2.029  3.000  ? 444  'X-RAY DIFFRACTION' ? 
r_scbond_other               ?      ?      ? ?    'X-RAY DIFFRACTION' ? 
r_scangle_it                 3.293  4.500  ? 442  'X-RAY DIFFRACTION' ? 
r_scangle_other              ?      ?      ? ?    'X-RAY DIFFRACTION' ? 
r_long_range_B_refined       ?      ?      ? ?    'X-RAY DIFFRACTION' ? 
r_long_range_B_other         ?      ?      ? ?    'X-RAY DIFFRACTION' ? 
r_rigid_bond_restr           ?      ?      ? ?    'X-RAY DIFFRACTION' ? 
r_sphericity_free            ?      ?      ? ?    'X-RAY DIFFRACTION' ? 
r_sphericity_bonded          ?      ?      ? ?    'X-RAY DIFFRACTION' ? 
# 
_refine_ls_shell.pdbx_refine_id                   'X-RAY DIFFRACTION' 
_refine_ls_shell.pdbx_total_number_of_bins_used   10 
_refine_ls_shell.d_res_high                       2.301 
_refine_ls_shell.d_res_low                        2.425 
_refine_ls_shell.number_reflns_R_work             1025 
_refine_ls_shell.R_factor_R_work                  0.211 
_refine_ls_shell.percent_reflns_obs               100.00 
_refine_ls_shell.R_factor_R_free                  0.312 
_refine_ls_shell.R_factor_R_free_error            ? 
_refine_ls_shell.percent_reflns_R_free            ? 
_refine_ls_shell.number_reflns_R_free             55 
_refine_ls_shell.number_reflns_all                ? 
_refine_ls_shell.R_factor_all                     ? 
# 
_struct.entry_id                  4B6P 
_struct.title                     
'Structure of Mycobacterium tuberculosis Type II Dehydroquinase inhibited by (2S)-2-Perfluorobenzyl-3-dehydroquinic acid' 
_struct.pdbx_model_details        ? 
_struct.pdbx_CASP_flag            ? 
_struct.pdbx_model_type_details   ? 
# 
_struct_keywords.entry_id        4B6P 
_struct_keywords.pdbx_keywords   LYASE 
_struct_keywords.text            LYASE 
# 
loop_
_struct_asym.id 
_struct_asym.pdbx_blank_PDB_chainid_flag 
_struct_asym.pdbx_modified 
_struct_asym.entity_id 
_struct_asym.details 
A N N 1 ? 
B N N 2 ? 
C N N 3 ? 
D N N 3 ? 
E N N 4 ? 
# 
_struct_biol.id   1 
# 
loop_
_struct_conf.conf_type_id 
_struct_conf.id 
_struct_conf.pdbx_PDB_helix_id 
_struct_conf.beg_label_comp_id 
_struct_conf.beg_label_asym_id 
_struct_conf.beg_label_seq_id 
_struct_conf.pdbx_beg_PDB_ins_code 
_struct_conf.end_label_comp_id 
_struct_conf.end_label_asym_id 
_struct_conf.end_label_seq_id 
_struct_conf.pdbx_end_PDB_ins_code 
_struct_conf.beg_auth_comp_id 
_struct_conf.beg_auth_asym_id 
_struct_conf.beg_auth_seq_id 
_struct_conf.end_auth_comp_id 
_struct_conf.end_auth_asym_id 
_struct_conf.end_auth_seq_id 
_struct_conf.pdbx_PDB_helix_class 
_struct_conf.details 
_struct_conf.pdbx_PDB_helix_length 
HELX_P HELX_P1  1  ASN A 12  ? LEU A 16  ? ASN A 12  LEU A 16  5 ? 5  
HELX_P HELX_P2  2  GLU A 20  ? GLY A 25  ? GLU A 20  GLY A 25  1 ? 6  
HELX_P HELX_P3  3  THR A 28  ? LEU A 43  ? THR A 28  LEU A 43  1 ? 16 
HELX_P HELX_P4  4  SER A 54  ? ALA A 68  ? SER A 54  ALA A 68  1 ? 15 
HELX_P HELX_P5  5  ALA A 76  ? THR A 82  ? ALA A 76  THR A 82  5 ? 7  
HELX_P HELX_P6  6  SER A 83  ? ALA A 91  ? SER A 83  ALA A 91  1 ? 9  
HELX_P HELX_P7  7  ASN A 104 ? ARG A 108 ? ASN A 104 ARG A 108 5 ? 5  
HELX_P HELX_P8  8  GLU A 109 ? HIS A 114 ? GLU A 109 HIS A 114 5 ? 6  
HELX_P HELX_P9  9  LEU A 117 ? ALA A 121 ? LEU A 117 ALA A 121 5 ? 5  
HELX_P HELX_P10 10 ILE A 130 ? HIS A 143 ? ILE A 130 HIS A 143 1 ? 14 
# 
_struct_conf_type.id          HELX_P 
_struct_conf_type.criteria    ? 
_struct_conf_type.reference   ? 
# 
_struct_sheet.id               AA 
_struct_sheet.type             ? 
_struct_sheet.number_strands   5 
_struct_sheet.details          ? 
# 
loop_
_struct_sheet_order.sheet_id 
_struct_sheet_order.range_id_1 
_struct_sheet_order.range_id_2 
_struct_sheet_order.offset 
_struct_sheet_order.sense 
AA 1 2 ? parallel 
AA 2 3 ? parallel 
AA 3 4 ? parallel 
AA 4 5 ? parallel 
# 
loop_
_struct_sheet_range.sheet_id 
_struct_sheet_range.id 
_struct_sheet_range.beg_label_comp_id 
_struct_sheet_range.beg_label_asym_id 
_struct_sheet_range.beg_label_seq_id 
_struct_sheet_range.pdbx_beg_PDB_ins_code 
_struct_sheet_range.end_label_comp_id 
_struct_sheet_range.end_label_asym_id 
_struct_sheet_range.end_label_seq_id 
_struct_sheet_range.pdbx_end_PDB_ins_code 
_struct_sheet_range.beg_auth_comp_id 
_struct_sheet_range.beg_auth_asym_id 
_struct_sheet_range.beg_auth_seq_id 
_struct_sheet_range.end_auth_comp_id 
_struct_sheet_range.end_auth_asym_id 
_struct_sheet_range.end_auth_seq_id 
AA 1 LYS A 46  ? GLN A 51  ? LYS A 46  GLN A 51  
AA 2 ILE A 4   ? ASN A 9   ? ILE A 4   ASN A 9   
AA 3 VAL A 72  ? ASN A 75  ? VAL A 72  ASN A 75  
AA 4 LEU A 97  ? HIS A 101 ? LEU A 97  HIS A 101 
AA 5 GLY A 123 ? VAL A 126 ? GLY A 123 VAL A 126 
# 
loop_
_pdbx_struct_sheet_hbond.sheet_id 
_pdbx_struct_sheet_hbond.range_id_1 
_pdbx_struct_sheet_hbond.range_id_2 
_pdbx_struct_sheet_hbond.range_1_label_atom_id 
_pdbx_struct_sheet_hbond.range_1_label_comp_id 
_pdbx_struct_sheet_hbond.range_1_label_asym_id 
_pdbx_struct_sheet_hbond.range_1_label_seq_id 
_pdbx_struct_sheet_hbond.range_1_PDB_ins_code 
_pdbx_struct_sheet_hbond.range_1_auth_atom_id 
_pdbx_struct_sheet_hbond.range_1_auth_comp_id 
_pdbx_struct_sheet_hbond.range_1_auth_asym_id 
_pdbx_struct_sheet_hbond.range_1_auth_seq_id 
_pdbx_struct_sheet_hbond.range_2_label_atom_id 
_pdbx_struct_sheet_hbond.range_2_label_comp_id 
_pdbx_struct_sheet_hbond.range_2_label_asym_id 
_pdbx_struct_sheet_hbond.range_2_label_seq_id 
_pdbx_struct_sheet_hbond.range_2_PDB_ins_code 
_pdbx_struct_sheet_hbond.range_2_auth_atom_id 
_pdbx_struct_sheet_hbond.range_2_auth_comp_id 
_pdbx_struct_sheet_hbond.range_2_auth_asym_id 
_pdbx_struct_sheet_hbond.range_2_auth_seq_id 
AA 1 2 N VAL A 48 ? N VAL A 48 O VAL A 5   ? O VAL A 5   
AA 2 3 N ILE A 8  ? N ILE A 8  O ILE A 73  ? O ILE A 73  
AA 3 4 N LEU A 74 ? N LEU A 74 O ILE A 98  ? O ILE A 98  
AA 4 5 N GLU A 99 ? N GLU A 99 O GLY A 123 ? O GLY A 123 
# 
loop_
_struct_site.id 
_struct_site.pdbx_evidence_code 
_struct_site.pdbx_auth_asym_id 
_struct_site.pdbx_auth_comp_id 
_struct_site.pdbx_auth_seq_id 
_struct_site.pdbx_auth_ins_code 
_struct_site.pdbx_num_residues 
_struct_site.details 
AC1 Software A 2HN 1145 ? 16 'BINDING SITE FOR RESIDUE 2HN A 1145' 
AC2 Software A SO4 1146 ? 9  'BINDING SITE FOR RESIDUE SO4 A 1146' 
AC3 Software A SO4 1147 ? 4  'BINDING SITE FOR RESIDUE SO4 A 1147' 
# 
loop_
_struct_site_gen.id 
_struct_site_gen.site_id 
_struct_site_gen.pdbx_num_res 
_struct_site_gen.label_comp_id 
_struct_site_gen.label_asym_id 
_struct_site_gen.label_seq_id 
_struct_site_gen.pdbx_auth_ins_code 
_struct_site_gen.auth_comp_id 
_struct_site_gen.auth_asym_id 
_struct_site_gen.auth_seq_id 
_struct_site_gen.label_atom_id 
_struct_site_gen.label_alt_id 
_struct_site_gen.symmetry 
_struct_site_gen.details 
1  AC1 16 ASN A 12  ? ASN A 12   . ? 1_555  ? 
2  AC1 16 LEU A 13  ? LEU A 13   . ? 1_555  ? 
3  AC1 16 ARG A 15  ? ARG A 15   . ? 1_555  ? 
4  AC1 16 LEU A 16  ? LEU A 16   . ? 1_555  ? 
5  AC1 16 ARG A 19  ? ARG A 19   . ? 1_555  ? 
6  AC1 16 TYR A 24  ? TYR A 24   . ? 1_555  ? 
7  AC1 16 ASN A 75  ? ASN A 75   . ? 1_555  ? 
8  AC1 16 GLY A 77  ? GLY A 77   . ? 1_555  ? 
9  AC1 16 GLY A 78  ? GLY A 78   . ? 1_555  ? 
10 AC1 16 HIS A 81  ? HIS A 81   . ? 1_555  ? 
11 AC1 16 ASP A 88  ? ASP A 88   . ? 48_555 ? 
12 AC1 16 HIS A 101 ? HIS A 101  . ? 1_555  ? 
13 AC1 16 ILE A 102 ? ILE A 102  . ? 1_555  ? 
14 AC1 16 SER A 103 ? SER A 103  . ? 1_555  ? 
15 AC1 16 ARG A 112 ? ARG A 112  . ? 1_555  ? 
16 AC1 16 HOH E .   ? HOH A 2003 . ? 1_555  ? 
17 AC2 9  SER A 54  ? SER A 54   . ? 18_555 ? 
18 AC2 9  SER A 54  ? SER A 54   . ? 1_555  ? 
19 AC2 9  SER A 54  ? SER A 54   . ? 48_555 ? 
20 AC2 9  ALA A 56  ? ALA A 56   . ? 18_555 ? 
21 AC2 9  ALA A 56  ? ALA A 56   . ? 48_555 ? 
22 AC2 9  ALA A 56  ? ALA A 56   . ? 1_555  ? 
23 AC2 9  HOH E .   ? HOH A 2024 . ? 1_555  ? 
24 AC2 9  HOH E .   ? HOH A 2024 . ? 18_555 ? 
25 AC2 9  HOH E .   ? HOH A 2024 . ? 48_555 ? 
26 AC3 4  ARG A 50  ? ARG A 50   . ? 1_555  ? 
27 AC3 4  TRP A 61  ? TRP A 61   . ? 1_555  ? 
28 AC3 4  GLN A 64  ? GLN A 64   . ? 1_555  ? 
29 AC3 4  HOH E .   ? HOH A 2027 . ? 1_555  ? 
# 
_atom_sites.entry_id                    4B6P 
_atom_sites.fract_transf_matrix[1][1]   0.00695721 
_atom_sites.fract_transf_matrix[1][2]   0.00181434 
_atom_sites.fract_transf_matrix[1][3]   0.00332140 
_atom_sites.fract_transf_matrix[2][1]   0.00377850 
_atom_sites.fract_transf_matrix[2][2]   -0.00293379 
_atom_sites.fract_transf_matrix[2][3]   -0.00631207 
_atom_sites.fract_transf_matrix[3][1]   -0.00021565 
_atom_sites.fract_transf_matrix[3][2]   0.00712934 
_atom_sites.fract_transf_matrix[3][3]   -0.00344274 
_atom_sites.fract_transf_vector[1]      0.182290 
_atom_sites.fract_transf_vector[2]      0.313092 
_atom_sites.fract_transf_vector[3]      0.010857 
# 
loop_
_atom_type.symbol 
C 
F 
N 
O 
S 
# 
loop_
_atom_site.group_PDB 
_atom_site.id 
_atom_site.type_symbol 
_atom_site.label_atom_id 
_atom_site.label_alt_id 
_atom_site.label_comp_id 
_atom_site.label_asym_id 
_atom_site.label_entity_id 
_atom_site.label_seq_id 
_atom_site.pdbx_PDB_ins_code 
_atom_site.Cartn_x 
_atom_site.Cartn_y 
_atom_site.Cartn_z 
_atom_site.occupancy 
_atom_site.B_iso_or_equiv 
_atom_site.pdbx_formal_charge 
_atom_site.auth_seq_id 
_atom_site.auth_comp_id 
_atom_site.auth_asym_id 
_atom_site.auth_atom_id 
_atom_site.pdbx_PDB_model_num 
ATOM   1    N N   . LEU A 1 3   ? -10.549 -10.123 8.649   1.00 27.68 ? 3    LEU A N   1 
ATOM   2    C CA  . LEU A 1 3   ? -10.019 -11.392 8.072   1.00 27.57 ? 3    LEU A CA  1 
ATOM   3    C C   . LEU A 1 3   ? -9.256  -11.231 6.732   1.00 25.92 ? 3    LEU A C   1 
ATOM   4    O O   . LEU A 1 3   ? -8.065  -11.581 6.658   1.00 26.64 ? 3    LEU A O   1 
ATOM   5    C CB  . LEU A 1 3   ? -11.162 -12.393 7.916   1.00 28.72 ? 3    LEU A CB  1 
ATOM   6    C CG  . LEU A 1 3   ? -10.831 -13.793 7.348   1.00 30.90 ? 3    LEU A CG  1 
ATOM   7    C CD1 . LEU A 1 3   ? -9.651  -14.486 8.035   1.00 30.13 ? 3    LEU A CD1 1 
ATOM   8    C CD2 . LEU A 1 3   ? -12.110 -14.680 7.359   1.00 30.77 ? 3    LEU A CD2 1 
ATOM   9    N N   . ILE A 1 4   ? -9.919  -10.722 5.687   1.00 23.30 ? 4    ILE A N   1 
ATOM   10   C CA  . ILE A 1 4   ? -9.255  -10.463 4.405   1.00 21.45 ? 4    ILE A CA  1 
ATOM   11   C C   . ILE A 1 4   ? -8.753  -9.034  4.343   1.00 20.64 ? 4    ILE A C   1 
ATOM   12   O O   . ILE A 1 4   ? -9.478  -8.105  4.688   1.00 20.94 ? 4    ILE A O   1 
ATOM   13   C CB  . ILE A 1 4   ? -10.152 -10.750 3.163   1.00 21.71 ? 4    ILE A CB  1 
ATOM   14   C CG1 . ILE A 1 4   ? -10.596 -12.223 3.164   1.00 20.52 ? 4    ILE A CG1 1 
ATOM   15   C CG2 . ILE A 1 4   ? -9.391  -10.373 1.832   1.00 19.33 ? 4    ILE A CG2 1 
ATOM   16   C CD1 . ILE A 1 4   ? -11.499 -12.625 1.999   1.00 20.03 ? 4    ILE A CD1 1 
ATOM   17   N N   . VAL A 1 5   ? -7.512  -8.889  3.877   1.00 19.70 ? 5    VAL A N   1 
ATOM   18   C CA  . VAL A 1 5   ? -6.821  -7.605  3.747   1.00 18.66 ? 5    VAL A CA  1 
ATOM   19   C C   . VAL A 1 5   ? -6.228  -7.536  2.348   1.00 17.61 ? 5    VAL A C   1 
ATOM   20   O O   . VAL A 1 5   ? -5.614  -8.505  1.880   1.00 17.64 ? 5    VAL A O   1 
ATOM   21   C CB  . VAL A 1 5   ? -5.685  -7.481  4.779   1.00 18.94 ? 5    VAL A CB  1 
ATOM   22   C CG1 . VAL A 1 5   ? -4.843  -6.245  4.504   1.00 19.57 ? 5    VAL A CG1 1 
ATOM   23   C CG2 . VAL A 1 5   ? -6.258  -7.447  6.211   1.00 17.57 ? 5    VAL A CG2 1 
ATOM   24   N N   . ASN A 1 6   ? -6.406  -6.392  1.700   1.00 17.11 ? 6    ASN A N   1 
ATOM   25   C CA  . ASN A 1 6   ? -5.952  -6.157  0.320   1.00 16.50 ? 6    ASN A CA  1 
ATOM   26   C C   . ASN A 1 6   ? -4.715  -5.296  0.371   1.00 16.54 ? 6    ASN A C   1 
ATOM   27   O O   . ASN A 1 6   ? -4.744  -4.222  0.977   1.00 17.64 ? 6    ASN A O   1 
ATOM   28   C CB  . ASN A 1 6   ? -7.041  -5.417  -0.460  1.00 16.36 ? 6    ASN A CB  1 
ATOM   29   C CG  . ASN A 1 6   ? -8.281  -6.303  -0.727  1.00 17.72 ? 6    ASN A CG  1 
ATOM   30   O OD1 . ASN A 1 6   ? -8.189  -7.275  -1.458  1.00 18.47 ? 6    ASN A OD1 1 
ATOM   31   N ND2 . ASN A 1 6   ? -9.430  -5.953  -0.145  1.00 13.29 ? 6    ASN A ND2 1 
ATOM   32   N N   . VAL A 1 7   ? -3.615  -5.767  -0.200  1.00 15.48 ? 7    VAL A N   1 
ATOM   33   C CA  . VAL A 1 7   ? -2.411  -4.956  -0.293  1.00 15.02 ? 7    VAL A CA  1 
ATOM   34   C C   . VAL A 1 7   ? -2.270  -4.597  -1.772  1.00 14.90 ? 7    VAL A C   1 
ATOM   35   O O   . VAL A 1 7   ? -2.228  -5.482  -2.632  1.00 15.30 ? 7    VAL A O   1 
ATOM   36   C CB  . VAL A 1 7   ? -1.139  -5.661  0.246   1.00 14.59 ? 7    VAL A CB  1 
ATOM   37   C CG1 . VAL A 1 7   ? 0.022   -4.675  0.299   1.00 13.88 ? 7    VAL A CG1 1 
ATOM   38   C CG2 . VAL A 1 7   ? -1.386  -6.220  1.642   1.00 14.12 ? 7    VAL A CG2 1 
ATOM   39   N N   . ILE A 1 8   ? -2.247  -3.299  -2.054  1.00 14.02 ? 8    ILE A N   1 
ATOM   40   C CA  . ILE A 1 8   ? -2.314  -2.802  -3.403  1.00 14.01 ? 8    ILE A CA  1 
ATOM   41   C C   . ILE A 1 8   ? -1.084  -1.916  -3.638  1.00 14.38 ? 8    ILE A C   1 
ATOM   42   O O   . ILE A 1 8   ? -0.902  -0.883  -2.998  1.00 14.75 ? 8    ILE A O   1 
ATOM   43   C CB  . ILE A 1 8   ? -3.632  -2.004  -3.648  1.00 13.75 ? 8    ILE A CB  1 
ATOM   44   C CG1 . ILE A 1 8   ? -4.854  -2.894  -3.373  1.00 15.52 ? 8    ILE A CG1 1 
ATOM   45   C CG2 . ILE A 1 8   ? -3.702  -1.484  -5.078  1.00 13.45 ? 8    ILE A CG2 1 
ATOM   46   C CD1 . ILE A 1 8   ? -6.213  -2.204  -3.469  1.00 13.81 ? 8    ILE A CD1 1 
ATOM   47   N N   . ASN A 1 9   ? -0.245  -2.333  -4.572  1.00 14.76 ? 9    ASN A N   1 
ATOM   48   C CA  . ASN A 1 9   ? 0.876   -1.535  -4.992  1.00 14.70 ? 9    ASN A CA  1 
ATOM   49   C C   . ASN A 1 9   ? 0.637   -0.944  -6.373  1.00 15.07 ? 9    ASN A C   1 
ATOM   50   O O   . ASN A 1 9   ? 0.084   -1.611  -7.263  1.00 15.44 ? 9    ASN A O   1 
ATOM   51   C CB  . ASN A 1 9   ? 2.115   -2.380  -4.973  1.00 14.50 ? 9    ASN A CB  1 
ATOM   52   C CG  . ASN A 1 9   ? 2.540   -2.730  -3.574  1.00 13.97 ? 9    ASN A CG  1 
ATOM   53   O OD1 . ASN A 1 9   ? 2.430   -1.911  -2.665  1.00 11.97 ? 9    ASN A OD1 1 
ATOM   54   N ND2 . ASN A 1 9   ? 3.068   -3.948  -3.392  1.00 14.73 ? 9    ASN A ND2 1 
ATOM   55   N N   . GLY A 1 10  ? 1.033   0.319   -6.538  1.00 14.86 ? 10   GLY A N   1 
ATOM   56   C CA  . GLY A 1 10  ? 0.825   1.059   -7.787  1.00 14.72 ? 10   GLY A CA  1 
ATOM   57   C C   . GLY A 1 10  ? 2.089   1.095   -8.618  1.00 15.24 ? 10   GLY A C   1 
ATOM   58   O O   . GLY A 1 10  ? 2.988   0.262   -8.422  1.00 15.36 ? 10   GLY A O   1 
ATOM   59   N N   . PRO A 1 11  ? 2.184   2.073   -9.545  1.00 15.44 ? 11   PRO A N   1 
ATOM   60   C CA  . PRO A 1 11  ? 3.251   2.138   -10.523 1.00 14.92 ? 11   PRO A CA  1 
ATOM   61   C C   . PRO A 1 11  ? 4.657   2.005   -9.984  1.00 14.83 ? 11   PRO A C   1 
ATOM   62   O O   . PRO A 1 11  ? 5.016   2.635   -8.968  1.00 14.98 ? 11   PRO A O   1 
ATOM   63   C CB  . PRO A 1 11  ? 3.102   3.522   -11.112 1.00 15.19 ? 11   PRO A CB  1 
ATOM   64   C CG  . PRO A 1 11  ? 1.723   3.847   -10.976 1.00 15.67 ? 11   PRO A CG  1 
ATOM   65   C CD  . PRO A 1 11  ? 1.234   3.181   -9.724  1.00 15.76 ? 11   PRO A CD  1 
ATOM   66   N N   . ASN A 1 12  ? 5.447   1.193   -10.692 1.00 14.22 ? 12   ASN A N   1 
ATOM   67   C CA  . ASN A 1 12  ? 6.862   1.001   -10.414 1.00 13.71 ? 12   ASN A CA  1 
ATOM   68   C C   . ASN A 1 12  ? 7.212   0.102   -9.236  1.00 13.92 ? 12   ASN A C   1 
ATOM   69   O O   . ASN A 1 12  ? 8.392   -0.198  -9.029  1.00 13.49 ? 12   ASN A O   1 
ATOM   70   C CB  . ASN A 1 12  ? 7.561   2.355   -10.302 1.00 13.36 ? 12   ASN A CB  1 
ATOM   71   C CG  . ASN A 1 12  ? 7.545   3.116   -11.608 1.00 12.89 ? 12   ASN A CG  1 
ATOM   72   O OD1 . ASN A 1 12  ? 8.011   2.607   -12.625 1.00 14.89 ? 12   ASN A OD1 1 
ATOM   73   N ND2 . ASN A 1 12  ? 7.035   4.325   -11.594 1.00 11.86 ? 12   ASN A ND2 1 
ATOM   74   N N   . LEU A 1 13  ? 6.211   -0.344  -8.467  1.00 14.13 ? 13   LEU A N   1 
ATOM   75   C CA  . LEU A 1 13  ? 6.473   -1.241  -7.337  1.00 14.28 ? 13   LEU A CA  1 
ATOM   76   C C   . LEU A 1 13  ? 6.838   -2.652  -7.790  1.00 14.14 ? 13   LEU A C   1 
ATOM   77   O O   . LEU A 1 13  ? 7.464   -3.386  -7.032  1.00 14.24 ? 13   LEU A O   1 
ATOM   78   C CB  . LEU A 1 13  ? 5.312   -1.278  -6.343  1.00 14.35 ? 13   LEU A CB  1 
ATOM   79   C CG  . LEU A 1 13  ? 5.372   -0.213  -5.205  1.00 15.79 ? 13   LEU A CG  1 
ATOM   80   C CD1 . LEU A 1 13  ? 6.539   -0.432  -4.235  1.00 9.22  ? 13   LEU A CD1 1 
ATOM   81   C CD2 . LEU A 1 13  ? 5.365   1.215   -5.740  1.00 15.15 ? 13   LEU A CD2 1 
ATOM   82   N N   . GLY A 1 14  ? 6.491   -3.024  -9.022  1.00 14.58 ? 14   GLY A N   1 
ATOM   83   C CA  . GLY A 1 14  ? 7.021   -4.268  -9.626  1.00 15.01 ? 14   GLY A CA  1 
ATOM   84   C C   . GLY A 1 14  ? 8.530   -4.237  -9.910  1.00 15.52 ? 14   GLY A C   1 
ATOM   85   O O   . GLY A 1 14  ? 9.156   -5.266  -10.121 1.00 15.49 ? 14   GLY A O   1 
ATOM   86   N N   . ARG A 1 15  ? 9.125   -3.054  -9.877  1.00 16.60 ? 15   ARG A N   1 
ATOM   87   C CA  . ARG A 1 15  ? 10.558  -2.883  -10.093 1.00 17.67 ? 15   ARG A CA  1 
ATOM   88   C C   . ARG A 1 15  ? 11.372  -2.950  -8.809  1.00 20.37 ? 15   ARG A C   1 
ATOM   89   O O   . ARG A 1 15  ? 12.611  -2.861  -8.828  1.00 21.44 ? 15   ARG A O   1 
ATOM   90   C CB  . ARG A 1 15  ? 10.819  -1.544  -10.760 1.00 16.67 ? 15   ARG A CB  1 
ATOM   91   C CG  . ARG A 1 15  ? 10.071  -1.370  -12.032 1.00 15.73 ? 15   ARG A CG  1 
ATOM   92   C CD  . ARG A 1 15  ? 10.504  -2.366  -13.067 1.00 16.28 ? 15   ARG A CD  1 
ATOM   93   N NE  . ARG A 1 15  ? 11.882  -2.109  -13.442 1.00 14.63 ? 15   ARG A NE  1 
ATOM   94   C CZ  . ARG A 1 15  ? 12.590  -2.847  -14.273 1.00 17.94 ? 15   ARG A CZ  1 
ATOM   95   N NH1 . ARG A 1 15  ? 12.051  -3.937  -14.860 1.00 18.11 ? 15   ARG A NH1 1 
ATOM   96   N NH2 . ARG A 1 15  ? 13.858  -2.486  -14.520 1.00 19.13 ? 15   ARG A NH2 1 
ATOM   97   N N   . LEU A 1 16  ? 10.681  -3.098  -7.695  1.00 22.61 ? 16   LEU A N   1 
ATOM   98   C CA  . LEU A 1 16  ? 11.311  -3.273  -6.416  1.00 24.86 ? 16   LEU A CA  1 
ATOM   99   C C   . LEU A 1 16  ? 12.372  -4.384  -6.484  1.00 27.50 ? 16   LEU A C   1 
ATOM   100  O O   . LEU A 1 16  ? 12.163  -5.410  -7.148  1.00 27.58 ? 16   LEU A O   1 
ATOM   101  C CB  . LEU A 1 16  ? 10.204  -3.644  -5.447  1.00 24.83 ? 16   LEU A CB  1 
ATOM   102  C CG  . LEU A 1 16  ? 10.393  -3.598  -3.966  1.00 24.32 ? 16   LEU A CG  1 
ATOM   103  C CD1 . LEU A 1 16  ? 10.870  -2.189  -3.481  1.00 22.63 ? 16   LEU A CD1 1 
ATOM   104  C CD2 . LEU A 1 16  ? 9.022   -4.026  -3.435  1.00 23.69 ? 16   LEU A CD2 1 
ATOM   105  N N   . GLY A 1 17  ? 13.520  -4.170  -5.840  1.00 31.00 ? 17   GLY A N   1 
ATOM   106  C CA  . GLY A 1 17  ? 14.602  -5.174  -5.831  1.00 33.85 ? 17   GLY A CA  1 
ATOM   107  C C   . GLY A 1 17  ? 15.413  -5.204  -7.123  1.00 37.01 ? 17   GLY A C   1 
ATOM   108  O O   . GLY A 1 17  ? 16.184  -6.139  -7.387  1.00 38.31 ? 17   GLY A O   1 
ATOM   109  N N   . ARG A 1 18  ? 15.209  -4.198  -7.959  1.00 40.04 ? 18   ARG A N   1 
ATOM   110  C CA  . ARG A 1 18  ? 16.086  -3.938  -9.078  1.00 42.38 ? 18   ARG A CA  1 
ATOM   111  C C   . ARG A 1 18  ? 16.477  -2.511  -8.842  1.00 44.26 ? 18   ARG A C   1 
ATOM   112  O O   . ARG A 1 18  ? 16.276  -1.988  -7.738  1.00 44.96 ? 18   ARG A O   1 
ATOM   113  C CB  . ARG A 1 18  ? 15.330  -4.084  -10.390 1.00 42.63 ? 18   ARG A CB  1 
ATOM   114  C CG  . ARG A 1 18  ? 14.971  -5.511  -10.664 1.00 43.49 ? 18   ARG A CG  1 
ATOM   115  C CD  . ARG A 1 18  ? 13.758  -5.611  -11.522 1.00 45.42 ? 18   ARG A CD  1 
ATOM   116  N NE  . ARG A 1 18  ? 12.987  -6.799  -11.172 1.00 46.68 ? 18   ARG A NE  1 
ATOM   117  C CZ  . ARG A 1 18  ? 11.735  -7.028  -11.567 1.00 48.43 ? 18   ARG A CZ  1 
ATOM   118  N NH1 . ARG A 1 18  ? 11.084  -6.143  -12.337 1.00 48.31 ? 18   ARG A NH1 1 
ATOM   119  N NH2 . ARG A 1 18  ? 11.123  -8.154  -11.179 1.00 48.66 ? 18   ARG A NH2 1 
ATOM   120  N N   . ARG A 1 19  ? 17.054  -1.879  -9.850  1.00 46.17 ? 19   ARG A N   1 
ATOM   121  C CA  . ARG A 1 19  ? 17.053  -0.425  -9.891  1.00 47.71 ? 19   ARG A CA  1 
ATOM   122  C C   . ARG A 1 19  ? 17.973  0.268   -8.861  1.00 48.99 ? 19   ARG A C   1 
ATOM   123  O O   . ARG A 1 19  ? 19.012  0.832   -9.261  1.00 49.78 ? 19   ARG A O   1 
ATOM   124  C CB  . ARG A 1 19  ? 15.590  0.118   -9.845  1.00 47.95 ? 19   ARG A CB  1 
ATOM   125  C CG  . ARG A 1 19  ? 14.789  0.151   -8.525  1.00 47.41 ? 19   ARG A CG  1 
ATOM   126  C CD  . ARG A 1 19  ? 13.504  0.952   -8.701  1.00 46.73 ? 19   ARG A CD  1 
ATOM   127  N NE  . ARG A 1 19  ? 13.720  2.381   -8.973  1.00 44.87 ? 19   ARG A NE  1 
ATOM   128  C CZ  . ARG A 1 19  ? 13.119  3.093   -9.934  1.00 45.69 ? 19   ARG A CZ  1 
ATOM   129  N NH1 . ARG A 1 19  ? 12.211  2.541   -10.767 1.00 46.55 ? 19   ARG A NH1 1 
ATOM   130  N NH2 . ARG A 1 19  ? 13.412  4.393   -10.065 1.00 44.45 ? 19   ARG A NH2 1 
ATOM   131  N N   . GLU A 1 20  ? 17.638  0.175   -7.559  1.00 49.83 ? 20   GLU A N   1 
ATOM   132  C CA  . GLU A 1 20  ? 18.238  1.029   -6.506  1.00 50.52 ? 20   GLU A CA  1 
ATOM   133  C C   . GLU A 1 20  ? 18.412  0.284   -5.144  1.00 50.52 ? 20   GLU A C   1 
ATOM   134  O O   . GLU A 1 20  ? 17.752  0.647   -4.133  1.00 50.44 ? 20   GLU A O   1 
ATOM   135  C CB  . GLU A 1 20  ? 17.414  2.352   -6.371  1.00 51.08 ? 20   GLU A CB  1 
ATOM   136  C CG  . GLU A 1 20  ? 17.742  3.430   -7.503  1.00 53.20 ? 20   GLU A CG  1 
ATOM   137  C CD  . GLU A 1 20  ? 16.614  4.431   -7.851  1.00 54.98 ? 20   GLU A CD  1 
ATOM   138  O OE1 . GLU A 1 20  ? 15.556  4.474   -7.175  1.00 57.50 ? 20   GLU A OE1 1 
ATOM   139  O OE2 . GLU A 1 20  ? 16.810  5.188   -8.833  1.00 55.00 ? 20   GLU A OE2 1 
ATOM   140  N N   . PRO A 1 21  ? 19.302  -0.760  -5.118  1.00 50.15 ? 21   PRO A N   1 
ATOM   141  C CA  . PRO A 1 21  ? 19.552  -1.575  -3.902  1.00 50.00 ? 21   PRO A CA  1 
ATOM   142  C C   . PRO A 1 21  ? 19.679  -0.789  -2.570  1.00 49.53 ? 21   PRO A C   1 
ATOM   143  O O   . PRO A 1 21  ? 18.959  -1.108  -1.593  1.00 49.24 ? 21   PRO A O   1 
ATOM   144  C CB  . PRO A 1 21  ? 20.843  -2.320  -4.260  1.00 49.97 ? 21   PRO A CB  1 
ATOM   145  C CG  . PRO A 1 21  ? 20.634  -2.612  -5.747  1.00 50.11 ? 21   PRO A CG  1 
ATOM   146  C CD  . PRO A 1 21  ? 20.024  -1.327  -6.285  1.00 50.17 ? 21   PRO A CD  1 
ATOM   147  N N   . ALA A 1 22  ? 20.545  0.238   -2.566  1.00 48.90 ? 22   ALA A N   1 
ATOM   148  C CA  . ALA A 1 22  ? 20.792  1.097   -1.380  1.00 48.10 ? 22   ALA A CA  1 
ATOM   149  C C   . ALA A 1 22  ? 19.521  1.739   -0.803  1.00 47.30 ? 22   ALA A C   1 
ATOM   150  O O   . ALA A 1 22  ? 19.420  1.945   0.408   1.00 47.36 ? 22   ALA A O   1 
ATOM   151  C CB  . ALA A 1 22  ? 21.848  2.197   -1.720  1.00 48.10 ? 22   ALA A CB  1 
ATOM   152  N N   . VAL A 1 23  ? 18.545  2.015   -1.678  1.00 46.64 ? 23   VAL A N   1 
ATOM   153  C CA  . VAL A 1 23  ? 17.377  2.876   -1.370  1.00 45.66 ? 23   VAL A CA  1 
ATOM   154  C C   . VAL A 1 23  ? 16.170  2.107   -0.782  1.00 44.67 ? 23   VAL A C   1 
ATOM   155  O O   . VAL A 1 23  ? 15.765  2.359   0.372   1.00 45.21 ? 23   VAL A O   1 
ATOM   156  C CB  . VAL A 1 23  ? 16.915  3.717   -2.655  1.00 45.81 ? 23   VAL A CB  1 
ATOM   157  C CG1 . VAL A 1 23  ? 15.672  4.584   -2.358  1.00 45.58 ? 23   VAL A CG1 1 
ATOM   158  C CG2 . VAL A 1 23  ? 18.066  4.600   -3.211  1.00 46.27 ? 23   VAL A CG2 1 
ATOM   159  N N   . TYR A 1 24  ? 15.586  1.192   -1.570  1.00 42.97 ? 24   TYR A N   1 
ATOM   160  C CA  . TYR A 1 24  ? 14.330  0.505   -1.178  1.00 40.98 ? 24   TYR A CA  1 
ATOM   161  C C   . TYR A 1 24  ? 14.518  -0.929  -0.631  1.00 40.57 ? 24   TYR A C   1 
ATOM   162  O O   . TYR A 1 24  ? 13.557  -1.547  -0.158  1.00 40.90 ? 24   TYR A O   1 
ATOM   163  C CB  . TYR A 1 24  ? 13.368  0.450   -2.370  1.00 40.56 ? 24   TYR A CB  1 
ATOM   164  C CG  . TYR A 1 24  ? 13.140  1.757   -3.098  1.00 37.20 ? 24   TYR A CG  1 
ATOM   165  C CD1 . TYR A 1 24  ? 12.481  2.805   -2.483  1.00 34.31 ? 24   TYR A CD1 1 
ATOM   166  C CD2 . TYR A 1 24  ? 13.556  1.923   -4.418  1.00 36.73 ? 24   TYR A CD2 1 
ATOM   167  C CE1 . TYR A 1 24  ? 12.266  3.995   -3.142  1.00 35.10 ? 24   TYR A CE1 1 
ATOM   168  C CE2 . TYR A 1 24  ? 13.337  3.120   -5.109  1.00 35.70 ? 24   TYR A CE2 1 
ATOM   169  C CZ  . TYR A 1 24  ? 12.684  4.156   -4.456  1.00 35.30 ? 24   TYR A CZ  1 
ATOM   170  O OH  . TYR A 1 24  ? 12.434  5.348   -5.094  1.00 34.91 ? 24   TYR A OH  1 
ATOM   171  N N   . GLY A 1 25  ? 15.746  -1.454  -0.699  1.00 39.60 ? 25   GLY A N   1 
ATOM   172  C CA  . GLY A 1 25  ? 16.029  -2.857  -0.351  1.00 38.43 ? 25   GLY A CA  1 
ATOM   173  C C   . GLY A 1 25  ? 16.258  -3.679  -1.611  1.00 37.32 ? 25   GLY A C   1 
ATOM   174  O O   . GLY A 1 25  ? 15.757  -3.328  -2.714  1.00 38.08 ? 25   GLY A O   1 
ATOM   175  N N   . GLY A 1 26  ? 17.018  -4.762  -1.451  1.00 35.18 ? 26   GLY A N   1 
ATOM   176  C CA  . GLY A 1 26  ? 17.225  -5.736  -2.520  1.00 33.30 ? 26   GLY A CA  1 
ATOM   177  C C   . GLY A 1 26  ? 16.121  -6.780  -2.549  1.00 31.70 ? 26   GLY A C   1 
ATOM   178  O O   . GLY A 1 26  ? 16.226  -7.760  -3.281  1.00 31.25 ? 26   GLY A O   1 
ATOM   179  N N   . THR A 1 27  ? 15.077  -6.582  -1.736  1.00 29.92 ? 27   THR A N   1 
ATOM   180  C CA  . THR A 1 27  ? 13.873  -7.409  -1.779  1.00 28.95 ? 27   THR A CA  1 
ATOM   181  C C   . THR A 1 27  ? 13.090  -7.133  -3.061  1.00 27.09 ? 27   THR A C   1 
ATOM   182  O O   . THR A 1 27  ? 12.868  -5.973  -3.383  1.00 27.23 ? 27   THR A O   1 
ATOM   183  C CB  . THR A 1 27  ? 12.950  -7.090  -0.583  1.00 29.24 ? 27   THR A CB  1 
ATOM   184  O OG1 . THR A 1 27  ? 13.668  -7.261  0.647   1.00 31.53 ? 27   THR A OG1 1 
ATOM   185  C CG2 . THR A 1 27  ? 11.696  -7.996  -0.571  1.00 30.40 ? 27   THR A CG2 1 
ATOM   186  N N   . THR A 1 28  ? 12.681  -8.187  -3.778  1.00 25.09 ? 28   THR A N   1 
ATOM   187  C CA  . THR A 1 28  ? 11.822  -8.050  -4.956  1.00 23.87 ? 28   THR A CA  1 
ATOM   188  C C   . THR A 1 28  ? 10.341  -8.029  -4.586  1.00 22.41 ? 28   THR A C   1 
ATOM   189  O O   . THR A 1 28  ? 9.968   -8.289  -3.435  1.00 21.99 ? 28   THR A O   1 
ATOM   190  C CB  . THR A 1 28  ? 12.017  -9.195  -5.924  1.00 23.58 ? 28   THR A CB  1 
ATOM   191  O OG1 . THR A 1 28  ? 11.607  -10.386 -5.264  1.00 25.31 ? 28   THR A OG1 1 
ATOM   192  C CG2 . THR A 1 28  ? 13.485  -9.299  -6.348  1.00 24.58 ? 28   THR A CG2 1 
ATOM   193  N N   . HIS A 1 29  ? 9.489   -7.706  -5.560  1.00 20.98 ? 29   HIS A N   1 
ATOM   194  C CA  . HIS A 1 29  ? 8.056   -7.667  -5.277  1.00 19.53 ? 29   HIS A CA  1 
ATOM   195  C C   . HIS A 1 29  ? 7.480   -9.078  -4.986  1.00 19.13 ? 29   HIS A C   1 
ATOM   196  O O   . HIS A 1 29  ? 6.590   -9.225  -4.147  1.00 17.09 ? 29   HIS A O   1 
ATOM   197  C CB  . HIS A 1 29  ? 7.266   -6.991  -6.402  1.00 19.52 ? 29   HIS A CB  1 
ATOM   198  C CG  . HIS A 1 29  ? 5.881   -6.613  -5.984  1.00 16.90 ? 29   HIS A CG  1 
ATOM   199  N ND1 . HIS A 1 29  ? 4.825   -7.484  -6.072  1.00 14.02 ? 29   HIS A ND1 1 
ATOM   200  C CD2 . HIS A 1 29  ? 5.389   -5.474  -5.440  1.00 15.36 ? 29   HIS A CD2 1 
ATOM   201  C CE1 . HIS A 1 29  ? 3.737   -6.909  -5.598  1.00 16.83 ? 29   HIS A CE1 1 
ATOM   202  N NE2 . HIS A 1 29  ? 4.050   -5.683  -5.209  1.00 17.07 ? 29   HIS A NE2 1 
ATOM   203  N N   . ASP A 1 30  ? 7.989   -10.103 -5.673  1.00 19.21 ? 30   ASP A N   1 
ATOM   204  C CA  . ASP A 1 30  ? 7.585   -11.489 -5.367  1.00 19.75 ? 30   ASP A CA  1 
ATOM   205  C C   . ASP A 1 30  ? 7.951   -11.876 -3.923  1.00 19.34 ? 30   ASP A C   1 
ATOM   206  O O   . ASP A 1 30  ? 7.152   -12.483 -3.221  1.00 19.40 ? 30   ASP A O   1 
ATOM   207  C CB  . ASP A 1 30  ? 8.236   -12.495 -6.332  1.00 20.22 ? 30   ASP A CB  1 
ATOM   208  C CG  . ASP A 1 30  ? 7.605   -12.511 -7.720  1.00 22.49 ? 30   ASP A CG  1 
ATOM   209  O OD1 . ASP A 1 30  ? 6.475   -12.007 -7.928  1.00 23.16 ? 30   ASP A OD1 1 
ATOM   210  O OD2 . ASP A 1 30  ? 8.272   -13.053 -8.629  1.00 28.71 ? 30   ASP A OD2 1 
ATOM   211  N N   . GLU A 1 31  ? 9.157   -11.533 -3.493  1.00 19.25 ? 31   GLU A N   1 
ATOM   212  C CA  . GLU A 1 31  ? 9.563   -11.780 -2.116  1.00 20.33 ? 31   GLU A CA  1 
ATOM   213  C C   . GLU A 1 31  ? 8.633   -10.977 -1.177  1.00 19.83 ? 31   GLU A C   1 
ATOM   214  O O   . GLU A 1 31  ? 8.157   -11.511 -0.183  1.00 20.06 ? 31   GLU A O   1 
ATOM   215  C CB  . GLU A 1 31  ? 11.045  -11.422 -1.887  1.00 20.95 ? 31   GLU A CB  1 
ATOM   216  C CG  . GLU A 1 31  ? 12.025  -12.467 -2.429  1.00 26.32 ? 31   GLU A CG  1 
ATOM   217  C CD  . GLU A 1 31  ? 13.485  -11.989 -2.675  1.00 32.79 ? 31   GLU A CD  1 
ATOM   218  O OE1 . GLU A 1 31  ? 13.939  -10.873 -2.246  1.00 33.92 ? 31   GLU A OE1 1 
ATOM   219  O OE2 . GLU A 1 31  ? 14.201  -12.798 -3.323  1.00 40.03 ? 31   GLU A OE2 1 
ATOM   220  N N   . LEU A 1 32  ? 8.333   -9.723  -1.540  1.00 19.00 ? 32   LEU A N   1 
ATOM   221  C CA  . LEU A 1 32  ? 7.424   -8.892  -0.741  1.00 18.11 ? 32   LEU A CA  1 
ATOM   222  C C   . LEU A 1 32  ? 6.074   -9.571  -0.592  1.00 17.02 ? 32   LEU A C   1 
ATOM   223  O O   . LEU A 1 32  ? 5.563   -9.654  0.517   1.00 16.93 ? 32   LEU A O   1 
ATOM   224  C CB  . LEU A 1 32  ? 7.277   -7.470  -1.323  1.00 17.80 ? 32   LEU A CB  1 
ATOM   225  C CG  . LEU A 1 32  ? 6.324   -6.501  -0.607  1.00 17.96 ? 32   LEU A CG  1 
ATOM   226  C CD1 . LEU A 1 32  ? 6.671   -6.292  0.851   1.00 17.71 ? 32   LEU A CD1 1 
ATOM   227  C CD2 . LEU A 1 32  ? 6.287   -5.166  -1.331  1.00 17.74 ? 32   LEU A CD2 1 
ATOM   228  N N   . VAL A 1 33  ? 5.520   -10.078 -1.691  1.00 15.98 ? 33   VAL A N   1 
ATOM   229  C CA  . VAL A 1 33  ? 4.277   -10.839 -1.637  1.00 16.24 ? 33   VAL A CA  1 
ATOM   230  C C   . VAL A 1 33  ? 4.421   -11.970 -0.626  1.00 17.39 ? 33   VAL A C   1 
ATOM   231  O O   . VAL A 1 33  ? 3.585   -12.138 0.264   1.00 16.98 ? 33   VAL A O   1 
ATOM   232  C CB  . VAL A 1 33  ? 3.893   -11.410 -3.023  1.00 15.96 ? 33   VAL A CB  1 
ATOM   233  C CG1 . VAL A 1 33  ? 2.610   -12.142 -2.945  1.00 15.57 ? 33   VAL A CG1 1 
ATOM   234  C CG2 . VAL A 1 33  ? 3.771   -10.266 -4.087  1.00 14.76 ? 33   VAL A CG2 1 
ATOM   235  N N   . ALA A 1 34  ? 5.541   -12.686 -0.717  1.00 18.69 ? 34   ALA A N   1 
ATOM   236  C CA  . ALA A 1 34  ? 5.806   -13.839 0.148   1.00 19.83 ? 34   ALA A CA  1 
ATOM   237  C C   . ALA A 1 34  ? 5.869   -13.449 1.633   1.00 20.39 ? 34   ALA A C   1 
ATOM   238  O O   . ALA A 1 34  ? 5.216   -14.062 2.461   1.00 21.28 ? 34   ALA A O   1 
ATOM   239  C CB  . ALA A 1 34  ? 7.118   -14.565 -0.319  1.00 19.85 ? 34   ALA A CB  1 
ATOM   240  N N   . LEU A 1 35  ? 6.631   -12.412 1.959   1.00 21.18 ? 35   LEU A N   1 
ATOM   241  C CA  . LEU A 1 35  ? 6.719   -11.897 3.334   1.00 21.85 ? 35   LEU A CA  1 
ATOM   242  C C   . LEU A 1 35  ? 5.355   -11.498 3.898   1.00 20.88 ? 35   LEU A C   1 
ATOM   243  O O   . LEU A 1 35  ? 4.952   -11.943 4.972   1.00 21.01 ? 35   LEU A O   1 
ATOM   244  C CB  . LEU A 1 35  ? 7.668   -10.680 3.377   1.00 22.81 ? 35   LEU A CB  1 
ATOM   245  C CG  . LEU A 1 35  ? 9.132   -11.089 3.235   1.00 25.86 ? 35   LEU A CG  1 
ATOM   246  C CD1 . LEU A 1 35  ? 10.050  -9.985  2.649   1.00 27.04 ? 35   LEU A CD1 1 
ATOM   247  C CD2 . LEU A 1 35  ? 9.603   -11.589 4.620   1.00 27.36 ? 35   LEU A CD2 1 
ATOM   248  N N   . ILE A 1 36  ? 4.637   -10.677 3.146   1.00 20.31 ? 36   ILE A N   1 
ATOM   249  C CA  . ILE A 1 36  ? 3.299   -10.221 3.549   1.00 19.42 ? 36   ILE A CA  1 
ATOM   250  C C   . ILE A 1 36  ? 2.375   -11.393 3.836   1.00 20.31 ? 36   ILE A C   1 
ATOM   251  O O   . ILE A 1 36  ? 1.761   -11.452 4.893   1.00 20.35 ? 36   ILE A O   1 
ATOM   252  C CB  . ILE A 1 36  ? 2.674   -9.274  2.477   1.00 18.96 ? 36   ILE A CB  1 
ATOM   253  C CG1 . ILE A 1 36  ? 3.406   -7.927  2.468   1.00 18.18 ? 36   ILE A CG1 1 
ATOM   254  C CG2 . ILE A 1 36  ? 1.159   -9.050  2.723   1.00 17.04 ? 36   ILE A CG2 1 
ATOM   255  C CD1 . ILE A 1 36  ? 3.080   -7.086  1.260   1.00 16.77 ? 36   ILE A CD1 1 
ATOM   256  N N   . GLU A 1 37  ? 2.275   -12.325 2.897   1.00 22.00 ? 37   GLU A N   1 
ATOM   257  C CA  . GLU A 1 37  ? 1.340   -13.459 3.018   1.00 23.38 ? 37   GLU A CA  1 
ATOM   258  C C   . GLU A 1 37  ? 1.644   -14.297 4.229   1.00 24.35 ? 37   GLU A C   1 
ATOM   259  O O   . GLU A 1 37  ? 0.747   -14.667 4.946   1.00 24.42 ? 37   GLU A O   1 
ATOM   260  C CB  . GLU A 1 37  ? 1.415   -14.358 1.773   1.00 24.04 ? 37   GLU A CB  1 
ATOM   261  C CG  . GLU A 1 37  ? 0.681   -13.765 0.584   1.00 25.80 ? 37   GLU A CG  1 
ATOM   262  C CD  . GLU A 1 37  ? 0.853   -14.547 -0.695  1.00 27.50 ? 37   GLU A CD  1 
ATOM   263  O OE1 . GLU A 1 37  ? 1.835   -15.332 -0.835  1.00 29.66 ? 37   GLU A OE1 1 
ATOM   264  O OE2 . GLU A 1 37  ? -0.009  -14.344 -1.562  1.00 27.51 ? 37   GLU A OE2 1 
ATOM   265  N N   . ARG A 1 38  ? 2.926   -14.594 4.436   1.00 25.86 ? 38   ARG A N   1 
ATOM   266  C CA  . ARG A 1 38  ? 3.389   -15.325 5.603   1.00 27.10 ? 38   ARG A CA  1 
ATOM   267  C C   . ARG A 1 38  ? 3.066   -14.595 6.914   1.00 27.29 ? 38   ARG A C   1 
ATOM   268  O O   . ARG A 1 38  ? 2.581   -15.201 7.877   1.00 28.11 ? 38   ARG A O   1 
ATOM   269  C CB  . ARG A 1 38  ? 4.902   -15.559 5.512   1.00 27.59 ? 38   ARG A CB  1 
ATOM   270  C CG  . ARG A 1 38  ? 5.426   -16.551 6.565   1.00 31.68 ? 38   ARG A CG  1 
ATOM   271  C CD  . ARG A 1 38  ? 6.612   -16.003 7.329   1.00 36.98 ? 38   ARG A CD  1 
ATOM   272  N NE  . ARG A 1 38  ? 7.897   -16.417 6.758   1.00 41.59 ? 38   ARG A NE  1 
ATOM   273  C CZ  . ARG A 1 38  ? 8.991   -15.639 6.644   1.00 44.71 ? 38   ARG A CZ  1 
ATOM   274  N NH1 . ARG A 1 38  ? 8.996   -14.350 7.015   1.00 43.90 ? 38   ARG A NH1 1 
ATOM   275  N NH2 . ARG A 1 38  ? 10.104  -16.157 6.135   1.00 45.95 ? 38   ARG A NH2 1 
ATOM   276  N N   . GLU A 1 39  ? 3.351   -13.300 6.969   1.00 27.12 ? 39   GLU A N   1 
ATOM   277  C CA  . GLU A 1 39  ? 3.059   -12.557 8.176   1.00 27.17 ? 39   GLU A CA  1 
ATOM   278  C C   . GLU A 1 39  ? 1.555   -12.461 8.402   1.00 26.52 ? 39   GLU A C   1 
ATOM   279  O O   . GLU A 1 39  ? 1.090   -12.506 9.539   1.00 25.98 ? 39   GLU A O   1 
ATOM   280  C CB  A GLU A 1 39  ? 3.652   -11.143 8.106   0.50 27.30 ? 39   GLU A CB  1 
ATOM   281  C CB  B GLU A 1 39  ? 3.733   -11.186 8.167   0.50 27.56 ? 39   GLU A CB  1 
ATOM   282  C CG  A GLU A 1 39  ? 3.383   -10.238 9.339   0.50 28.11 ? 39   GLU A CG  1 
ATOM   283  C CG  B GLU A 1 39  ? 4.992   -11.156 9.040   0.50 29.42 ? 39   GLU A CG  1 
ATOM   284  C CD  A GLU A 1 39  ? 4.505   -10.291 10.386  0.50 29.51 ? 39   GLU A CD  1 
ATOM   285  C CD  B GLU A 1 39  ? 4.651   -11.154 10.531  0.50 31.61 ? 39   GLU A CD  1 
ATOM   286  O OE1 A GLU A 1 39  ? 5.587   -10.868 10.096  0.50 30.46 ? 39   GLU A OE1 1 
ATOM   287  O OE1 B GLU A 1 39  ? 3.935   -10.229 10.975  0.50 33.64 ? 39   GLU A OE1 1 
ATOM   288  O OE2 A GLU A 1 39  ? 4.310   -9.737  11.496  0.50 31.09 ? 39   GLU A OE2 1 
ATOM   289  O OE2 B GLU A 1 39  ? 5.085   -12.078 11.259  0.50 33.43 ? 39   GLU A OE2 1 
ATOM   290  N N   . ALA A 1 40  ? 0.811   -12.327 7.318   1.00 25.91 ? 40   ALA A N   1 
ATOM   291  C CA  . ALA A 1 40  ? -0.634  -12.250 7.397   1.00 26.05 ? 40   ALA A CA  1 
ATOM   292  C C   . ALA A 1 40  ? -1.213  -13.524 8.022   1.00 26.03 ? 40   ALA A C   1 
ATOM   293  O O   . ALA A 1 40  ? -2.041  -13.440 8.915   1.00 25.67 ? 40   ALA A O   1 
ATOM   294  C CB  . ALA A 1 40  ? -1.208  -12.016 6.016   1.00 26.30 ? 40   ALA A CB  1 
ATOM   295  N N   . ALA A 1 41  ? -0.755  -14.690 7.566   1.00 26.25 ? 41   ALA A N   1 
ATOM   296  C CA  . ALA A 1 41  ? -1.211  -15.985 8.106   1.00 27.05 ? 41   ALA A CA  1 
ATOM   297  C C   . ALA A 1 41  ? -0.885  -16.118 9.586   1.00 27.03 ? 41   ALA A C   1 
ATOM   298  O O   . ALA A 1 41  ? -1.691  -16.583 10.367  1.00 27.67 ? 41   ALA A O   1 
ATOM   299  C CB  . ALA A 1 41  ? -0.577  -17.166 7.316   1.00 27.09 ? 41   ALA A CB  1 
ATOM   300  N N   . GLU A 1 42  ? 0.305   -15.688 9.963   1.00 27.14 ? 42   GLU A N   1 
ATOM   301  C CA  . GLU A 1 42  ? 0.720   -15.663 11.361  1.00 27.72 ? 42   GLU A CA  1 
ATOM   302  C C   . GLU A 1 42  ? -0.202  -14.775 12.236  1.00 26.44 ? 42   GLU A C   1 
ATOM   303  O O   . GLU A 1 42  ? -0.365  -15.019 13.447  1.00 26.31 ? 42   GLU A O   1 
ATOM   304  C CB  . GLU A 1 42  ? 2.176   -15.184 11.407  1.00 28.92 ? 42   GLU A CB  1 
ATOM   305  C CG  . GLU A 1 42  ? 2.994   -15.612 12.600  1.00 34.74 ? 42   GLU A CG  1 
ATOM   306  C CD  . GLU A 1 42  ? 4.471   -15.173 12.468  1.00 41.77 ? 42   GLU A CD  1 
ATOM   307  O OE1 . GLU A 1 42  ? 5.232   -15.868 11.720  1.00 44.06 ? 42   GLU A OE1 1 
ATOM   308  O OE2 . GLU A 1 42  ? 4.844   -14.131 13.099  1.00 45.06 ? 42   GLU A OE2 1 
ATOM   309  N N   . LEU A 1 43  ? -0.810  -13.748 11.641  1.00 24.76 ? 43   LEU A N   1 
ATOM   310  C CA  . LEU A 1 43  ? -1.739  -12.886 12.386  1.00 23.70 ? 43   LEU A CA  1 
ATOM   311  C C   . LEU A 1 43  ? -3.172  -13.384 12.281  1.00 23.16 ? 43   LEU A C   1 
ATOM   312  O O   . LEU A 1 43  ? -4.069  -12.803 12.853  1.00 24.38 ? 43   LEU A O   1 
ATOM   313  C CB  . LEU A 1 43  ? -1.675  -11.440 11.902  1.00 23.20 ? 43   LEU A CB  1 
ATOM   314  C CG  . LEU A 1 43  ? -0.381  -10.654 12.066  1.00 21.75 ? 43   LEU A CG  1 
ATOM   315  C CD1 . LEU A 1 43  ? -0.524  -9.372  11.281  1.00 21.25 ? 43   LEU A CD1 1 
ATOM   316  C CD2 . LEU A 1 43  ? -0.102  -10.390 13.542  1.00 21.32 ? 43   LEU A CD2 1 
ATOM   317  N N   . GLY A 1 44  ? -3.395  -14.457 11.554  1.00 22.59 ? 44   GLY A N   1 
ATOM   318  C CA  . GLY A 1 44  ? -4.750  -14.964 11.365  1.00 22.74 ? 44   GLY A CA  1 
ATOM   319  C C   . GLY A 1 44  ? -5.545  -14.269 10.274  1.00 22.34 ? 44   GLY A C   1 
ATOM   320  O O   . GLY A 1 44  ? -6.771  -14.369 10.271  1.00 23.34 ? 44   GLY A O   1 
ATOM   321  N N   . LEU A 1 45  ? -4.851  -13.578 9.354   1.00 21.86 ? 45   LEU A N   1 
ATOM   322  C CA  . LEU A 1 45  ? -5.460  -12.843 8.243   1.00 20.88 ? 45   LEU A CA  1 
ATOM   323  C C   . LEU A 1 45  ? -5.085  -13.517 6.920   1.00 20.50 ? 45   LEU A C   1 
ATOM   324  O O   . LEU A 1 45  ? -4.173  -14.341 6.847   1.00 20.81 ? 45   LEU A O   1 
ATOM   325  C CB  . LEU A 1 45  ? -4.976  -11.367 8.213   1.00 20.60 ? 45   LEU A CB  1 
ATOM   326  C CG  . LEU A 1 45  ? -5.062  -10.505 9.481   1.00 21.47 ? 45   LEU A CG  1 
ATOM   327  C CD1 . LEU A 1 45  ? -4.143  -9.304  9.409   1.00 20.68 ? 45   LEU A CD1 1 
ATOM   328  C CD2 . LEU A 1 45  ? -6.487  -10.050 9.806   1.00 22.54 ? 45   LEU A CD2 1 
ATOM   329  N N   . LYS A 1 46  ? -5.798  -13.131 5.865   1.00 20.27 ? 46   LYS A N   1 
ATOM   330  C CA  . LYS A 1 46  ? -5.433  -13.469 4.499   1.00 19.58 ? 46   LYS A CA  1 
ATOM   331  C C   . LYS A 1 46  ? -5.092  -12.174 3.745   1.00 18.59 ? 46   LYS A C   1 
ATOM   332  O O   . LYS A 1 46  ? -5.913  -11.259 3.666   1.00 18.34 ? 46   LYS A O   1 
ATOM   333  C CB  . LYS A 1 46  ? -6.586  -14.203 3.803   1.00 19.89 ? 46   LYS A CB  1 
ATOM   334  C CG  . LYS A 1 46  ? -6.186  -14.823 2.445   1.00 23.26 ? 46   LYS A CG  1 
ATOM   335  C CD  . LYS A 1 46  ? -7.366  -15.520 1.783   1.00 26.71 ? 46   LYS A CD  1 
ATOM   336  C CE  . LYS A 1 46  ? -7.067  -15.968 0.311   1.00 28.13 ? 46   LYS A CE  1 
ATOM   337  N NZ  . LYS A 1 46  ? -8.185  -16.848 -0.207  1.00 27.61 ? 46   LYS A NZ  1 
ATOM   338  N N   . ALA A 1 47  ? -3.883  -12.107 3.198   1.00 18.35 ? 47   ALA A N   1 
ATOM   339  C CA  . ALA A 1 47  ? -3.435  -10.975 2.409   1.00 18.29 ? 47   ALA A CA  1 
ATOM   340  C C   . ALA A 1 47  ? -3.644  -11.338 0.974   1.00 18.05 ? 47   ALA A C   1 
ATOM   341  O O   . ALA A 1 47  ? -3.152  -12.357 0.553   1.00 18.32 ? 47   ALA A O   1 
ATOM   342  C CB  . ALA A 1 47  ? -1.968  -10.678 2.644   1.00 18.07 ? 47   ALA A CB  1 
ATOM   343  N N   . VAL A 1 48  ? -4.415  -10.508 0.261   1.00 17.67 ? 48   VAL A N   1 
ATOM   344  C CA  . VAL A 1 48  ? -4.470  -10.489 -1.191  1.00 16.83 ? 48   VAL A CA  1 
ATOM   345  C C   . VAL A 1 48  ? -3.574  -9.345  -1.691  1.00 16.86 ? 48   VAL A C   1 
ATOM   346  O O   . VAL A 1 48  ? -3.882  -8.162  -1.498  1.00 17.28 ? 48   VAL A O   1 
ATOM   347  C CB  . VAL A 1 48  ? -5.930  -10.268 -1.687  1.00 16.93 ? 48   VAL A CB  1 
ATOM   348  C CG1 . VAL A 1 48  ? -5.956  -10.198 -3.231  1.00 14.61 ? 48   VAL A CG1 1 
ATOM   349  C CG2 . VAL A 1 48  ? -6.872  -11.387 -1.109  1.00 15.21 ? 48   VAL A CG2 1 
ATOM   350  N N   . VAL A 1 49  ? -2.454  -9.686  -2.312  1.00 16.73 ? 49   VAL A N   1 
ATOM   351  C CA  . VAL A 1 49  ? -1.466  -8.672  -2.682  1.00 16.32 ? 49   VAL A CA  1 
ATOM   352  C C   . VAL A 1 49  ? -1.432  -8.539  -4.190  1.00 17.25 ? 49   VAL A C   1 
ATOM   353  O O   . VAL A 1 49  ? -1.165  -9.517  -4.914  1.00 18.13 ? 49   VAL A O   1 
ATOM   354  C CB  . VAL A 1 49  ? -0.052  -8.985  -2.152  1.00 15.45 ? 49   VAL A CB  1 
ATOM   355  C CG1 . VAL A 1 49  ? 0.858   -7.828  -2.428  1.00 13.11 ? 49   VAL A CG1 1 
ATOM   356  C CG2 . VAL A 1 49  ? -0.101  -9.241  -0.681  1.00 14.85 ? 49   VAL A CG2 1 
ATOM   357  N N   . ARG A 1 50  ? -1.710  -7.330  -4.660  1.00 17.13 ? 50   ARG A N   1 
ATOM   358  C CA  . ARG A 1 50  ? -1.790  -7.064  -6.077  1.00 17.23 ? 50   ARG A CA  1 
ATOM   359  C C   . ARG A 1 50  ? -0.955  -5.815  -6.431  1.00 16.84 ? 50   ARG A C   1 
ATOM   360  O O   . ARG A 1 50  ? -0.860  -4.860  -5.637  1.00 16.63 ? 50   ARG A O   1 
ATOM   361  C CB  A ARG A 1 50  ? -3.264  -6.858  -6.465  0.50 17.36 ? 50   ARG A CB  1 
ATOM   362  C CB  B ARG A 1 50  ? -3.252  -6.934  -6.512  0.50 17.59 ? 50   ARG A CB  1 
ATOM   363  C CG  A ARG A 1 50  ? -4.209  -8.087  -6.276  0.50 17.76 ? 50   ARG A CG  1 
ATOM   364  C CG  B ARG A 1 50  ? -3.719  -8.068  -7.458  0.50 19.39 ? 50   ARG A CG  1 
ATOM   365  C CD  A ARG A 1 50  ? -4.126  -9.069  -7.480  0.50 19.99 ? 50   ARG A CD  1 
ATOM   366  C CD  B ARG A 1 50  ? -4.248  -9.304  -6.752  0.50 20.13 ? 50   ARG A CD  1 
ATOM   367  N NE  A ARG A 1 50  ? -5.114  -10.160 -7.484  0.50 21.24 ? 50   ARG A NE  1 
ATOM   368  N NE  B ARG A 1 50  ? -5.703  -9.245  -6.695  0.50 19.77 ? 50   ARG A NE  1 
ATOM   369  C CZ  A ARG A 1 50  ? -5.010  -11.281 -6.764  0.50 21.02 ? 50   ARG A CZ  1 
ATOM   370  C CZ  B ARG A 1 50  ? -6.343  -8.175  -6.275  0.50 20.08 ? 50   ARG A CZ  1 
ATOM   371  N NH1 A ARG A 1 50  ? -3.976  -11.468 -5.943  0.50 18.74 ? 50   ARG A NH1 1 
ATOM   372  N NH1 B ARG A 1 50  ? -5.629  -7.139  -5.891  0.50 20.55 ? 50   ARG A NH1 1 
ATOM   373  N NH2 A ARG A 1 50  ? -5.951  -12.212 -6.853  0.50 21.93 ? 50   ARG A NH2 1 
ATOM   374  N NH2 B ARG A 1 50  ? -7.667  -8.132  -6.229  0.50 20.87 ? 50   ARG A NH2 1 
ATOM   375  N N   . GLN A 1 51  ? -0.326  -5.836  -7.598  1.00 16.07 ? 51   GLN A N   1 
ATOM   376  C CA  . GLN A 1 51  ? 0.446   -4.689  -8.086  1.00 15.34 ? 51   GLN A CA  1 
ATOM   377  C C   . GLN A 1 51  ? 0.072   -4.388  -9.516  1.00 15.28 ? 51   GLN A C   1 
ATOM   378  O O   . GLN A 1 51  ? -0.143  -5.311  -10.308 1.00 15.32 ? 51   GLN A O   1 
ATOM   379  C CB  . GLN A 1 51  ? 1.947   -4.987  -8.027  1.00 15.26 ? 51   GLN A CB  1 
ATOM   380  C CG  . GLN A 1 51  ? 2.843   -3.774  -8.289  1.00 15.05 ? 51   GLN A CG  1 
ATOM   381  C CD  . GLN A 1 51  ? 3.071   -3.468  -9.786  1.00 14.81 ? 51   GLN A CD  1 
ATOM   382  O OE1 . GLN A 1 51  ? 3.219   -4.386  -10.606 1.00 14.88 ? 51   GLN A OE1 1 
ATOM   383  N NE2 . GLN A 1 51  ? 3.130   -2.174  -10.138 1.00 11.28 ? 51   GLN A NE2 1 
ATOM   384  N N   . SER A 1 52  ? -0.022  -3.105  -9.852  1.00 15.10 ? 52   SER A N   1 
ATOM   385  C CA  . SER A 1 52  ? -0.254  -2.689  -11.251 1.00 14.75 ? 52   SER A CA  1 
ATOM   386  C C   . SER A 1 52  ? 0.315   -1.316  -11.564 1.00 14.05 ? 52   SER A C   1 
ATOM   387  O O   . SER A 1 52  ? 0.301   -0.431  -10.719 1.00 14.11 ? 52   SER A O   1 
ATOM   388  C CB  . SER A 1 52  ? -1.741  -2.675  -11.568 1.00 14.81 ? 52   SER A CB  1 
ATOM   389  O OG  . SER A 1 52  ? -1.935  -2.296  -12.926 1.00 16.56 ? 52   SER A OG  1 
ATOM   390  N N   . ASP A 1 53  ? 0.783   -1.126  -12.794 1.00 14.51 ? 53   ASP A N   1 
ATOM   391  C CA  . ASP A 1 53  ? 1.219   0.209   -13.265 1.00 13.76 ? 53   ASP A CA  1 
ATOM   392  C C   . ASP A 1 53  ? 0.062   1.026   -13.844 1.00 13.57 ? 53   ASP A C   1 
ATOM   393  O O   . ASP A 1 53  ? 0.252   2.183   -14.245 1.00 12.69 ? 53   ASP A O   1 
ATOM   394  C CB  . ASP A 1 53  ? 2.323   0.092   -14.314 1.00 14.19 ? 53   ASP A CB  1 
ATOM   395  C CG  . ASP A 1 53  ? 3.672   -0.386  -13.753 1.00 15.94 ? 53   ASP A CG  1 
ATOM   396  O OD1 . ASP A 1 53  ? 3.931   -0.357  -12.525 1.00 17.83 ? 53   ASP A OD1 1 
ATOM   397  O OD2 . ASP A 1 53  ? 4.508   -0.764  -14.602 1.00 18.23 ? 53   ASP A OD2 1 
ATOM   398  N N   . SER A 1 54  ? -1.125  0.411   -13.889 1.00 14.28 ? 54   SER A N   1 
ATOM   399  C CA  . SER A 1 54  ? -2.347  0.991   -14.481 1.00 14.53 ? 54   SER A CA  1 
ATOM   400  C C   . SER A 1 54  ? -3.312  1.546   -13.444 1.00 15.09 ? 54   SER A C   1 
ATOM   401  O O   . SER A 1 54  ? -3.888  0.791   -12.628 1.00 15.59 ? 54   SER A O   1 
ATOM   402  C CB  . SER A 1 54  ? -3.110  -0.065  -15.286 1.00 14.96 ? 54   SER A CB  1 
ATOM   403  O OG  . SER A 1 54  ? -4.376  0.455   -15.713 1.00 16.72 ? 54   SER A OG  1 
ATOM   404  N N   . GLU A 1 55  ? -3.540  2.862   -13.504 1.00 15.17 ? 55   GLU A N   1 
ATOM   405  C CA  . GLU A 1 55  ? -4.463  3.525   -12.583 1.00 14.39 ? 55   GLU A CA  1 
ATOM   406  C C   . GLU A 1 55  ? -5.853  2.877   -12.618 1.00 13.20 ? 55   GLU A C   1 
ATOM   407  O O   . GLU A 1 55  ? -6.471  2.699   -11.569 1.00 12.82 ? 55   GLU A O   1 
ATOM   408  C CB  . GLU A 1 55  ? -4.534  5.035   -12.889 1.00 15.07 ? 55   GLU A CB  1 
ATOM   409  C CG  . GLU A 1 55  ? -5.248  5.863   -11.828 1.00 16.81 ? 55   GLU A CG  1 
ATOM   410  C CD  . GLU A 1 55  ? -5.380  7.333   -12.222 1.00 23.24 ? 55   GLU A CD  1 
ATOM   411  O OE1 . GLU A 1 55  ? -5.786  7.638   -13.369 1.00 29.86 ? 55   GLU A OE1 1 
ATOM   412  O OE2 . GLU A 1 55  ? -5.096  8.197   -11.389 1.00 26.30 ? 55   GLU A OE2 1 
ATOM   413  N N   . ALA A 1 56  ? -6.325  2.528   -13.815 1.00 12.74 ? 56   ALA A N   1 
ATOM   414  C CA  . ALA A 1 56  ? -7.624  1.869   -13.998 1.00 12.42 ? 56   ALA A CA  1 
ATOM   415  C C   . ALA A 1 56  ? -7.683  0.563   -13.237 1.00 12.17 ? 56   ALA A C   1 
ATOM   416  O O   . ALA A 1 56  ? -8.683  0.238   -12.624 1.00 11.46 ? 56   ALA A O   1 
ATOM   417  C CB  . ALA A 1 56  ? -7.915  1.610   -15.513 1.00 12.07 ? 56   ALA A CB  1 
ATOM   418  N N   . GLN A 1 57  ? -6.618  -0.214  -13.307 1.00 12.79 ? 57   GLN A N   1 
ATOM   419  C CA  . GLN A 1 57  ? -6.559  -1.445  -12.554 1.00 13.44 ? 57   GLN A CA  1 
ATOM   420  C C   . GLN A 1 57  ? -6.599  -1.171  -11.049 1.00 13.18 ? 57   GLN A C   1 
ATOM   421  O O   . GLN A 1 57  ? -7.335  -1.806  -10.298 1.00 12.72 ? 57   GLN A O   1 
ATOM   422  C CB  . GLN A 1 57  ? -5.302  -2.229  -12.913 1.00 14.87 ? 57   GLN A CB  1 
ATOM   423  C CG  . GLN A 1 57  ? -5.241  -3.582  -12.216 1.00 16.42 ? 57   GLN A CG  1 
ATOM   424  C CD  . GLN A 1 57  ? -6.387  -4.428  -12.675 1.00 20.05 ? 57   GLN A CD  1 
ATOM   425  O OE1 . GLN A 1 57  ? -6.361  -4.940  -13.789 1.00 23.69 ? 57   GLN A OE1 1 
ATOM   426  N NE2 . GLN A 1 57  ? -7.437  -4.520  -11.853 1.00 18.56 ? 57   GLN A NE2 1 
ATOM   427  N N   . LEU A 1 58  ? -5.856  -0.180  -10.600 1.00 13.50 ? 58   LEU A N   1 
ATOM   428  C CA  . LEU A 1 58  ? -5.842  0.100   -9.166  1.00 13.60 ? 58   LEU A CA  1 
ATOM   429  C C   . LEU A 1 58  ? -7.224  0.512   -8.687  1.00 13.81 ? 58   LEU A C   1 
ATOM   430  O O   . LEU A 1 58  ? -7.683  0.048   -7.643  1.00 13.20 ? 58   LEU A O   1 
ATOM   431  C CB  . LEU A 1 58  ? -4.845  1.196   -8.826  1.00 12.95 ? 58   LEU A CB  1 
ATOM   432  C CG  . LEU A 1 58  ? -3.412  0.854   -9.169  1.00 13.06 ? 58   LEU A CG  1 
ATOM   433  C CD1 . LEU A 1 58  ? -2.518  2.013   -8.708  1.00 14.98 ? 58   LEU A CD1 1 
ATOM   434  C CD2 . LEU A 1 58  ? -3.025  -0.458  -8.576  1.00 10.39 ? 58   LEU A CD2 1 
ATOM   435  N N   . LEU A 1 59  ? -7.860  1.401   -9.448  1.00 13.99 ? 59   LEU A N   1 
ATOM   436  C CA  . LEU A 1 59  ? -9.229  1.810   -9.177  1.00 14.59 ? 59   LEU A CA  1 
ATOM   437  C C   . LEU A 1 59  ? -10.208 0.621   -9.129  1.00 14.95 ? 59   LEU A C   1 
ATOM   438  O O   . LEU A 1 59  ? -11.103 0.623   -8.300  1.00 15.49 ? 59   LEU A O   1 
ATOM   439  C CB  . LEU A 1 59  ? -9.730  2.821   -10.223 1.00 14.56 ? 59   LEU A CB  1 
ATOM   440  C CG  . LEU A 1 59  ? -9.069  4.198   -10.310 1.00 15.72 ? 59   LEU A CG  1 
ATOM   441  C CD1 . LEU A 1 59  ? -9.792  5.029   -11.354 1.00 14.77 ? 59   LEU A CD1 1 
ATOM   442  C CD2 . LEU A 1 59  ? -9.049  4.924   -8.983  1.00 16.20 ? 59   LEU A CD2 1 
ATOM   443  N N   . ASP A 1 60  ? -10.069 -0.369  -10.018 1.00 15.69 ? 60   ASP A N   1 
ATOM   444  C CA  . ASP A 1 60  ? -10.978 -1.538  -10.018 1.00 15.90 ? 60   ASP A CA  1 
ATOM   445  C C   . ASP A 1 60  ? -10.820 -2.330  -8.733  1.00 15.33 ? 60   ASP A C   1 
ATOM   446  O O   . ASP A 1 60  ? -11.795 -2.738  -8.112  1.00 15.69 ? 60   ASP A O   1 
ATOM   447  C CB  . ASP A 1 60  ? -10.759 -2.457  -11.227 1.00 16.80 ? 60   ASP A CB  1 
ATOM   448  C CG  . ASP A 1 60  ? -11.753 -3.627  -11.247 1.00 19.32 ? 60   ASP A CG  1 
ATOM   449  O OD1 . ASP A 1 60  ? -12.956 -3.415  -10.993 1.00 22.68 ? 60   ASP A OD1 1 
ATOM   450  O OD2 . ASP A 1 60  ? -11.329 -4.769  -11.472 1.00 23.56 ? 60   ASP A OD2 1 
ATOM   451  N N   . TRP A 1 61  ? -9.581  -2.504  -8.317  1.00 15.02 ? 61   TRP A N   1 
ATOM   452  C CA  . TRP A 1 61  ? -9.279  -3.166  -7.075  1.00 14.09 ? 61   TRP A CA  1 
ATOM   453  C C   . TRP A 1 61  ? -9.810  -2.425  -5.861  1.00 13.92 ? 61   TRP A C   1 
ATOM   454  O O   . TRP A 1 61  ? -10.363 -3.061  -4.967  1.00 13.55 ? 61   TRP A O   1 
ATOM   455  C CB  . TRP A 1 61  ? -7.784  -3.430  -6.965  1.00 14.02 ? 61   TRP A CB  1 
ATOM   456  C CG  . TRP A 1 61  ? -7.256  -4.483  -7.930  1.00 13.91 ? 61   TRP A CG  1 
ATOM   457  C CD1 . TRP A 1 61  ? -7.933  -5.578  -8.429  1.00 13.83 ? 61   TRP A CD1 1 
ATOM   458  C CD2 . TRP A 1 61  ? -5.928  -4.565  -8.462  1.00 12.41 ? 61   TRP A CD2 1 
ATOM   459  N NE1 . TRP A 1 61  ? -7.116  -6.300  -9.263  1.00 12.60 ? 61   TRP A NE1 1 
ATOM   460  C CE2 . TRP A 1 61  ? -5.881  -5.704  -9.300  1.00 12.84 ? 61   TRP A CE2 1 
ATOM   461  C CE3 . TRP A 1 61  ? -4.782  -3.772  -8.331  1.00 13.39 ? 61   TRP A CE3 1 
ATOM   462  C CZ2 . TRP A 1 61  ? -4.731  -6.075  -9.988  1.00 11.38 ? 61   TRP A CZ2 1 
ATOM   463  C CZ3 . TRP A 1 61  ? -3.641  -4.131  -9.025  1.00 11.40 ? 61   TRP A CZ3 1 
ATOM   464  C CH2 . TRP A 1 61  ? -3.619  -5.282  -9.827  1.00 12.65 ? 61   TRP A CH2 1 
ATOM   465  N N   . ILE A 1 62  ? -9.689  -1.089  -5.824  1.00 14.43 ? 62   ILE A N   1 
ATOM   466  C CA  . ILE A 1 62  ? -10.260 -0.285  -4.720  1.00 13.36 ? 62   ILE A CA  1 
ATOM   467  C C   . ILE A 1 62  ? -11.784 -0.430  -4.725  1.00 14.09 ? 62   ILE A C   1 
ATOM   468  O O   . ILE A 1 62  ? -12.420 -0.534  -3.661  1.00 13.58 ? 62   ILE A O   1 
ATOM   469  C CB  . ILE A 1 62  ? -9.896  1.254   -4.828  1.00 14.10 ? 62   ILE A CB  1 
ATOM   470  C CG1 . ILE A 1 62  ? -8.384  1.494   -4.820  1.00 14.40 ? 62   ILE A CG1 1 
ATOM   471  C CG2 . ILE A 1 62  ? -10.504 2.027   -3.684  1.00 11.31 ? 62   ILE A CG2 1 
ATOM   472  C CD1 . ILE A 1 62  ? -7.703  0.735   -3.718  1.00 17.93 ? 62   ILE A CD1 1 
ATOM   473  N N   . HIS A 1 63  ? -12.379 -0.417  -5.920  1.00 14.66 ? 63   HIS A N   1 
ATOM   474  C CA  . HIS A 1 63  ? -13.826 -0.582  -6.044  1.00 15.34 ? 63   HIS A CA  1 
ATOM   475  C C   . HIS A 1 63  ? -14.238 -1.907  -5.401  1.00 15.29 ? 63   HIS A C   1 
ATOM   476  O O   . HIS A 1 63  ? -15.223 -1.975  -4.664  1.00 15.21 ? 63   HIS A O   1 
ATOM   477  C CB  . HIS A 1 63  ? -14.328 -0.568  -7.494  1.00 15.25 ? 63   HIS A CB  1 
ATOM   478  C CG  . HIS A 1 63  ? -14.082 0.708   -8.227  1.00 16.49 ? 63   HIS A CG  1 
ATOM   479  N ND1 . HIS A 1 63  ? -13.960 1.923   -7.598  1.00 16.64 ? 63   HIS A ND1 1 
ATOM   480  C CD2 . HIS A 1 63  ? -13.957 0.959   -9.554  1.00 16.98 ? 63   HIS A CD2 1 
ATOM   481  C CE1 . HIS A 1 63  ? -13.763 2.864   -8.504  1.00 14.06 ? 63   HIS A CE1 1 
ATOM   482  N NE2 . HIS A 1 63  ? -13.760 2.306   -9.696  1.00 13.96 ? 63   HIS A NE2 1 
ATOM   483  N N   . GLN A 1 64  ? -13.506 -2.968  -5.698  1.00 15.83 ? 64   GLN A N   1 
ATOM   484  C CA  . GLN A 1 64  ? -13.907 -4.294  -5.199  1.00 16.36 ? 64   GLN A CA  1 
ATOM   485  C C   . GLN A 1 64  ? -13.825 -4.373  -3.680  1.00 15.99 ? 64   GLN A C   1 
ATOM   486  O O   . GLN A 1 64  ? -14.722 -4.963  -3.033  1.00 18.42 ? 64   GLN A O   1 
ATOM   487  C CB  . GLN A 1 64  ? -13.093 -5.411  -5.839  1.00 16.29 ? 64   GLN A CB  1 
ATOM   488  C CG  . GLN A 1 64  ? -13.240 -5.540  -7.358  1.00 18.24 ? 64   GLN A CG  1 
ATOM   489  C CD  . GLN A 1 64  ? -12.238 -6.555  -7.910  1.00 21.20 ? 64   GLN A CD  1 
ATOM   490  O OE1 . GLN A 1 64  ? -12.056 -7.618  -7.320  1.00 26.09 ? 64   GLN A OE1 1 
ATOM   491  N NE2 . GLN A 1 64  ? -11.557 -6.215  -8.987  1.00 19.49 ? 64   GLN A NE2 1 
ATOM   492  N N   . ALA A 1 65  ? -12.787 -3.761  -3.117  1.00 15.02 ? 65   ALA A N   1 
ATOM   493  C CA  . ALA A 1 65  ? -12.605 -3.657  -1.667  1.00 14.92 ? 65   ALA A CA  1 
ATOM   494  C C   . ALA A 1 65  ? -13.707 -2.821  -1.046  1.00 15.21 ? 65   ALA A C   1 
ATOM   495  O O   . ALA A 1 65  ? -14.157 -3.113  0.041   1.00 16.54 ? 65   ALA A O   1 
ATOM   496  C CB  . ALA A 1 65  ? -11.210 -3.073  -1.302  1.00 13.61 ? 65   ALA A CB  1 
ATOM   497  N N   . ALA A 1 66  ? -14.134 -1.771  -1.731  1.00 15.68 ? 66   ALA A N   1 
ATOM   498  C CA  . ALA A 1 66  ? -15.251 -0.969  -1.263  1.00 15.50 ? 66   ALA A CA  1 
ATOM   499  C C   . ALA A 1 66  ? -16.525 -1.831  -1.194  1.00 16.19 ? 66   ALA A C   1 
ATOM   500  O O   . ALA A 1 66  ? -17.197 -1.811  -0.182  1.00 16.39 ? 66   ALA A O   1 
ATOM   501  C CB  . ALA A 1 66  ? -15.452 0.240   -2.163  1.00 14.78 ? 66   ALA A CB  1 
ATOM   502  N N   . ASP A 1 67  ? -16.846 -2.591  -2.254  1.00 16.98 ? 67   ASP A N   1 
ATOM   503  C CA  . ASP A 1 67  ? -18.066 -3.438  -2.252  1.00 18.30 ? 67   ASP A CA  1 
ATOM   504  C C   . ASP A 1 67  ? -17.990 -4.537  -1.196  1.00 18.63 ? 67   ASP A C   1 
ATOM   505  O O   . ASP A 1 67  ? -18.998 -4.923  -0.621  1.00 20.01 ? 67   ASP A O   1 
ATOM   506  C CB  . ASP A 1 67  ? -18.319 -4.119  -3.609  1.00 17.83 ? 67   ASP A CB  1 
ATOM   507  C CG  . ASP A 1 67  ? -18.586 -3.132  -4.738  1.00 19.52 ? 67   ASP A CG  1 
ATOM   508  O OD1 . ASP A 1 67  ? -19.213 -2.072  -4.487  1.00 20.11 ? 67   ASP A OD1 1 
ATOM   509  O OD2 . ASP A 1 67  ? -18.123 -3.431  -5.874  1.00 20.27 ? 67   ASP A OD2 1 
ATOM   510  N N   . ALA A 1 68  ? -16.794 -5.060  -0.986  1.00 19.01 ? 68   ALA A N   1 
ATOM   511  C CA  . ALA A 1 68  ? -16.588 -6.128  -0.051  1.00 19.13 ? 68   ALA A CA  1 
ATOM   512  C C   . ALA A 1 68  ? -16.383 -5.624  1.363   1.00 19.65 ? 68   ALA A C   1 
ATOM   513  O O   . ALA A 1 68  ? -16.236 -6.449  2.259   1.00 21.19 ? 68   ALA A O   1 
ATOM   514  C CB  . ALA A 1 68  ? -15.370 -6.957  -0.488  1.00 19.32 ? 68   ALA A CB  1 
ATOM   515  N N   . ALA A 1 69  ? -16.342 -4.303  1.584   1.00 19.29 ? 69   ALA A N   1 
ATOM   516  C CA  . ALA A 1 69  ? -16.052 -3.739  2.919   1.00 19.12 ? 69   ALA A CA  1 
ATOM   517  C C   . ALA A 1 69  ? -14.734 -4.295  3.516   1.00 18.77 ? 69   ALA A C   1 
ATOM   518  O O   . ALA A 1 69  ? -14.657 -4.611  4.703   1.00 18.60 ? 69   ALA A O   1 
ATOM   519  C CB  . ALA A 1 69  ? -17.246 -3.996  3.891   1.00 18.72 ? 69   ALA A CB  1 
ATOM   520  N N   . GLU A 1 70  ? -13.710 -4.419  2.674   1.00 18.53 ? 70   GLU A N   1 
ATOM   521  C CA  . GLU A 1 70  ? -12.406 -4.976  3.078   1.00 18.39 ? 70   GLU A CA  1 
ATOM   522  C C   . GLU A 1 70  ? -11.375 -3.853  3.289   1.00 17.51 ? 70   GLU A C   1 
ATOM   523  O O   . GLU A 1 70  ? -11.411 -2.838  2.591   1.00 18.37 ? 70   GLU A O   1 
ATOM   524  C CB  . GLU A 1 70  ? -11.888 -5.955  2.019   1.00 18.15 ? 70   GLU A CB  1 
ATOM   525  C CG  . GLU A 1 70  ? -12.522 -7.331  2.136   1.00 20.16 ? 70   GLU A CG  1 
ATOM   526  C CD  . GLU A 1 70  ? -12.336 -8.193  0.892   1.00 20.63 ? 70   GLU A CD  1 
ATOM   527  O OE1 . GLU A 1 70  ? -11.650 -7.753  -0.063  1.00 19.36 ? 70   GLU A OE1 1 
ATOM   528  O OE2 . GLU A 1 70  ? -12.899 -9.312  0.887   1.00 24.10 ? 70   GLU A OE2 1 
ATOM   529  N N   . PRO A 1 71  ? -10.485 -4.016  4.268   1.00 16.01 ? 71   PRO A N   1 
ATOM   530  C CA  . PRO A 1 71  ? -9.468  -2.998  4.462   1.00 15.45 ? 71   PRO A CA  1 
ATOM   531  C C   . PRO A 1 71  ? -8.408  -3.069  3.385   1.00 14.55 ? 71   PRO A C   1 
ATOM   532  O O   . PRO A 1 71  ? -8.206  -4.131  2.774   1.00 15.14 ? 71   PRO A O   1 
ATOM   533  C CB  . PRO A 1 71  ? -8.884  -3.322  5.852   1.00 15.19 ? 71   PRO A CB  1 
ATOM   534  C CG  . PRO A 1 71  ? -9.277  -4.724  6.136   1.00 15.98 ? 71   PRO A CG  1 
ATOM   535  C CD  . PRO A 1 71  ? -10.578 -4.927  5.422   1.00 17.09 ? 71   PRO A CD  1 
ATOM   536  N N   . VAL A 1 72  ? -7.727  -1.945  3.182   1.00 14.00 ? 72   VAL A N   1 
ATOM   537  C CA  . VAL A 1 72  ? -6.734  -1.793  2.138   1.00 13.20 ? 72   VAL A CA  1 
ATOM   538  C C   . VAL A 1 72  ? -5.462  -1.205  2.711   1.00 13.11 ? 72   VAL A C   1 
ATOM   539  O O   . VAL A 1 72  ? -5.521  -0.235  3.430   1.00 13.95 ? 72   VAL A O   1 
ATOM   540  C CB  . VAL A 1 72  ? -7.234  -0.840  1.035   1.00 13.43 ? 72   VAL A CB  1 
ATOM   541  C CG1 . VAL A 1 72  ? -6.088  -0.513  0.031   1.00 12.27 ? 72   VAL A CG1 1 
ATOM   542  C CG2 . VAL A 1 72  ? -8.455  -1.423  0.323   1.00 11.36 ? 72   VAL A CG2 1 
ATOM   543  N N   . ILE A 1 73  ? -4.316  -1.813  2.391   1.00 12.93 ? 73   ILE A N   1 
ATOM   544  C CA  . ILE A 1 73  ? -2.995  -1.214  2.575   1.00 12.46 ? 73   ILE A CA  1 
ATOM   545  C C   . ILE A 1 73  ? -2.558  -0.764  1.199   1.00 12.35 ? 73   ILE A C   1 
ATOM   546  O O   . ILE A 1 73  ? -2.539  -1.562  0.284   1.00 13.17 ? 73   ILE A O   1 
ATOM   547  C CB  . ILE A 1 73  ? -1.977  -2.231  3.168   1.00 12.34 ? 73   ILE A CB  1 
ATOM   548  C CG1 . ILE A 1 73  ? -2.501  -2.748  4.512   1.00 12.87 ? 73   ILE A CG1 1 
ATOM   549  C CG2 . ILE A 1 73  ? -0.589  -1.599  3.299   1.00 11.03 ? 73   ILE A CG2 1 
ATOM   550  C CD1 . ILE A 1 73  ? -1.588  -3.763  5.187   1.00 12.60 ? 73   ILE A CD1 1 
ATOM   551  N N   . LEU A 1 74  ? -2.231  0.508   1.021   1.00 12.49 ? 74   LEU A N   1 
ATOM   552  C CA  . LEU A 1 74  ? -2.034  1.031   -0.343  1.00 12.63 ? 74   LEU A CA  1 
ATOM   553  C C   . LEU A 1 74  ? -0.742  1.788   -0.454  1.00 12.77 ? 74   LEU A C   1 
ATOM   554  O O   . LEU A 1 74  ? -0.524  2.775   0.271   1.00 12.95 ? 74   LEU A O   1 
ATOM   555  C CB  . LEU A 1 74  ? -3.191  1.953   -0.746  1.00 12.42 ? 74   LEU A CB  1 
ATOM   556  C CG  . LEU A 1 74  ? -3.125  2.720   -2.085  1.00 13.81 ? 74   LEU A CG  1 
ATOM   557  C CD1 . LEU A 1 74  ? -3.001  1.815   -3.320  1.00 11.21 ? 74   LEU A CD1 1 
ATOM   558  C CD2 . LEU A 1 74  ? -4.357  3.624   -2.182  1.00 13.90 ? 74   LEU A CD2 1 
ATOM   559  N N   . ASN A 1 75  ? 0.116   1.320   -1.366  1.00 12.88 ? 75   ASN A N   1 
ATOM   560  C CA  . ASN A 1 75  ? 1.293   2.054   -1.795  1.00 13.17 ? 75   ASN A CA  1 
ATOM   561  C C   . ASN A 1 75  ? 1.073   2.435   -3.241  1.00 13.57 ? 75   ASN A C   1 
ATOM   562  O O   . ASN A 1 75  ? 1.375   1.656   -4.159  1.00 13.96 ? 75   ASN A O   1 
ATOM   563  C CB  . ASN A 1 75  ? 2.551   1.218   -1.639  1.00 13.02 ? 75   ASN A CB  1 
ATOM   564  C CG  . ASN A 1 75  ? 3.790   2.001   -1.914  1.00 13.84 ? 75   ASN A CG  1 
ATOM   565  O OD1 . ASN A 1 75  ? 3.726   3.101   -2.494  1.00 11.04 ? 75   ASN A OD1 1 
ATOM   566  N ND2 . ASN A 1 75  ? 4.946   1.461   -1.488  1.00 11.19 ? 75   ASN A ND2 1 
ATOM   567  N N   . ALA A 1 76  ? 0.504   3.619   -3.462  1.00 13.66 ? 76   ALA A N   1 
ATOM   568  C CA  . ALA A 1 76  ? 0.130   4.012   -4.836  1.00 13.85 ? 76   ALA A CA  1 
ATOM   569  C C   . ALA A 1 76  ? 1.304   4.427   -5.735  1.00 13.93 ? 76   ALA A C   1 
ATOM   570  O O   . ALA A 1 76  ? 1.076   4.795   -6.879  1.00 15.17 ? 76   ALA A O   1 
ATOM   571  C CB  . ALA A 1 76  ? -0.946  5.121   -4.820  1.00 13.71 ? 76   ALA A CB  1 
ATOM   572  N N   . GLY A 1 77  ? 2.541   4.377   -5.266  1.00 13.74 ? 77   GLY A N   1 
ATOM   573  C CA  . GLY A 1 77  ? 3.673   4.844   -6.077  1.00 13.64 ? 77   GLY A CA  1 
ATOM   574  C C   . GLY A 1 77  ? 3.529   6.328   -6.390  1.00 13.93 ? 77   GLY A C   1 
ATOM   575  O O   . GLY A 1 77  ? 3.023   7.093   -5.564  1.00 13.45 ? 77   GLY A O   1 
ATOM   576  N N   . GLY A 1 78  ? 3.884   6.718   -7.614  1.00 14.21 ? 78   GLY A N   1 
ATOM   577  C CA  . GLY A 1 78  ? 3.837   8.112   -8.039  1.00 13.75 ? 78   GLY A CA  1 
ATOM   578  C C   . GLY A 1 78  ? 2.472   8.749   -7.982  1.00 14.65 ? 78   GLY A C   1 
ATOM   579  O O   . GLY A 1 78  ? 2.368   9.971   -7.836  1.00 14.65 ? 78   GLY A O   1 
ATOM   580  N N   . LEU A 1 79  ? 1.423   7.926   -8.138  1.00 15.02 ? 79   LEU A N   1 
ATOM   581  C CA  . LEU A 1 79  ? 0.040   8.391   -8.156  1.00 14.27 ? 79   LEU A CA  1 
ATOM   582  C C   . LEU A 1 79  ? -0.381  8.956   -6.776  1.00 13.96 ? 79   LEU A C   1 
ATOM   583  O O   . LEU A 1 79  ? -1.387  9.683   -6.642  1.00 12.36 ? 79   LEU A O   1 
ATOM   584  C CB  . LEU A 1 79  ? -0.878  7.230   -8.539  1.00 14.28 ? 79   LEU A CB  1 
ATOM   585  C CG  . LEU A 1 79  ? -0.734  6.640   -9.949  1.00 14.99 ? 79   LEU A CG  1 
ATOM   586  C CD1 . LEU A 1 79  ? -1.734  5.499   -10.130 1.00 11.14 ? 79   LEU A CD1 1 
ATOM   587  C CD2 . LEU A 1 79  ? -0.941  7.695   -11.003 1.00 13.81 ? 79   LEU A CD2 1 
ATOM   588  N N   . THR A 1 80  ? 0.378   8.575   -5.742  1.00 13.82 ? 80   THR A N   1 
ATOM   589  C CA  . THR A 1 80  ? 0.215   9.140   -4.412  1.00 12.59 ? 80   THR A CA  1 
ATOM   590  C C   . THR A 1 80  ? 0.135   10.643  -4.495  1.00 12.50 ? 80   THR A C   1 
ATOM   591  O O   . THR A 1 80  ? -0.699  11.240  -3.842  1.00 12.21 ? 80   THR A O   1 
ATOM   592  C CB  . THR A 1 80  ? 1.413   8.765   -3.531  1.00 13.16 ? 80   THR A CB  1 
ATOM   593  O OG1 . THR A 1 80  ? 1.525   7.337   -3.478  1.00 12.57 ? 80   THR A OG1 1 
ATOM   594  C CG2 . THR A 1 80  ? 1.254   9.359   -2.122  1.00 12.04 ? 80   THR A CG2 1 
ATOM   595  N N   . HIS A 1 81  ? 0.985   11.240  -5.340  1.00 12.74 ? 81   HIS A N   1 
ATOM   596  C CA  . HIS A 1 81  ? 1.231   12.670  -5.332  1.00 13.35 ? 81   HIS A CA  1 
ATOM   597  C C   . HIS A 1 81  ? 0.403   13.397  -6.384  1.00 14.01 ? 81   HIS A C   1 
ATOM   598  O O   . HIS A 1 81  ? 0.366   14.625  -6.400  1.00 14.33 ? 81   HIS A O   1 
ATOM   599  C CB  . HIS A 1 81  ? 2.732   12.948  -5.557  1.00 12.77 ? 81   HIS A CB  1 
ATOM   600  C CG  . HIS A 1 81  ? 3.616   12.072  -4.740  1.00 11.92 ? 81   HIS A CG  1 
ATOM   601  N ND1 . HIS A 1 81  ? 3.612   12.092  -3.363  1.00 13.09 ? 81   HIS A ND1 1 
ATOM   602  C CD2 . HIS A 1 81  ? 4.471   11.090  -5.102  1.00 12.81 ? 81   HIS A CD2 1 
ATOM   603  C CE1 . HIS A 1 81  ? 4.470   11.193  -2.915  1.00 13.59 ? 81   HIS A CE1 1 
ATOM   604  N NE2 . HIS A 1 81  ? 5.000   10.568  -3.952  1.00 14.22 ? 81   HIS A NE2 1 
ATOM   605  N N   . THR A 1 82  ? -0.270  12.641  -7.242  1.00 15.10 ? 82   THR A N   1 
ATOM   606  C CA  . THR A 1 82  ? -0.857  13.206  -8.473  1.00 15.70 ? 82   THR A CA  1 
ATOM   607  C C   . THR A 1 82  ? -2.321  12.849  -8.743  1.00 16.12 ? 82   THR A C   1 
ATOM   608  O O   . THR A 1 82  ? -2.996  13.586  -9.454  1.00 17.24 ? 82   THR A O   1 
ATOM   609  C CB  . THR A 1 82  ? -0.021  12.777  -9.692  1.00 16.28 ? 82   THR A CB  1 
ATOM   610  O OG1 . THR A 1 82  ? -0.098  11.357  -9.852  1.00 15.73 ? 82   THR A OG1 1 
ATOM   611  C CG2 . THR A 1 82  ? 1.455   13.205  -9.519  1.00 15.14 ? 82   THR A CG2 1 
ATOM   612  N N   . SER A 1 83  ? -2.818  11.734  -8.212  1.00 15.85 ? 83   SER A N   1 
ATOM   613  C CA  . SER A 1 83  ? -4.132  11.247  -8.617  1.00 15.21 ? 83   SER A CA  1 
ATOM   614  C C   . SER A 1 83  ? -5.270  11.647  -7.674  1.00 15.63 ? 83   SER A C   1 
ATOM   615  O O   . SER A 1 83  ? -5.335  11.153  -6.504  1.00 16.38 ? 83   SER A O   1 
ATOM   616  C CB  . SER A 1 83  ? -4.120  9.741   -8.752  1.00 14.74 ? 83   SER A CB  1 
ATOM   617  O OG  . SER A 1 83  ? -5.347  9.324   -9.296  1.00 14.73 ? 83   SER A OG  1 
ATOM   618  N N   . VAL A 1 84  ? -6.183  12.482  -8.194  1.00 14.66 ? 84   VAL A N   1 
ATOM   619  C CA  . VAL A 1 84  ? -7.462  12.766  -7.520  1.00 14.33 ? 84   VAL A CA  1 
ATOM   620  C C   . VAL A 1 84  ? -8.429  11.580  -7.726  1.00 14.71 ? 84   VAL A C   1 
ATOM   621  O O   . VAL A 1 84  ? -9.146  11.189  -6.815  1.00 15.10 ? 84   VAL A O   1 
ATOM   622  C CB  . VAL A 1 84  ? -8.069  14.136  -7.980  1.00 14.15 ? 84   VAL A CB  1 
ATOM   623  C CG1 . VAL A 1 84  ? -9.517  14.353  -7.428  1.00 12.28 ? 84   VAL A CG1 1 
ATOM   624  C CG2 . VAL A 1 84  ? -7.134  15.293  -7.589  1.00 11.12 ? 84   VAL A CG2 1 
ATOM   625  N N   . ALA A 1 85  ? -8.407  10.980  -8.912  1.00 15.52 ? 85   ALA A N   1 
ATOM   626  C CA  . ALA A 1 85  ? -9.238  9.784   -9.209  1.00 15.70 ? 85   ALA A CA  1 
ATOM   627  C C   . ALA A 1 85  ? -9.061  8.671   -8.153  1.00 16.01 ? 85   ALA A C   1 
ATOM   628  O O   . ALA A 1 85  ? -10.037 8.077   -7.648  1.00 17.20 ? 85   ALA A O   1 
ATOM   629  C CB  . ALA A 1 85  ? -8.931  9.255   -10.634 1.00 14.25 ? 85   ALA A CB  1 
ATOM   630  N N   . LEU A 1 86  ? -7.819  8.390   -7.797  1.00 16.04 ? 86   LEU A N   1 
ATOM   631  C CA  . LEU A 1 86  ? -7.559  7.314   -6.836  1.00 16.58 ? 86   LEU A CA  1 
ATOM   632  C C   . LEU A 1 86  ? -8.072  7.701   -5.444  1.00 16.36 ? 86   LEU A C   1 
ATOM   633  O O   . LEU A 1 86  ? -8.564  6.873   -4.690  1.00 16.63 ? 86   LEU A O   1 
ATOM   634  C CB  . LEU A 1 86  ? -6.067  7.058   -6.788  1.00 17.32 ? 86   LEU A CB  1 
ATOM   635  C CG  . LEU A 1 86  ? -5.526  5.833   -6.100  1.00 19.36 ? 86   LEU A CG  1 
ATOM   636  C CD1 . LEU A 1 86  ? -6.273  4.622   -6.670  1.00 22.47 ? 86   LEU A CD1 1 
ATOM   637  C CD2 . LEU A 1 86  ? -3.985  5.752   -6.348  1.00 17.64 ? 86   LEU A CD2 1 
ATOM   638  N N   . ARG A 1 87  ? -7.943  8.976   -5.103  1.00 15.52 ? 87   ARG A N   1 
ATOM   639  C CA  . ARG A 1 87  ? -8.438  9.452   -3.843  1.00 15.45 ? 87   ARG A CA  1 
ATOM   640  C C   . ARG A 1 87  ? -9.958  9.316   -3.770  1.00 15.85 ? 87   ARG A C   1 
ATOM   641  O O   . ARG A 1 87  ? -10.479 8.938   -2.733  1.00 15.85 ? 87   ARG A O   1 
ATOM   642  C CB  . ARG A 1 87  ? -8.049  10.900  -3.638  1.00 15.11 ? 87   ARG A CB  1 
ATOM   643  C CG  . ARG A 1 87  ? -8.710  11.552  -2.446  1.00 15.14 ? 87   ARG A CG  1 
ATOM   644  C CD  . ARG A 1 87  ? -8.606  13.055  -2.551  1.00 16.21 ? 87   ARG A CD  1 
ATOM   645  N NE  . ARG A 1 87  ? -9.231  13.804  -1.454  1.00 15.22 ? 87   ARG A NE  1 
ATOM   646  C CZ  . ARG A 1 87  ? -8.576  14.557  -0.553  1.00 16.46 ? 87   ARG A CZ  1 
ATOM   647  N NH1 . ARG A 1 87  ? -7.237  14.661  -0.517  1.00 16.57 ? 87   ARG A NH1 1 
ATOM   648  N NH2 . ARG A 1 87  ? -9.254  15.219  0.353   1.00 16.47 ? 87   ARG A NH2 1 
ATOM   649  N N   . ASP A 1 88  ? -10.647 9.701   -4.845  1.00 15.87 ? 88   ASP A N   1 
ATOM   650  C CA  . ASP A 1 88  ? -12.091 9.570   -4.926  1.00 15.96 ? 88   ASP A CA  1 
ATOM   651  C C   . ASP A 1 88  ? -12.519 8.103   -4.736  1.00 15.93 ? 88   ASP A C   1 
ATOM   652  O O   . ASP A 1 88  ? -13.483 7.825   -4.067  1.00 15.24 ? 88   ASP A O   1 
ATOM   653  C CB  . ASP A 1 88  ? -12.584 10.027  -6.300  1.00 16.46 ? 88   ASP A CB  1 
ATOM   654  C CG  . ASP A 1 88  ? -12.483 11.517  -6.512  1.00 17.43 ? 88   ASP A CG  1 
ATOM   655  O OD1 . ASP A 1 88  ? -12.527 12.274  -5.518  1.00 16.93 ? 88   ASP A OD1 1 
ATOM   656  O OD2 . ASP A 1 88  ? -12.385 11.913  -7.707  1.00 20.67 ? 88   ASP A OD2 1 
ATOM   657  N N   . ALA A 1 89  ? -11.806 7.170   -5.358  1.00 16.40 ? 89   ALA A N   1 
ATOM   658  C CA  . ALA A 1 89  ? -12.129 5.738   -5.219  1.00 15.87 ? 89   ALA A CA  1 
ATOM   659  C C   . ALA A 1 89  ? -11.970 5.290   -3.778  1.00 15.84 ? 89   ALA A C   1 
ATOM   660  O O   . ALA A 1 89  ? -12.818 4.571   -3.245  1.00 15.21 ? 89   ALA A O   1 
ATOM   661  C CB  . ALA A 1 89  ? -11.232 4.911   -6.116  1.00 16.03 ? 89   ALA A CB  1 
ATOM   662  N N   . CYS A 1 90  ? -10.868 5.709   -3.157  1.00 15.47 ? 90   CYS A N   1 
ATOM   663  C CA  . CYS A 1 90  ? -10.573 5.348   -1.777  1.00 15.19 ? 90   CYS A CA  1 
ATOM   664  C C   . CYS A 1 90  ? -11.478 5.999   -0.757  1.00 15.85 ? 90   CYS A C   1 
ATOM   665  O O   . CYS A 1 90  ? -11.637 5.447   0.328   1.00 16.20 ? 90   CYS A O   1 
ATOM   666  C CB  . CYS A 1 90  ? -9.159  5.732   -1.388  1.00 15.04 ? 90   CYS A CB  1 
ATOM   667  S SG  . CYS A 1 90  ? -7.882  4.873   -2.227  1.00 15.22 ? 90   CYS A SG  1 
ATOM   668  N N   . ALA A 1 91  ? -12.039 7.169   -1.061  1.00 16.05 ? 91   ALA A N   1 
ATOM   669  C CA  . ALA A 1 91  ? -12.949 7.845   -0.118  1.00 16.51 ? 91   ALA A CA  1 
ATOM   670  C C   . ALA A 1 91  ? -14.189 7.006   0.161   1.00 17.00 ? 91   ALA A C   1 
ATOM   671  O O   . ALA A 1 91  ? -14.867 7.239   1.162   1.00 17.22 ? 91   ALA A O   1 
ATOM   672  C CB  . ALA A 1 91  ? -13.353 9.239   -0.623  1.00 15.18 ? 91   ALA A CB  1 
ATOM   673  N N   . GLU A 1 92  ? -14.481 6.052   -0.736  1.00 17.92 ? 92   GLU A N   1 
ATOM   674  C CA  . GLU A 1 92  ? -15.600 5.085   -0.572  1.00 18.91 ? 92   GLU A CA  1 
ATOM   675  C C   . GLU A 1 92  ? -15.354 3.997   0.451   1.00 18.68 ? 92   GLU A C   1 
ATOM   676  O O   . GLU A 1 92  ? -16.284 3.376   0.937   1.00 19.15 ? 92   GLU A O   1 
ATOM   677  C CB  . GLU A 1 92  ? -15.819 4.320   -1.883  1.00 19.37 ? 92   GLU A CB  1 
ATOM   678  C CG  . GLU A 1 92  ? -17.107 4.560   -2.472  1.00 21.60 ? 92   GLU A CG  1 
ATOM   679  C CD  . GLU A 1 92  ? -17.405 3.596   -3.573  1.00 22.13 ? 92   GLU A CD  1 
ATOM   680  O OE1 . GLU A 1 92  ? -16.638 3.606   -4.555  1.00 21.19 ? 92   GLU A OE1 1 
ATOM   681  O OE2 . GLU A 1 92  ? -18.411 2.848   -3.443  1.00 23.37 ? 92   GLU A OE2 1 
ATOM   682  N N   . LEU A 1 93  ? -14.091 3.695   0.710   1.00 18.86 ? 93   LEU A N   1 
ATOM   683  C CA  . LEU A 1 93  ? -13.767 2.579   1.572   1.00 19.04 ? 93   LEU A CA  1 
ATOM   684  C C   . LEU A 1 93  ? -14.366 2.807   2.948   1.00 19.93 ? 93   LEU A C   1 
ATOM   685  O O   . LEU A 1 93  ? -14.276 3.910   3.500   1.00 20.76 ? 93   LEU A O   1 
ATOM   686  C CB  . LEU A 1 93  ? -12.265 2.386   1.667   1.00 18.41 ? 93   LEU A CB  1 
ATOM   687  C CG  . LEU A 1 93  ? -11.567 1.941   0.387   1.00 16.92 ? 93   LEU A CG  1 
ATOM   688  C CD1 . LEU A 1 93  ? -10.044 2.078   0.599   1.00 13.64 ? 93   LEU A CD1 1 
ATOM   689  C CD2 . LEU A 1 93  ? -11.961 0.494   -0.067  1.00 14.44 ? 93   LEU A CD2 1 
ATOM   690  N N   . SER A 1 94  ? -15.021 1.765   3.467   1.00 20.38 ? 94   SER A N   1 
ATOM   691  C CA  . SER A 1 94  ? -15.628 1.798   4.790   1.00 20.30 ? 94   SER A CA  1 
ATOM   692  C C   . SER A 1 94  ? -14.699 1.168   5.828   1.00 19.65 ? 94   SER A C   1 
ATOM   693  O O   . SER A 1 94  ? -14.711 1.556   6.998   1.00 19.95 ? 94   SER A O   1 
ATOM   694  C CB  . SER A 1 94  ? -17.002 1.098   4.775   1.00 20.87 ? 94   SER A CB  1 
ATOM   695  O OG  . SER A 1 94  ? -16.867 -0.281  4.493   1.00 22.06 ? 94   SER A OG  1 
ATOM   696  N N   . ALA A 1 95  ? -13.894 0.193   5.421   1.00 19.53 ? 95   ALA A N   1 
ATOM   697  C CA  . ALA A 1 95  ? -12.866 -0.363  6.319   1.00 18.86 ? 95   ALA A CA  1 
ATOM   698  C C   . ALA A 1 95  ? -11.648 0.553   6.287   1.00 18.82 ? 95   ALA A C   1 
ATOM   699  O O   . ALA A 1 95  ? -11.604 1.490   5.512   1.00 19.05 ? 95   ALA A O   1 
ATOM   700  C CB  . ALA A 1 95  ? -12.483 -1.757  5.887   1.00 19.05 ? 95   ALA A CB  1 
ATOM   701  N N   . PRO A 1 96  ? -10.637 0.271   7.126   1.00 18.64 ? 96   PRO A N   1 
ATOM   702  C CA  . PRO A 1 96  ? -9.449  1.116   7.141   1.00 17.70 ? 96   PRO A CA  1 
ATOM   703  C C   . PRO A 1 96  ? -8.600  1.090   5.885   1.00 17.16 ? 96   PRO A C   1 
ATOM   704  O O   . PRO A 1 96  ? -8.464  0.061   5.214   1.00 17.47 ? 96   PRO A O   1 
ATOM   705  C CB  . PRO A 1 96  ? -8.658  0.584   8.329   1.00 18.08 ? 96   PRO A CB  1 
ATOM   706  C CG  . PRO A 1 96  ? -9.730  0.029   9.257   1.00 18.90 ? 96   PRO A CG  1 
ATOM   707  C CD  . PRO A 1 96  ? -10.687 -0.624  8.302   1.00 18.29 ? 96   PRO A CD  1 
ATOM   708  N N   . LEU A 1 97  ? -8.072  2.269   5.577   1.00 16.38 ? 97   LEU A N   1 
ATOM   709  C CA  . LEU A 1 97  ? -7.097  2.505   4.520   1.00 15.42 ? 97   LEU A CA  1 
ATOM   710  C C   . LEU A 1 97  ? -5.802  2.933   5.200   1.00 14.60 ? 97   LEU A C   1 
ATOM   711  O O   . LEU A 1 97  ? -5.763  3.954   5.906   1.00 13.94 ? 97   LEU A O   1 
ATOM   712  C CB  . LEU A 1 97  ? -7.601  3.611   3.599   1.00 14.86 ? 97   LEU A CB  1 
ATOM   713  C CG  . LEU A 1 97  ? -6.688  4.074   2.452   1.00 15.37 ? 97   LEU A CG  1 
ATOM   714  C CD1 . LEU A 1 97  ? -6.318  2.946   1.463   1.00 9.68  ? 97   LEU A CD1 1 
ATOM   715  C CD2 . LEU A 1 97  ? -7.434  5.197   1.764   1.00 13.25 ? 97   LEU A CD2 1 
ATOM   716  N N   . ILE A 1 98  ? -4.749  2.149   5.004   1.00 14.61 ? 98   ILE A N   1 
ATOM   717  C CA  . ILE A 1 98  ? -3.430  2.504   5.535   1.00 14.16 ? 98   ILE A CA  1 
ATOM   718  C C   . ILE A 1 98  ? -2.543  2.783   4.332   1.00 13.75 ? 98   ILE A C   1 
ATOM   719  O O   . ILE A 1 98  ? -2.374  1.931   3.462   1.00 14.24 ? 98   ILE A O   1 
ATOM   720  C CB  . ILE A 1 98  ? -2.816  1.410   6.453   1.00 14.70 ? 98   ILE A CB  1 
ATOM   721  C CG1 . ILE A 1 98  ? -3.874  0.773   7.381   1.00 15.27 ? 98   ILE A CG1 1 
ATOM   722  C CG2 . ILE A 1 98  ? -1.564  1.959   7.263   1.00 13.32 ? 98   ILE A CG2 1 
ATOM   723  C CD1 . ILE A 1 98  ? -4.047  1.435   8.744   1.00 18.70 ? 98   ILE A CD1 1 
ATOM   724  N N   . GLU A 1 99  ? -2.033  4.010   4.273   1.00 12.54 ? 99   GLU A N   1 
ATOM   725  C CA  . GLU A 1 99  ? -1.053  4.419   3.275   1.00 11.97 ? 99   GLU A CA  1 
ATOM   726  C C   . GLU A 1 99  ? 0.366   4.009   3.702   1.00 11.28 ? 99   GLU A C   1 
ATOM   727  O O   . GLU A 1 99  ? 0.784   4.204   4.850   1.00 10.54 ? 99   GLU A O   1 
ATOM   728  C CB  . GLU A 1 99  ? -1.168  5.939   3.064   1.00 12.22 ? 99   GLU A CB  1 
ATOM   729  C CG  . GLU A 1 99  ? -0.303  6.515   1.940   1.00 13.83 ? 99   GLU A CG  1 
ATOM   730  C CD  . GLU A 1 99  ? -0.407  8.030   1.821   1.00 16.22 ? 99   GLU A CD  1 
ATOM   731  O OE1 . GLU A 1 99  ? -1.236  8.650   2.561   1.00 16.13 ? 99   GLU A OE1 1 
ATOM   732  O OE2 . GLU A 1 99  ? 0.356   8.595   1.002   1.00 16.21 ? 99   GLU A OE2 1 
ATOM   733  N N   . VAL A 1 100 ? 1.094   3.390   2.790   1.00 11.48 ? 100  VAL A N   1 
ATOM   734  C CA  . VAL A 1 100 ? 2.440   2.891   3.091   1.00 11.41 ? 100  VAL A CA  1 
ATOM   735  C C   . VAL A 1 100 ? 3.377   3.312   1.989   1.00 11.45 ? 100  VAL A C   1 
ATOM   736  O O   . VAL A 1 100 ? 3.061   3.177   0.825   1.00 12.12 ? 100  VAL A O   1 
ATOM   737  C CB  . VAL A 1 100 ? 2.498   1.364   3.250   1.00 11.57 ? 100  VAL A CB  1 
ATOM   738  C CG1 . VAL A 1 100 ? 3.950   0.903   3.264   1.00 11.30 ? 100  VAL A CG1 1 
ATOM   739  C CG2 . VAL A 1 100 ? 1.755   0.898   4.548   1.00 10.31 ? 100  VAL A CG2 1 
ATOM   740  N N   . HIS A 1 101 ? 4.509   3.871   2.379   1.00 12.19 ? 101  HIS A N   1 
ATOM   741  C CA  . HIS A 1 101 ? 5.631   4.147   1.472   1.00 12.28 ? 101  HIS A CA  1 
ATOM   742  C C   . HIS A 1 101 ? 6.907   3.525   2.050   1.00 12.54 ? 101  HIS A C   1 
ATOM   743  O O   . HIS A 1 101 ? 7.215   3.662   3.247   1.00 11.55 ? 101  HIS A O   1 
ATOM   744  C CB  . HIS A 1 101 ? 5.781   5.657   1.221   1.00 12.11 ? 101  HIS A CB  1 
ATOM   745  C CG  . HIS A 1 101 ? 4.532   6.270   0.666   1.00 14.62 ? 101  HIS A CG  1 
ATOM   746  N ND1 . HIS A 1 101 ? 4.091   6.009   -0.614  1.00 17.82 ? 101  HIS A ND1 1 
ATOM   747  C CD2 . HIS A 1 101 ? 3.598   7.068   1.226   1.00 13.73 ? 101  HIS A CD2 1 
ATOM   748  C CE1 . HIS A 1 101 ? 2.938   6.612   -0.816  1.00 15.68 ? 101  HIS A CE1 1 
ATOM   749  N NE2 . HIS A 1 101 ? 2.629   7.284   0.275   1.00 15.93 ? 101  HIS A NE2 1 
ATOM   750  N N   . ILE A 1 102 ? 7.621   2.813   1.180   1.00 12.62 ? 102  ILE A N   1 
ATOM   751  C CA  . ILE A 1 102 ? 8.841   2.148   1.566   1.00 13.07 ? 102  ILE A CA  1 
ATOM   752  C C   . ILE A 1 102 ? 9.901   3.211   1.947   1.00 13.62 ? 102  ILE A C   1 
ATOM   753  O O   . ILE A 1 102 ? 10.466  3.164   3.057   1.00 14.01 ? 102  ILE A O   1 
ATOM   754  C CB  . ILE A 1 102 ? 9.325   1.193   0.438   1.00 13.27 ? 102  ILE A CB  1 
ATOM   755  C CG1 . ILE A 1 102 ? 8.290   0.068   0.193   1.00 11.41 ? 102  ILE A CG1 1 
ATOM   756  C CG2 . ILE A 1 102 ? 10.696  0.599   0.788   1.00 14.20 ? 102  ILE A CG2 1 
ATOM   757  C CD1 . ILE A 1 102 ? 8.616   -0.777  -1.001  1.00 12.54 ? 102  ILE A CD1 1 
ATOM   758  N N   . SER A 1 103 ? 10.129  4.184   1.062   1.00 13.26 ? 103  SER A N   1 
ATOM   759  C CA  . SER A 1 103 ? 11.074  5.267   1.328   1.00 13.16 ? 103  SER A CA  1 
ATOM   760  C C   . SER A 1 103 ? 10.465  6.358   2.234   1.00 13.65 ? 103  SER A C   1 
ATOM   761  O O   . SER A 1 103 ? 9.224   6.466   2.378   1.00 13.63 ? 103  SER A O   1 
ATOM   762  C CB  . SER A 1 103 ? 11.544  5.879   0.002   1.00 13.47 ? 103  SER A CB  1 
ATOM   763  O OG  . SER A 1 103 ? 10.527  6.654   -0.652  1.00 13.27 ? 103  SER A OG  1 
ATOM   764  N N   . ASN A 1 104 ? 11.327  7.157   2.867   1.00 13.79 ? 104  ASN A N   1 
ATOM   765  C CA  . ASN A 1 104 ? 10.858  8.335   3.588   1.00 14.30 ? 104  ASN A CA  1 
ATOM   766  C C   . ASN A 1 104 ? 10.597  9.476   2.608   1.00 14.70 ? 104  ASN A C   1 
ATOM   767  O O   . ASN A 1 104 ? 11.515  10.204  2.245   1.00 14.82 ? 104  ASN A O   1 
ATOM   768  C CB  . ASN A 1 104 ? 11.855  8.777   4.674   1.00 14.22 ? 104  ASN A CB  1 
ATOM   769  C CG  . ASN A 1 104 ? 11.291  9.872   5.560   1.00 14.57 ? 104  ASN A CG  1 
ATOM   770  O OD1 . ASN A 1 104 ? 10.306  10.526  5.202   1.00 14.92 ? 104  ASN A OD1 1 
ATOM   771  N ND2 . ASN A 1 104 ? 11.913  10.090  6.718   1.00 16.42 ? 104  ASN A ND2 1 
ATOM   772  N N   . VAL A 1 105 ? 9.344   9.614   2.179   1.00 15.36 ? 105  VAL A N   1 
ATOM   773  C CA  . VAL A 1 105 ? 8.961   10.614  1.180   1.00 15.59 ? 105  VAL A CA  1 
ATOM   774  C C   . VAL A 1 105 ? 9.280   12.066  1.625   1.00 15.93 ? 105  VAL A C   1 
ATOM   775  O O   . VAL A 1 105 ? 9.452   12.954  0.784   1.00 16.32 ? 105  VAL A O   1 
ATOM   776  C CB  . VAL A 1 105 ? 7.428   10.488  0.761   1.00 15.58 ? 105  VAL A CB  1 
ATOM   777  C CG1 . VAL A 1 105 ? 7.102   9.097   0.143   1.00 13.79 ? 105  VAL A CG1 1 
ATOM   778  C CG2 . VAL A 1 105 ? 6.527   10.738  1.924   1.00 16.72 ? 105  VAL A CG2 1 
ATOM   779  N N   . HIS A 1 106 ? 9.399   12.301  2.930   1.00 15.84 ? 106  HIS A N   1 
ATOM   780  C CA  . HIS A 1 106 ? 9.700   13.646  3.455   1.00 15.57 ? 106  HIS A CA  1 
ATOM   781  C C   . HIS A 1 106 ? 11.186  13.993  3.408   1.00 16.05 ? 106  HIS A C   1 
ATOM   782  O O   . HIS A 1 106 ? 11.574  15.122  3.684   1.00 17.29 ? 106  HIS A O   1 
ATOM   783  C CB  . HIS A 1 106 ? 9.067   13.830  4.857   1.00 15.45 ? 106  HIS A CB  1 
ATOM   784  C CG  . HIS A 1 106 ? 7.587   13.533  4.883   1.00 16.45 ? 106  HIS A CG  1 
ATOM   785  N ND1 . HIS A 1 106 ? 6.648   14.396  4.369   1.00 17.53 ? 106  HIS A ND1 1 
ATOM   786  C CD2 . HIS A 1 106 ? 6.901   12.443  5.307   1.00 18.55 ? 106  HIS A CD2 1 
ATOM   787  C CE1 . HIS A 1 106 ? 5.443   13.855  4.485   1.00 22.61 ? 106  HIS A CE1 1 
ATOM   788  N NE2 . HIS A 1 106 ? 5.568   12.674  5.067   1.00 20.18 ? 106  HIS A NE2 1 
ATOM   789  N N   . ALA A 1 107 ? 12.030  13.049  3.021   1.00 16.66 ? 107  ALA A N   1 
ATOM   790  C CA  . ALA A 1 107 ? 13.464  13.290  2.886   1.00 17.35 ? 107  ALA A CA  1 
ATOM   791  C C   . ALA A 1 107 ? 13.906  13.380  1.431   1.00 18.34 ? 107  ALA A C   1 
ATOM   792  O O   . ALA A 1 107 ? 15.105  13.305  1.144   1.00 19.56 ? 107  ALA A O   1 
ATOM   793  C CB  . ALA A 1 107 ? 14.281  12.180  3.595   1.00 17.33 ? 107  ALA A CB  1 
ATOM   794  N N   . ARG A 1 108 ? 12.947  13.507  0.521   1.00 19.08 ? 108  ARG A N   1 
ATOM   795  C CA  . ARG A 1 108 ? 13.203  13.498  -0.907  1.00 19.77 ? 108  ARG A CA  1 
ATOM   796  C C   . ARG A 1 108 ? 12.773  14.863  -1.474  1.00 20.41 ? 108  ARG A C   1 
ATOM   797  O O   . ARG A 1 108 ? 12.893  15.883  -0.772  1.00 20.61 ? 108  ARG A O   1 
ATOM   798  C CB  . ARG A 1 108 ? 12.439  12.323  -1.517  1.00 19.77 ? 108  ARG A CB  1 
ATOM   799  C CG  . ARG A 1 108 ? 12.923  10.955  -0.954  1.00 22.02 ? 108  ARG A CG  1 
ATOM   800  C CD  . ARG A 1 108 ? 12.161  9.789   -1.578  1.00 21.58 ? 108  ARG A CD  1 
ATOM   801  N NE  . ARG A 1 108 ? 12.586  9.596   -2.953  1.00 22.30 ? 108  ARG A NE  1 
ATOM   802  C CZ  . ARG A 1 108 ? 12.277  8.545   -3.701  1.00 23.45 ? 108  ARG A CZ  1 
ATOM   803  N NH1 . ARG A 1 108 ? 11.505  7.574   -3.247  1.00 22.44 ? 108  ARG A NH1 1 
ATOM   804  N NH2 . ARG A 1 108 ? 12.755  8.470   -4.926  1.00 27.34 ? 108  ARG A NH2 1 
ATOM   805  N N   . GLU A 1 109 ? 12.299  14.902  -2.719  1.00 20.44 ? 109  GLU A N   1 
ATOM   806  C CA  . GLU A 1 109 ? 11.880  16.154  -3.304  1.00 20.78 ? 109  GLU A CA  1 
ATOM   807  C C   . GLU A 1 109 ? 10.591  16.610  -2.653  1.00 21.17 ? 109  GLU A C   1 
ATOM   808  O O   . GLU A 1 109 ? 9.779   15.806  -2.207  1.00 21.92 ? 109  GLU A O   1 
ATOM   809  C CB  . GLU A 1 109 ? 11.662  16.041  -4.818  1.00 21.29 ? 109  GLU A CB  1 
ATOM   810  C CG  . GLU A 1 109 ? 12.879  15.634  -5.644  1.00 20.63 ? 109  GLU A CG  1 
ATOM   811  C CD  . GLU A 1 109 ? 12.923  14.139  -5.861  1.00 23.65 ? 109  GLU A CD  1 
ATOM   812  O OE1 . GLU A 1 109 ? 12.244  13.401  -5.104  1.00 18.95 ? 109  GLU A OE1 1 
ATOM   813  O OE2 . GLU A 1 109 ? 13.654  13.695  -6.781  1.00 28.35 ? 109  GLU A OE2 1 
ATOM   814  N N   . GLU A 1 110 ? 10.416  17.918  -2.637  1.00 21.79 ? 110  GLU A N   1 
ATOM   815  C CA  . GLU A 1 110 ? 9.241   18.598  -2.086  1.00 21.91 ? 110  GLU A CA  1 
ATOM   816  C C   . GLU A 1 110 ? 7.935   18.084  -2.651  1.00 21.03 ? 110  GLU A C   1 
ATOM   817  O O   . GLU A 1 110 ? 6.941   17.948  -1.916  1.00 21.30 ? 110  GLU A O   1 
ATOM   818  C CB  . GLU A 1 110 ? 9.378   20.078  -2.379  1.00 22.59 ? 110  GLU A CB  1 
ATOM   819  C CG  . GLU A 1 110 ? 8.177   20.942  -2.024  1.00 27.90 ? 110  GLU A CG  1 
ATOM   820  C CD  . GLU A 1 110 ? 7.882   20.913  -0.542  1.00 35.75 ? 110  GLU A CD  1 
ATOM   821  O OE1 . GLU A 1 110 ? 8.856   20.709  0.249   1.00 39.52 ? 110  GLU A OE1 1 
ATOM   822  O OE2 . GLU A 1 110 ? 6.678   21.078  -0.173  1.00 41.52 ? 110  GLU A OE2 1 
ATOM   823  N N   . PHE A 1 111 ? 7.911   17.769  -3.939  1.00 19.83 ? 111  PHE A N   1 
ATOM   824  C CA  . PHE A 1 111 ? 6.665   17.262  -4.520  1.00 19.05 ? 111  PHE A CA  1 
ATOM   825  C C   . PHE A 1 111 ? 6.164   15.963  -3.912  1.00 18.29 ? 111  PHE A C   1 
ATOM   826  O O   . PHE A 1 111 ? 4.961   15.715  -3.952  1.00 19.71 ? 111  PHE A O   1 
ATOM   827  C CB  . PHE A 1 111 ? 6.721   17.151  -6.054  1.00 19.35 ? 111  PHE A CB  1 
ATOM   828  C CG  . PHE A 1 111 ? 7.707   16.162  -6.600  1.00 17.98 ? 111  PHE A CG  1 
ATOM   829  C CD1 . PHE A 1 111 ? 7.408   14.811  -6.666  1.00 19.64 ? 111  PHE A CD1 1 
ATOM   830  C CD2 . PHE A 1 111 ? 8.882   16.606  -7.181  1.00 17.90 ? 111  PHE A CD2 1 
ATOM   831  C CE1 . PHE A 1 111 ? 8.307   13.923  -7.220  1.00 18.00 ? 111  PHE A CE1 1 
ATOM   832  C CE2 . PHE A 1 111 ? 9.767   15.728  -7.744  1.00 17.27 ? 111  PHE A CE2 1 
ATOM   833  C CZ  . PHE A 1 111 ? 9.495   14.398  -7.767  1.00 18.52 ? 111  PHE A CZ  1 
ATOM   834  N N   . ARG A 1 112 ? 7.067   15.150  -3.356  1.00 16.76 ? 112  ARG A N   1 
ATOM   835  C CA  . ARG A 1 112 ? 6.720   13.897  -2.664  1.00 15.75 ? 112  ARG A CA  1 
ATOM   836  C C   . ARG A 1 112 ? 6.168   14.054  -1.230  1.00 15.17 ? 112  ARG A C   1 
ATOM   837  O O   . ARG A 1 112 ? 5.674   13.106  -0.631  1.00 14.93 ? 112  ARG A O   1 
ATOM   838  C CB  . ARG A 1 112 ? 7.933   12.981  -2.632  1.00 15.56 ? 112  ARG A CB  1 
ATOM   839  C CG  . ARG A 1 112 ? 8.412   12.556  -4.015  1.00 15.89 ? 112  ARG A CG  1 
ATOM   840  C CD  . ARG A 1 112 ? 9.457   11.435  -3.921  1.00 15.58 ? 112  ARG A CD  1 
ATOM   841  N NE  . ARG A 1 112 ? 10.237  11.398  -5.150  1.00 16.98 ? 112  ARG A NE  1 
ATOM   842  C CZ  . ARG A 1 112 ? 9.913   10.713  -6.245  1.00 16.93 ? 112  ARG A CZ  1 
ATOM   843  N NH1 . ARG A 1 112 ? 8.815   9.933   -6.275  1.00 16.99 ? 112  ARG A NH1 1 
ATOM   844  N NH2 . ARG A 1 112 ? 10.698  10.802  -7.308  1.00 17.69 ? 112  ARG A NH2 1 
ATOM   845  N N   . ARG A 1 113 ? 6.230   15.250  -0.685  1.00 15.18 ? 113  ARG A N   1 
ATOM   846  C CA  . ARG A 1 113 ? 5.745   15.496  0.682   1.00 15.47 ? 113  ARG A CA  1 
ATOM   847  C C   . ARG A 1 113 ? 4.251   15.850  0.720   1.00 15.65 ? 113  ARG A C   1 
ATOM   848  O O   . ARG A 1 113 ? 3.723   16.173  1.766   1.00 17.46 ? 113  ARG A O   1 
ATOM   849  C CB  . ARG A 1 113 ? 6.588   16.599  1.323   1.00 15.22 ? 113  ARG A CB  1 
ATOM   850  C CG  . ARG A 1 113 ? 8.084   16.301  1.181   1.00 17.02 ? 113  ARG A CG  1 
ATOM   851  C CD  . ARG A 1 113 ? 8.932   17.239  2.010   1.00 21.05 ? 113  ARG A CD  1 
ATOM   852  N NE  . ARG A 1 113 ? 8.562   17.185  3.436   1.00 23.64 ? 113  ARG A NE  1 
ATOM   853  C CZ  . ARG A 1 113 ? 9.105   17.932  4.404   1.00 23.71 ? 113  ARG A CZ  1 
ATOM   854  N NH1 . ARG A 1 113 ? 10.071  18.820  4.129   1.00 23.94 ? 113  ARG A NH1 1 
ATOM   855  N NH2 . ARG A 1 113 ? 8.695   17.770  5.662   1.00 23.56 ? 113  ARG A NH2 1 
ATOM   856  N N   . HIS A 1 114 ? 3.569   15.795  -0.417  1.00 14.94 ? 114  HIS A N   1 
ATOM   857  C CA  . HIS A 1 114 ? 2.126   15.941  -0.465  1.00 14.28 ? 114  HIS A CA  1 
ATOM   858  C C   . HIS A 1 114 ? 1.529   14.689  -1.083  1.00 13.72 ? 114  HIS A C   1 
ATOM   859  O O   . HIS A 1 114 ? 1.957   14.248  -2.164  1.00 13.85 ? 114  HIS A O   1 
ATOM   860  C CB  A HIS A 1 114 ? 1.827   17.244  -1.208  0.50 14.70 ? 114  HIS A CB  1 
ATOM   861  C CB  B HIS A 1 114 ? 1.656   17.139  -1.313  0.50 13.93 ? 114  HIS A CB  1 
ATOM   862  C CG  A HIS A 1 114 ? 2.701   18.370  -0.744  0.50 16.33 ? 114  HIS A CG  1 
ATOM   863  C CG  B HIS A 1 114 ? 0.211   17.048  -1.743  0.50 12.21 ? 114  HIS A CG  1 
ATOM   864  N ND1 A HIS A 1 114 ? 2.513   19.006  0.469   0.50 18.58 ? 114  HIS A ND1 1 
ATOM   865  N ND1 B HIS A 1 114 ? -0.835  17.434  -0.931  0.50 10.66 ? 114  HIS A ND1 1 
ATOM   866  C CD2 A HIS A 1 114 ? 3.820   18.914  -1.283  0.50 16.93 ? 114  HIS A CD2 1 
ATOM   867  C CD2 B HIS A 1 114 ? -0.353  16.608  -2.893  0.50 10.23 ? 114  HIS A CD2 1 
ATOM   868  C CE1 A HIS A 1 114 ? 3.460   19.912  0.641   0.50 17.19 ? 114  HIS A CE1 1 
ATOM   869  C CE1 B HIS A 1 114 ? -1.977  17.252  -1.568  0.50 11.08 ? 114  HIS A CE1 1 
ATOM   870  N NE2 A HIS A 1 114 ? 4.269   19.873  -0.404  0.50 17.20 ? 114  HIS A NE2 1 
ATOM   871  N NE2 B HIS A 1 114 ? -1.712  16.749  -2.760  0.50 10.79 ? 114  HIS A NE2 1 
ATOM   872  N N   . SER A 1 115 ? 0.579   14.115  -0.345  1.00 13.06 ? 115  SER A N   1 
ATOM   873  C CA  . SER A 1 115 ? -0.190  12.953  -0.739  1.00 13.47 ? 115  SER A CA  1 
ATOM   874  C C   . SER A 1 115 ? -1.651  13.346  -0.806  1.00 13.31 ? 115  SER A C   1 
ATOM   875  O O   . SER A 1 115 ? -2.175  13.908  0.168   1.00 12.65 ? 115  SER A O   1 
ATOM   876  C CB  . SER A 1 115 ? -0.039  11.856  0.324   1.00 13.46 ? 115  SER A CB  1 
ATOM   877  O OG  . SER A 1 115 ? -0.915  10.768  0.086   1.00 14.45 ? 115  SER A OG  1 
ATOM   878  N N   . TYR A 1 116 ? -2.309  13.050  -1.930  1.00 13.25 ? 116  TYR A N   1 
ATOM   879  C CA  . TYR A 1 116 ? -3.780  13.177  -2.030  1.00 13.24 ? 116  TYR A CA  1 
ATOM   880  C C   . TYR A 1 116 ? -4.491  12.094  -1.220  1.00 13.30 ? 116  TYR A C   1 
ATOM   881  O O   . TYR A 1 116 ? -5.698  12.190  -0.993  1.00 15.19 ? 116  TYR A O   1 
ATOM   882  C CB  . TYR A 1 116 ? -4.282  13.069  -3.459  1.00 13.29 ? 116  TYR A CB  1 
ATOM   883  C CG  . TYR A 1 116 ? -4.100  14.277  -4.306  1.00 15.67 ? 116  TYR A CG  1 
ATOM   884  C CD1 . TYR A 1 116 ? -4.918  15.386  -4.159  1.00 17.42 ? 116  TYR A CD1 1 
ATOM   885  C CD2 . TYR A 1 116 ? -3.107  14.322  -5.273  1.00 18.13 ? 116  TYR A CD2 1 
ATOM   886  C CE1 . TYR A 1 116 ? -4.738  16.512  -4.946  1.00 17.64 ? 116  TYR A CE1 1 
ATOM   887  C CE2 . TYR A 1 116 ? -2.929  15.431  -6.062  1.00 18.16 ? 116  TYR A CE2 1 
ATOM   888  C CZ  . TYR A 1 116 ? -3.755  16.519  -5.912  1.00 19.30 ? 116  TYR A CZ  1 
ATOM   889  O OH  . TYR A 1 116 ? -3.555  17.638  -6.727  1.00 23.52 ? 116  TYR A OH  1 
ATOM   890  N N   . LEU A 1 117 ? -3.770  11.062  -0.789  1.00 12.51 ? 117  LEU A N   1 
ATOM   891  C CA  . LEU A 1 117 ? -4.369  9.970   -0.042  1.00 11.47 ? 117  LEU A CA  1 
ATOM   892  C C   . LEU A 1 117 ? -4.357  10.163  1.476   1.00 10.90 ? 117  LEU A C   1 
ATOM   893  O O   . LEU A 1 117 ? -5.269  9.745   2.153   1.00 11.25 ? 117  LEU A O   1 
ATOM   894  C CB  . LEU A 1 117 ? -3.644  8.665   -0.397  1.00 11.83 ? 117  LEU A CB  1 
ATOM   895  C CG  . LEU A 1 117 ? -3.708  8.230   -1.843  1.00 11.39 ? 117  LEU A CG  1 
ATOM   896  C CD1 . LEU A 1 117 ? -2.791  7.027   -2.040  1.00 11.00 ? 117  LEU A CD1 1 
ATOM   897  C CD2 . LEU A 1 117 ? -5.197  7.944   -2.229  1.00 11.03 ? 117  LEU A CD2 1 
ATOM   898  N N   . SER A 1 118 ? -3.328  10.791  2.020   1.00 11.00 ? 118  SER A N   1 
ATOM   899  C CA  . SER A 1 118 ? -3.187  10.886  3.469   1.00 11.32 ? 118  SER A CA  1 
ATOM   900  C C   . SER A 1 118 ? -4.405  11.467  4.176   1.00 11.33 ? 118  SER A C   1 
ATOM   901  O O   . SER A 1 118 ? -4.774  10.944  5.232   1.00 12.53 ? 118  SER A O   1 
ATOM   902  C CB  . SER A 1 118 ? -1.906  11.636  3.841   1.00 10.78 ? 118  SER A CB  1 
ATOM   903  O OG  . SER A 1 118 ? -0.778  10.985  3.274   1.00 12.43 ? 118  SER A OG  1 
ATOM   904  N N   . PRO A 1 119 ? -5.038  12.514  3.612   1.00 11.25 ? 119  PRO A N   1 
ATOM   905  C CA  . PRO A 1 119 ? -6.191  13.122  4.280   1.00 12.13 ? 119  PRO A CA  1 
ATOM   906  C C   . PRO A 1 119 ? -7.389  12.180  4.489   1.00 13.13 ? 119  PRO A C   1 
ATOM   907  O O   . PRO A 1 119 ? -8.172  12.349  5.439   1.00 12.94 ? 119  PRO A O   1 
ATOM   908  C CB  . PRO A 1 119 ? -6.571  14.284  3.340   1.00 12.41 ? 119  PRO A CB  1 
ATOM   909  C CG  . PRO A 1 119 ? -5.280  14.700  2.703   1.00 11.40 ? 119  PRO A CG  1 
ATOM   910  C CD  . PRO A 1 119 ? -4.590  13.355  2.469   1.00 12.02 ? 119  PRO A CD  1 
ATOM   911  N N   . ILE A 1 120 ? -7.518  11.183  3.622   1.00 13.56 ? 120  ILE A N   1 
ATOM   912  C CA  . ILE A 1 120 ? -8.617  10.238  3.742   1.00 13.53 ? 120  ILE A CA  1 
ATOM   913  C C   . ILE A 1 120 ? -8.200  8.879   4.296   1.00 13.24 ? 120  ILE A C   1 
ATOM   914  O O   . ILE A 1 120 ? -9.043  8.068   4.571   1.00 13.65 ? 120  ILE A O   1 
ATOM   915  C CB  . ILE A 1 120 ? -9.368  10.096  2.423   1.00 14.04 ? 120  ILE A CB  1 
ATOM   916  C CG1 . ILE A 1 120 ? -8.448  9.563   1.334   1.00 14.09 ? 120  ILE A CG1 1 
ATOM   917  C CG2 . ILE A 1 120 ? -9.989  11.472  2.029   1.00 14.21 ? 120  ILE A CG2 1 
ATOM   918  C CD1 . ILE A 1 120 ? -9.135  9.469   0.050   1.00 17.16 ? 120  ILE A CD1 1 
ATOM   919  N N   . ALA A 1 121 ? -6.905  8.645   4.486   1.00 13.17 ? 121  ALA A N   1 
ATOM   920  C CA  . ALA A 1 121 ? -6.417  7.374   5.012   1.00 12.45 ? 121  ALA A CA  1 
ATOM   921  C C   . ALA A 1 121 ? -6.695  7.355   6.489   1.00 12.46 ? 121  ALA A C   1 
ATOM   922  O O   . ALA A 1 121 ? -6.912  8.392   7.092   1.00 13.19 ? 121  ALA A O   1 
ATOM   923  C CB  . ALA A 1 121 ? -4.929  7.227   4.750   1.00 12.23 ? 121  ALA A CB  1 
ATOM   924  N N   . THR A 1 122 ? -6.706  6.164   7.077   1.00 12.98 ? 122  THR A N   1 
ATOM   925  C CA  . THR A 1 122 ? -6.784  6.024   8.531   1.00 12.32 ? 122  THR A CA  1 
ATOM   926  C C   . THR A 1 122 ? -5.456  6.507   9.147   1.00 12.44 ? 122  THR A C   1 
ATOM   927  O O   . THR A 1 122 ? -5.430  7.292   10.125  1.00 12.49 ? 122  THR A O   1 
ATOM   928  C CB  . THR A 1 122 ? -7.014  4.553   8.926   1.00 12.43 ? 122  THR A CB  1 
ATOM   929  O OG1 . THR A 1 122 ? -8.180  4.049   8.253   1.00 13.01 ? 122  THR A OG1 1 
ATOM   930  C CG2 . THR A 1 122 ? -7.208  4.408   10.417  1.00 11.90 ? 122  THR A CG2 1 
ATOM   931  N N   . GLY A 1 123 ? -4.362  6.025   8.558   1.00 12.07 ? 123  GLY A N   1 
ATOM   932  C CA  . GLY A 1 123 ? -3.019  6.417   8.953   1.00 11.72 ? 123  GLY A CA  1 
ATOM   933  C C   . GLY A 1 123 ? -2.033  6.198   7.827   1.00 11.68 ? 123  GLY A C   1 
ATOM   934  O O   . GLY A 1 123 ? -2.406  5.694   6.788   1.00 11.57 ? 123  GLY A O   1 
ATOM   935  N N   . VAL A 1 124 ? -0.764  6.545   8.077   1.00 11.70 ? 124  VAL A N   1 
ATOM   936  C CA  . VAL A 1 124 ? 0.299   6.515   7.082   1.00 11.18 ? 124  VAL A CA  1 
ATOM   937  C C   . VAL A 1 124 ? 1.574   5.987   7.728   1.00 11.46 ? 124  VAL A C   1 
ATOM   938  O O   . VAL A 1 124 ? 1.892   6.363   8.832   1.00 11.89 ? 124  VAL A O   1 
ATOM   939  C CB  . VAL A 1 124 ? 0.573   7.948   6.499   1.00 11.10 ? 124  VAL A CB  1 
ATOM   940  C CG1 . VAL A 1 124 ? 1.480   7.890   5.222   1.00 9.52  ? 124  VAL A CG1 1 
ATOM   941  C CG2 . VAL A 1 124 ? -0.758  8.663   6.228   1.00 8.97  ? 124  VAL A CG2 1 
ATOM   942  N N   . ILE A 1 125 ? 2.281   5.091   7.041   1.00 11.57 ? 125  ILE A N   1 
ATOM   943  C CA  . ILE A 1 125 ? 3.584   4.623   7.495   1.00 10.59 ? 125  ILE A CA  1 
ATOM   944  C C   . ILE A 1 125 ? 4.518   4.937   6.359   1.00 10.59 ? 125  ILE A C   1 
ATOM   945  O O   . ILE A 1 125 ? 4.221   4.554   5.238   1.00 11.54 ? 125  ILE A O   1 
ATOM   946  C CB  . ILE A 1 125 ? 3.591   3.113   7.812   1.00 10.37 ? 125  ILE A CB  1 
ATOM   947  C CG1 . ILE A 1 125 ? 2.517   2.758   8.841   1.00 10.97 ? 125  ILE A CG1 1 
ATOM   948  C CG2 . ILE A 1 125 ? 4.937   2.677   8.383   1.00 8.86  ? 125  ILE A CG2 1 
ATOM   949  C CD1 . ILE A 1 125 ? 2.337   1.234   9.088   1.00 9.67  ? 125  ILE A CD1 1 
ATOM   950  N N   . VAL A 1 126 ? 5.581   5.718   6.613   1.00 10.25 ? 126  VAL A N   1 
ATOM   951  C CA  . VAL A 1 126 ? 6.628   5.967   5.588   1.00 10.15 ? 126  VAL A CA  1 
ATOM   952  C C   . VAL A 1 126 ? 8.033   5.750   6.142   1.00 10.49 ? 126  VAL A C   1 
ATOM   953  O O   . VAL A 1 126 ? 8.290   5.963   7.334   1.00 9.72  ? 126  VAL A O   1 
ATOM   954  C CB  . VAL A 1 126 ? 6.542   7.381   4.905   1.00 9.84  ? 126  VAL A CB  1 
ATOM   955  C CG1 . VAL A 1 126 ? 5.087   7.733   4.632   1.00 8.44  ? 126  VAL A CG1 1 
ATOM   956  C CG2 . VAL A 1 126 ? 7.264   8.479   5.712   1.00 7.21  ? 126  VAL A CG2 1 
ATOM   957  N N   . GLY A 1 127 ? 8.911   5.295   5.265   1.00 10.96 ? 127  GLY A N   1 
ATOM   958  C CA  . GLY A 1 127 ? 10.340  5.244   5.542   1.00 12.21 ? 127  GLY A CA  1 
ATOM   959  C C   . GLY A 1 127 ? 10.822  4.050   6.358   1.00 12.77 ? 127  GLY A C   1 
ATOM   960  O O   . GLY A 1 127 ? 12.004  3.982   6.694   1.00 13.24 ? 127  GLY A O   1 
ATOM   961  N N   . LEU A 1 128 ? 9.917   3.124   6.669   1.00 13.70 ? 128  LEU A N   1 
ATOM   962  C CA  . LEU A 1 128 ? 10.236  1.946   7.480   1.00 14.03 ? 128  LEU A CA  1 
ATOM   963  C C   . LEU A 1 128 ? 10.475  0.724   6.625   1.00 14.58 ? 128  LEU A C   1 
ATOM   964  O O   . LEU A 1 128 ? 10.472  -0.415  7.122   1.00 15.18 ? 128  LEU A O   1 
ATOM   965  C CB  . LEU A 1 128 ? 9.128   1.685   8.505   1.00 13.92 ? 128  LEU A CB  1 
ATOM   966  C CG  . LEU A 1 128 ? 8.945   2.835   9.532   1.00 13.92 ? 128  LEU A CG  1 
ATOM   967  C CD1 . LEU A 1 128 ? 7.911   2.450   10.611  1.00 11.94 ? 128  LEU A CD1 1 
ATOM   968  C CD2 . LEU A 1 128 ? 10.297  3.296   10.180  1.00 11.92 ? 128  LEU A CD2 1 
ATOM   969  N N   . GLY A 1 129 ? 10.716  0.961   5.338   1.00 14.82 ? 129  GLY A N   1 
ATOM   970  C CA  . GLY A 1 129 ? 11.090  -0.096  4.433   1.00 14.49 ? 129  GLY A CA  1 
ATOM   971  C C   . GLY A 1 129 ? 9.898   -1.012  4.215   1.00 15.12 ? 129  GLY A C   1 
ATOM   972  O O   . GLY A 1 129 ? 8.742   -0.634  4.427   1.00 13.99 ? 129  GLY A O   1 
ATOM   973  N N   . ILE A 1 130 ? 10.199  -2.230  3.807   1.00 15.66 ? 130  ILE A N   1 
ATOM   974  C CA  . ILE A 1 130 ? 9.176   -3.251  3.588   1.00 17.04 ? 130  ILE A CA  1 
ATOM   975  C C   . ILE A 1 130 ? 8.404   -3.632  4.868   1.00 16.50 ? 130  ILE A C   1 
ATOM   976  O O   . ILE A 1 130 ? 7.216   -3.969  4.821   1.00 16.86 ? 130  ILE A O   1 
ATOM   977  C CB  . ILE A 1 130 ? 9.836   -4.442  2.887   1.00 18.00 ? 130  ILE A CB  1 
ATOM   978  C CG1 . ILE A 1 130 ? 9.762   -4.174  1.383   1.00 18.67 ? 130  ILE A CG1 1 
ATOM   979  C CG2 . ILE A 1 130 ? 9.215   -5.767  3.253   1.00 20.29 ? 130  ILE A CG2 1 
ATOM   980  C CD1 . ILE A 1 130 ? 10.838  -4.897  0.658   1.00 23.48 ? 130  ILE A CD1 1 
ATOM   981  N N   . GLN A 1 131 ? 9.044   -3.503  6.013   1.00 16.04 ? 131  GLN A N   1 
ATOM   982  C CA  . GLN A 1 131 ? 8.344   -3.735  7.262   1.00 15.91 ? 131  GLN A CA  1 
ATOM   983  C C   . GLN A 1 131 ? 7.123   -2.833  7.490   1.00 15.39 ? 131  GLN A C   1 
ATOM   984  O O   . GLN A 1 131 ? 6.251   -3.184  8.272   1.00 15.32 ? 131  GLN A O   1 
ATOM   985  C CB  . GLN A 1 131 ? 9.306   -3.642  8.447   1.00 15.87 ? 131  GLN A CB  1 
ATOM   986  C CG  . GLN A 1 131 ? 8.782   -4.457  9.632   1.00 17.33 ? 131  GLN A CG  1 
ATOM   987  C CD  . GLN A 1 131 ? 9.652   -4.306  10.823  1.00 19.38 ? 131  GLN A CD  1 
ATOM   988  O OE1 . GLN A 1 131 ? 10.752  -3.758  10.719  1.00 20.40 ? 131  GLN A OE1 1 
ATOM   989  N NE2 . GLN A 1 131 ? 9.177   -4.781  11.978  1.00 18.79 ? 131  GLN A NE2 1 
ATOM   990  N N   . GLY A 1 132 ? 7.034   -1.681  6.830   1.00 14.88 ? 132  GLY A N   1 
ATOM   991  C CA  . GLY A 1 132 ? 5.807   -0.867  6.929   1.00 14.58 ? 132  GLY A CA  1 
ATOM   992  C C   . GLY A 1 132 ? 4.542   -1.637  6.573   1.00 14.00 ? 132  GLY A C   1 
ATOM   993  O O   . GLY A 1 132 ? 3.485   -1.445  7.180   1.00 14.77 ? 132  GLY A O   1 
ATOM   994  N N   . TYR A 1 133 ? 4.632   -2.509  5.580   1.00 13.28 ? 133  TYR A N   1 
ATOM   995  C CA  . TYR A 1 133 ? 3.491   -3.339  5.188   1.00 13.05 ? 133  TYR A CA  1 
ATOM   996  C C   . TYR A 1 133 ? 3.086   -4.303  6.290   1.00 13.36 ? 133  TYR A C   1 
ATOM   997  O O   . TYR A 1 133 ? 1.910   -4.498  6.564   1.00 14.48 ? 133  TYR A O   1 
ATOM   998  C CB  . TYR A 1 133 ? 3.821   -4.163  3.969   1.00 12.71 ? 133  TYR A CB  1 
ATOM   999  C CG  . TYR A 1 133 ? 3.956   -3.390  2.680   1.00 14.13 ? 133  TYR A CG  1 
ATOM   1000 C CD1 . TYR A 1 133 ? 2.840   -3.098  1.894   1.00 13.75 ? 133  TYR A CD1 1 
ATOM   1001 C CD2 . TYR A 1 133 ? 5.204   -2.993  2.222   1.00 14.53 ? 133  TYR A CD2 1 
ATOM   1002 C CE1 . TYR A 1 133 ? 2.962   -2.419  0.705   1.00 13.78 ? 133  TYR A CE1 1 
ATOM   1003 C CE2 . TYR A 1 133 ? 5.331   -2.311  1.023   1.00 13.94 ? 133  TYR A CE2 1 
ATOM   1004 C CZ  . TYR A 1 133 ? 4.211   -2.036  0.266   1.00 14.01 ? 133  TYR A CZ  1 
ATOM   1005 O OH  . TYR A 1 133 ? 4.370   -1.365  -0.936  1.00 14.75 ? 133  TYR A OH  1 
ATOM   1006 N N   . LEU A 1 134 ? 4.084   -4.898  6.928   1.00 13.31 ? 134  LEU A N   1 
ATOM   1007 C CA  . LEU A 1 134 ? 3.871   -5.808  8.030   1.00 13.09 ? 134  LEU A CA  1 
ATOM   1008 C C   . LEU A 1 134 ? 3.283   -5.092  9.238   1.00 12.35 ? 134  LEU A C   1 
ATOM   1009 O O   . LEU A 1 134 ? 2.426   -5.621  9.928   1.00 11.99 ? 134  LEU A O   1 
ATOM   1010 C CB  . LEU A 1 134 ? 5.185   -6.499  8.383   1.00 13.08 ? 134  LEU A CB  1 
ATOM   1011 C CG  . LEU A 1 134 ? 5.884   -7.181  7.197   1.00 15.71 ? 134  LEU A CG  1 
ATOM   1012 C CD1 . LEU A 1 134 ? 7.056   -8.076  7.663   1.00 17.41 ? 134  LEU A CD1 1 
ATOM   1013 C CD2 . LEU A 1 134 ? 4.922   -7.942  6.305   1.00 13.56 ? 134  LEU A CD2 1 
ATOM   1014 N N   . LEU A 1 135 ? 3.735   -3.874  9.488   1.00 12.05 ? 135  LEU A N   1 
ATOM   1015 C CA  . LEU A 1 135 ? 3.224   -3.127  10.606  1.00 12.07 ? 135  LEU A CA  1 
ATOM   1016 C C   . LEU A 1 135 ? 1.768   -2.717  10.321  1.00 12.11 ? 135  LEU A C   1 
ATOM   1017 O O   . LEU A 1 135 ? 0.934   -2.774  11.212  1.00 12.63 ? 135  LEU A O   1 
ATOM   1018 C CB  . LEU A 1 135 ? 4.137   -1.922  10.903  1.00 12.80 ? 135  LEU A CB  1 
ATOM   1019 C CG  . LEU A 1 135 ? 5.587   -2.285  11.279  1.00 12.16 ? 135  LEU A CG  1 
ATOM   1020 C CD1 . LEU A 1 135 ? 6.441   -1.030  11.245  1.00 12.22 ? 135  LEU A CD1 1 
ATOM   1021 C CD2 . LEU A 1 135 ? 5.677   -2.994  12.663  1.00 12.18 ? 135  LEU A CD2 1 
ATOM   1022 N N   . ALA A 1 136 ? 1.441   -2.367  9.072   1.00 13.18 ? 136  ALA A N   1 
ATOM   1023 C CA  . ALA A 1 136 ? 0.046   -2.096  8.692   1.00 13.21 ? 136  ALA A CA  1 
ATOM   1024 C C   . ALA A 1 136 ? -0.812  -3.338  8.910   1.00 13.63 ? 136  ALA A C   1 
ATOM   1025 O O   . ALA A 1 136 ? -1.903  -3.227  9.408   1.00 13.54 ? 136  ALA A O   1 
ATOM   1026 C CB  . ALA A 1 136 ? -0.078  -1.583  7.232   1.00 12.48 ? 136  ALA A CB  1 
ATOM   1027 N N   . LEU A 1 137 ? -0.315  -4.515  8.551   1.00 14.56 ? 137  LEU A N   1 
ATOM   1028 C CA  . LEU A 1 137 ? -1.059  -5.737  8.806   1.00 15.36 ? 137  LEU A CA  1 
ATOM   1029 C C   . LEU A 1 137 ? -1.368  -5.890  10.272  1.00 15.95 ? 137  LEU A C   1 
ATOM   1030 O O   . LEU A 1 137 ? -2.459  -6.312  10.637  1.00 16.37 ? 137  LEU A O   1 
ATOM   1031 C CB  . LEU A 1 137 ? -0.251  -6.964  8.397   1.00 15.91 ? 137  LEU A CB  1 
ATOM   1032 C CG  . LEU A 1 137 ? -0.263  -7.342  6.952   1.00 15.89 ? 137  LEU A CG  1 
ATOM   1033 C CD1 . LEU A 1 137 ? 0.585   -8.587  6.841   1.00 15.37 ? 137  LEU A CD1 1 
ATOM   1034 C CD2 . LEU A 1 137 ? -1.700  -7.564  6.476   1.00 15.64 ? 137  LEU A CD2 1 
ATOM   1035 N N   . ARG A 1 138 ? -0.406  -5.542  11.119  1.00 16.50 ? 138  ARG A N   1 
ATOM   1036 C CA  . ARG A 1 138 ? -0.563  -5.760  12.564  1.00 17.11 ? 138  ARG A CA  1 
ATOM   1037 C C   . ARG A 1 138 ? -1.577  -4.814  13.187  1.00 17.91 ? 138  ARG A C   1 
ATOM   1038 O O   . ARG A 1 138 ? -2.332  -5.204  14.092  1.00 18.09 ? 138  ARG A O   1 
ATOM   1039 C CB  . ARG A 1 138 ? 0.777   -5.640  13.262  1.00 17.11 ? 138  ARG A CB  1 
ATOM   1040 C CG  . ARG A 1 138 ? 0.789   -6.275  14.625  1.00 18.81 ? 138  ARG A CG  1 
ATOM   1041 C CD  . ARG A 1 138 ? 2.186   -6.349  15.188  1.00 21.21 ? 138  ARG A CD  1 
ATOM   1042 N NE  . ARG A 1 138 ? 2.947   -7.472  14.642  1.00 21.09 ? 138  ARG A NE  1 
ATOM   1043 C CZ  . ARG A 1 138 ? 2.909   -8.716  15.110  1.00 21.51 ? 138  ARG A CZ  1 
ATOM   1044 N NH1 . ARG A 1 138 ? 2.141   -9.023  16.141  1.00 21.71 ? 138  ARG A NH1 1 
ATOM   1045 N NH2 . ARG A 1 138 ? 3.636   -9.665  14.526  1.00 23.03 ? 138  ARG A NH2 1 
ATOM   1046 N N   . TYR A 1 139 ? -1.584  -3.559  12.724  1.00 18.45 ? 139  TYR A N   1 
ATOM   1047 C CA  . TYR A 1 139 ? -2.630  -2.619  13.117  1.00 18.29 ? 139  TYR A CA  1 
ATOM   1048 C C   . TYR A 1 139 ? -3.995  -3.200  12.737  1.00 19.30 ? 139  TYR A C   1 
ATOM   1049 O O   . TYR A 1 139 ? -4.904  -3.240  13.536  1.00 18.74 ? 139  TYR A O   1 
ATOM   1050 C CB  . TYR A 1 139 ? -2.424  -1.278  12.421  1.00 18.41 ? 139  TYR A CB  1 
ATOM   1051 C CG  . TYR A 1 139 ? -3.557  -0.352  12.650  1.00 15.88 ? 139  TYR A CG  1 
ATOM   1052 C CD1 . TYR A 1 139 ? -4.665  -0.380  11.827  1.00 14.89 ? 139  TYR A CD1 1 
ATOM   1053 C CD2 . TYR A 1 139 ? -3.540  0.531   13.722  1.00 16.50 ? 139  TYR A CD2 1 
ATOM   1054 C CE1 . TYR A 1 139 ? -5.728  0.451   12.049  1.00 15.75 ? 139  TYR A CE1 1 
ATOM   1055 C CE2 . TYR A 1 139 ? -4.581  1.375   13.955  1.00 14.75 ? 139  TYR A CE2 1 
ATOM   1056 C CZ  . TYR A 1 139 ? -5.685  1.331   13.115  1.00 16.05 ? 139  TYR A CZ  1 
ATOM   1057 O OH  . TYR A 1 139 ? -6.739  2.171   13.335  1.00 16.70 ? 139  TYR A OH  1 
ATOM   1058 N N   . LEU A 1 140 ? -4.132  -3.670  11.502  1.00 20.72 ? 140  LEU A N   1 
ATOM   1059 C CA  . LEU A 1 140 ? -5.414  -4.255  11.052  1.00 21.68 ? 140  LEU A CA  1 
ATOM   1060 C C   . LEU A 1 140 ? -5.804  -5.482  11.880  1.00 23.08 ? 140  LEU A C   1 
ATOM   1061 O O   . LEU A 1 140 ? -6.977  -5.675  12.156  1.00 24.56 ? 140  LEU A O   1 
ATOM   1062 C CB  . LEU A 1 140 ? -5.353  -4.594  9.563   1.00 20.90 ? 140  LEU A CB  1 
ATOM   1063 C CG  . LEU A 1 140 ? -5.186  -3.379  8.642   1.00 19.52 ? 140  LEU A CG  1 
ATOM   1064 C CD1 . LEU A 1 140 ? -4.922  -3.778  7.201   1.00 17.99 ? 140  LEU A CD1 1 
ATOM   1065 C CD2 . LEU A 1 140 ? -6.416  -2.524  8.716   1.00 19.49 ? 140  LEU A CD2 1 
ATOM   1066 N N   . ALA A 1 141 ? -4.822  -6.291  12.287  1.00 24.41 ? 141  ALA A N   1 
ATOM   1067 C CA  . ALA A 1 141 ? -5.087  -7.457  13.126  1.00 25.80 ? 141  ALA A CA  1 
ATOM   1068 C C   . ALA A 1 141 ? -5.563  -7.054  14.532  1.00 27.79 ? 141  ALA A C   1 
ATOM   1069 O O   . ALA A 1 141 ? -6.454  -7.705  15.074  1.00 27.67 ? 141  ALA A O   1 
ATOM   1070 C CB  . ALA A 1 141 ? -3.852  -8.385  13.200  1.00 24.86 ? 141  ALA A CB  1 
ATOM   1071 N N   . GLU A 1 142 ? -4.997  -5.983  15.110  1.00 30.49 ? 142  GLU A N   1 
ATOM   1072 C CA  . GLU A 1 142 ? -5.429  -5.500  16.440  1.00 32.75 ? 142  GLU A CA  1 
ATOM   1073 C C   . GLU A 1 142 ? -6.675  -4.637  16.402  1.00 34.35 ? 142  GLU A C   1 
ATOM   1074 O O   . GLU A 1 142 ? -7.188  -4.240  17.438  1.00 35.43 ? 142  GLU A O   1 
ATOM   1075 C CB  . GLU A 1 142 ? -4.337  -4.709  17.153  1.00 33.09 ? 142  GLU A CB  1 
ATOM   1076 C CG  . GLU A 1 142 ? -2.981  -5.383  17.247  1.00 35.39 ? 142  GLU A CG  1 
ATOM   1077 C CD  . GLU A 1 142 ? -3.017  -6.710  17.925  1.00 40.03 ? 142  GLU A CD  1 
ATOM   1078 O OE1 . GLU A 1 142 ? -3.856  -6.863  18.843  1.00 43.27 ? 142  GLU A OE1 1 
ATOM   1079 O OE2 . GLU A 1 142 ? -2.207  -7.596  17.539  1.00 42.74 ? 142  GLU A OE2 1 
ATOM   1080 N N   . HIS A 1 143 ? -7.184  -4.348  15.225  1.00 36.67 ? 143  HIS A N   1 
ATOM   1081 C CA  . HIS A 1 143 ? -8.341  -3.488  15.134  1.00 38.68 ? 143  HIS A CA  1 
ATOM   1082 C C   . HIS A 1 143 ? -9.583  -4.210  14.600  1.00 40.80 ? 143  HIS A C   1 
ATOM   1083 O O   . HIS A 1 143 ? -10.489 -3.596  14.028  1.00 41.32 ? 143  HIS A O   1 
ATOM   1084 C CB  . HIS A 1 143 ? -7.970  -2.238  14.336  1.00 38.73 ? 143  HIS A CB  1 
ATOM   1085 C CG  . HIS A 1 143 ? -7.324  -1.197  15.188  1.00 38.69 ? 143  HIS A CG  1 
ATOM   1086 N ND1 . HIS A 1 143 ? -8.013  -0.095  15.658  1.00 38.95 ? 143  HIS A ND1 1 
ATOM   1087 C CD2 . HIS A 1 143 ? -6.084  -1.130  15.729  1.00 36.88 ? 143  HIS A CD2 1 
ATOM   1088 C CE1 . HIS A 1 143 ? -7.212  0.624   16.426  1.00 38.43 ? 143  HIS A CE1 1 
ATOM   1089 N NE2 . HIS A 1 143 ? -6.039  0.016   16.492  1.00 37.77 ? 143  HIS A NE2 1 
ATOM   1090 N N   . VAL A 1 144 ? -9.627  -5.526  14.816  1.00 42.97 ? 144  VAL A N   1 
ATOM   1091 C CA  . VAL A 1 144 ? -10.839 -6.321  14.565  1.00 44.20 ? 144  VAL A CA  1 
ATOM   1092 C C   . VAL A 1 144 ? -11.137 -7.065  15.874  1.00 44.84 ? 144  VAL A C   1 
ATOM   1093 O O   . VAL A 1 144 ? -12.144 -7.760  16.005  1.00 45.95 ? 144  VAL A O   1 
ATOM   1094 C CB  . VAL A 1 144 ? -10.669 -7.300  13.343  1.00 44.46 ? 144  VAL A CB  1 
ATOM   1095 C CG1 . VAL A 1 144 ? -9.749  -8.497  13.699  1.00 44.34 ? 144  VAL A CG1 1 
ATOM   1096 C CG2 . VAL A 1 144 ? -12.059 -7.757  12.793  1.00 45.33 ? 144  VAL A CG2 1 
HETATM 1097 F FAK . 2HN B 2 .   ? 9.240   1.536   -4.077  1.00 22.48 ? 1145 2HN A FAK 1 
HETATM 1098 C CAT . 2HN B 2 .   ? 9.535   2.126   -5.241  1.00 20.72 ? 1145 2HN A CAT 1 
HETATM 1099 C CAR . 2HN B 2 .   ? 9.948   1.321   -6.271  1.00 21.25 ? 1145 2HN A CAR 1 
HETATM 1100 F FAI . 2HN B 2 .   ? 10.071  -0.008  -6.090  1.00 22.22 ? 1145 2HN A FAI 1 
HETATM 1101 C CAP . 2HN B 2 .   ? 10.243  1.924   -7.478  1.00 22.26 ? 1145 2HN A CAP 1 
HETATM 1102 F FAG . 2HN B 2 .   ? 10.661  1.270   -8.549  1.00 26.98 ? 1145 2HN A FAG 1 
HETATM 1103 C CAQ . 2HN B 2 .   ? 10.145  3.258   -7.660  1.00 20.91 ? 1145 2HN A CAQ 1 
HETATM 1104 F FAH . 2HN B 2 .   ? 10.438  3.734   -8.869  1.00 19.42 ? 1145 2HN A FAH 1 
HETATM 1105 C CAS . 2HN B 2 .   ? 9.742   4.076   -6.644  1.00 19.56 ? 1145 2HN A CAS 1 
HETATM 1106 F FAJ . 2HN B 2 .   ? 9.666   5.404   -6.914  1.00 20.50 ? 1145 2HN A FAJ 1 
HETATM 1107 C CAU . 2HN B 2 .   ? 9.422   3.507   -5.408  1.00 18.56 ? 1145 2HN A CAU 1 
HETATM 1108 C CAL . 2HN B 2 .   ? 8.983   4.388   -4.267  1.00 18.27 ? 1145 2HN A CAL 1 
HETATM 1109 C CAX . 2HN B 2 .   ? 7.470   4.613   -4.228  1.00 16.24 ? 1145 2HN A CAX 1 
HETATM 1110 C CAY . 2HN B 2 .   ? 7.027   5.248   -2.915  1.00 15.04 ? 1145 2HN A CAY 1 
HETATM 1111 O OAF . 2HN B 2 .   ? 5.602   5.053   -2.888  1.00 14.63 ? 1145 2HN A OAF 1 
HETATM 1112 C CAN . 2HN B 2 .   ? 7.660   4.445   -1.768  1.00 14.81 ? 1145 2HN A CAN 1 
HETATM 1113 O OAC . 2HN B 2 .   ? 7.125   3.353   -1.567  1.00 14.78 ? 1145 2HN A OAC 1 
HETATM 1114 O OAA . 2HN B 2 .   ? 8.703   4.881   -1.202  1.00 14.94 ? 1145 2HN A OAA 1 
HETATM 1115 C CAO . 2HN B 2 .   ? 7.078   5.511   -5.397  1.00 15.32 ? 1145 2HN A CAO 1 
HETATM 1116 O OAB . 2HN B 2 .   ? 6.705   4.969   -6.437  1.00 16.49 ? 1145 2HN A OAB 1 
HETATM 1117 C CAW . 2HN B 2 .   ? 7.292   7.041   -5.278  1.00 15.49 ? 1145 2HN A CAW 1 
HETATM 1118 O OAE . 2HN B 2 .   ? 6.733   7.784   -6.366  1.00 13.68 ? 1145 2HN A OAE 1 
HETATM 1119 C CAV . 2HN B 2 .   ? 6.765   7.555   -3.920  1.00 15.17 ? 1145 2HN A CAV 1 
HETATM 1120 O OAD . 2HN B 2 .   ? 7.151   8.931   -3.810  1.00 13.72 ? 1145 2HN A OAD 1 
HETATM 1121 C CAM . 2HN B 2 .   ? 7.414   6.751   -2.782  1.00 13.29 ? 1145 2HN A CAM 1 
HETATM 1122 S S   . SO4 C 3 .   ? -4.681  1.691   -19.026 0.33 34.82 ? 1146 SO4 A S   1 
HETATM 1123 O O1  . SO4 C 3 .   ? -3.777  1.569   -17.883 0.33 35.65 ? 1146 SO4 A O1  1 
HETATM 1124 O O2  . SO4 C 3 .   ? -4.869  0.412   -19.648 0.33 33.51 ? 1146 SO4 A O2  1 
HETATM 1125 O O3  . SO4 C 3 .   ? -5.977  2.179   -18.570 0.33 35.62 ? 1146 SO4 A O3  1 
HETATM 1126 O O4  . SO4 C 3 .   ? -4.119  2.632   -19.991 0.33 35.72 ? 1146 SO4 A O4  1 
HETATM 1127 S S   . SO4 D 3 .   ? -8.520  -9.649  -9.933  1.00 73.63 ? 1147 SO4 A S   1 
HETATM 1128 O O1  . SO4 D 3 .   ? -8.465  -9.484  -8.477  1.00 73.02 ? 1147 SO4 A O1  1 
HETATM 1129 O O2  . SO4 D 3 .   ? -8.776  -11.060 -10.239 1.00 73.70 ? 1147 SO4 A O2  1 
HETATM 1130 O O3  . SO4 D 3 .   ? -9.596  -8.816  -10.485 1.00 71.36 ? 1147 SO4 A O3  1 
HETATM 1131 O O4  . SO4 D 3 .   ? -7.219  -9.276  -10.507 1.00 72.85 ? 1147 SO4 A O4  1 
HETATM 1132 O O   . HOH E 4 .   ? -7.478  -6.831  -4.133  1.00 35.29 ? 2001 HOH A O   1 
HETATM 1133 O O   . HOH E 4 .   ? 7.227   -4.070  -13.176 1.00 4.62  ? 2002 HOH A O   1 
HETATM 1134 O O   . HOH E 4 .   ? 5.787   5.275   -9.081  1.00 13.01 ? 2003 HOH A O   1 
HETATM 1135 O O   . HOH E 4 .   ? 6.136   -1.826  -11.728 1.00 12.01 ? 2004 HOH A O   1 
HETATM 1136 O O   . HOH E 4 .   ? 10.458  -6.809  -8.278  1.00 18.61 ? 2005 HOH A O   1 
HETATM 1137 O O   . HOH E 4 .   ? 9.277   -4.991  -15.257 1.00 22.22 ? 2006 HOH A O   1 
HETATM 1138 O O   . HOH E 4 .   ? 15.086  -1.117  -5.437  1.00 28.35 ? 2007 HOH A O   1 
HETATM 1139 O O   . HOH E 4 .   ? 9.536   -9.611  -8.512  1.00 14.96 ? 2008 HOH A O   1 
HETATM 1140 O O   . HOH E 4 .   ? 13.147  -2.336  3.023   1.00 28.32 ? 2009 HOH A O   1 
HETATM 1141 O O   . HOH E 4 .   ? 17.331  -4.866  1.735   1.00 39.45 ? 2010 HOH A O   1 
HETATM 1142 O O   . HOH E 4 .   ? 11.724  -11.361 -8.724  1.00 30.38 ? 2011 HOH A O   1 
HETATM 1143 O O   . HOH E 4 .   ? 12.813  -12.393 -6.680  1.00 26.70 ? 2012 HOH A O   1 
HETATM 1144 O O   . HOH E 4 .   ? 5.594   -14.367 -4.221  1.00 24.05 ? 2013 HOH A O   1 
HETATM 1145 O O   . HOH E 4 .   ? 13.072  -12.130 1.466   1.00 46.07 ? 2014 HOH A O   1 
HETATM 1146 O O   . HOH E 4 .   ? 6.742   -12.385 6.843   1.00 26.80 ? 2015 HOH A O   1 
HETATM 1147 O O   . HOH E 4 .   ? -1.838  -12.585 -2.171  1.00 20.42 ? 2016 HOH A O   1 
HETATM 1148 O O   . HOH E 4 .   ? 4.136   -6.801  12.168  1.00 30.97 ? 2017 HOH A O   1 
HETATM 1149 O O   . HOH E 4 .   ? 13.810  -4.331  4.611   1.00 49.45 ? 2018 HOH A O   1 
HETATM 1150 O O   . HOH E 4 .   ? 14.623  -0.919  6.221   1.00 39.57 ? 2019 HOH A O   1 
HETATM 1151 O O   . HOH E 4 .   ? -0.466  -8.394  -9.241  1.00 25.87 ? 2020 HOH A O   1 
HETATM 1152 O O   . HOH E 4 .   ? -1.978  -4.670  -14.566 1.00 21.74 ? 2021 HOH A O   1 
HETATM 1153 O O   . HOH E 4 .   ? 1.309   -3.580  -14.525 1.00 17.92 ? 2022 HOH A O   1 
HETATM 1154 O O   . HOH E 4 .   ? -1.615  4.282   -14.992 1.00 19.01 ? 2023 HOH A O   1 
HETATM 1155 O O   . HOH E 4 .   ? -5.153  3.908   -16.306 1.00 15.92 ? 2024 HOH A O   1 
HETATM 1156 O O   . HOH E 4 .   ? -4.723  10.591  -12.217 1.00 13.43 ? 2025 HOH A O   1 
HETATM 1157 O O   . HOH E 4 .   ? -11.364 0.360   -13.116 1.00 23.67 ? 2026 HOH A O   1 
HETATM 1158 O O   . HOH E 4 .   ? -9.961  -6.429  -12.103 1.00 26.25 ? 2027 HOH A O   1 
HETATM 1159 O O   . HOH E 4 .   ? -14.381 -1.608  -11.120 1.00 31.72 ? 2028 HOH A O   1 
HETATM 1160 O O   . HOH E 4 .   ? -14.240 2.829   -4.882  1.00 12.02 ? 2029 HOH A O   1 
HETATM 1161 O O   . HOH E 4 .   ? -13.537 -0.783  2.566   1.00 23.93 ? 2030 HOH A O   1 
HETATM 1162 O O   . HOH E 4 .   ? -16.630 -0.480  1.815   1.00 22.77 ? 2031 HOH A O   1 
HETATM 1163 O O   . HOH E 4 .   ? 0.005   5.207   -0.895  1.00 28.94 ? 2032 HOH A O   1 
HETATM 1164 O O   . HOH E 4 .   ? -3.701  9.698   -5.140  1.00 11.41 ? 2033 HOH A O   1 
HETATM 1165 O O   . HOH E 4 .   ? -2.007  10.897  -11.718 1.00 18.99 ? 2034 HOH A O   1 
HETATM 1166 O O   . HOH E 4 .   ? -1.746  13.522  -12.877 0.33 18.34 ? 2035 HOH A O   1 
HETATM 1167 O O   . HOH E 4 .   ? -1.705  15.839  -10.554 0.33 4.37  ? 2036 HOH A O   1 
HETATM 1168 O O   . HOH E 4 .   ? -6.618  12.218  -11.062 1.00 10.11 ? 2037 HOH A O   1 
HETATM 1169 O O   . HOH E 4 .   ? -11.885 13.300  -1.379  1.00 32.69 ? 2038 HOH A O   1 
HETATM 1170 O O   . HOH E 4 .   ? -4.993  16.913  -0.167  1.00 7.08  ? 2039 HOH A O   1 
HETATM 1171 O O   . HOH E 4 .   ? -7.463  17.493  1.875   1.00 24.47 ? 2040 HOH A O   1 
HETATM 1172 O O   . HOH E 4 .   ? 2.651   10.011  2.130   1.00 11.48 ? 2041 HOH A O   1 
HETATM 1173 O O   . HOH E 4 .   ? 7.495   1.812   5.429   1.00 9.19  ? 2042 HOH A O   1 
HETATM 1174 O O   . HOH E 4 .   ? 14.135  6.346   2.749   1.00 16.58 ? 2043 HOH A O   1 
HETATM 1175 O O   . HOH E 4 .   ? 3.456   11.325  7.288   0.50 11.52 ? 2044 HOH A O   1 
HETATM 1176 O O   . HOH E 4 .   ? 14.048  11.503  -4.478  1.00 38.54 ? 2045 HOH A O   1 
HETATM 1177 O O   . HOH E 4 .   ? 12.065  7.667   -7.955  1.00 31.71 ? 2046 HOH A O   1 
HETATM 1178 O O   . HOH E 4 .   ? 9.862   19.562  -5.759  1.00 23.99 ? 2047 HOH A O   1 
HETATM 1179 O O   . HOH E 4 .   ? 12.727  19.573  -3.759  1.00 20.19 ? 2048 HOH A O   1 
HETATM 1180 O O   . HOH E 4 .   ? 3.146   17.889  -4.592  1.00 22.73 ? 2049 HOH A O   1 
HETATM 1181 O O   . HOH E 4 .   ? 3.441   12.436  0.682   1.00 24.42 ? 2050 HOH A O   1 
HETATM 1182 O O   . HOH E 4 .   ? 2.222   13.886  3.292   1.00 30.09 ? 2051 HOH A O   1 
HETATM 1183 O O   . HOH E 4 .   ? 0.337   15.263  2.387   1.00 24.58 ? 2052 HOH A O   1 
HETATM 1184 O O   . HOH E 4 .   ? 3.375   16.658  4.264   0.50 29.75 ? 2053 HOH A O   1 
HETATM 1185 O O   . HOH E 4 .   ? 1.940   11.393  3.949   1.00 19.68 ? 2054 HOH A O   1 
HETATM 1186 O O   . HOH E 4 .   ? -9.687  14.644  5.492   1.00 32.51 ? 2055 HOH A O   1 
HETATM 1187 O O   . HOH E 4 .   ? -7.263  8.295   11.897  1.00 24.99 ? 2056 HOH A O   1 
HETATM 1188 O O   . HOH E 4 .   ? 3.602   8.867   8.009   0.50 27.40 ? 2057 HOH A O   1 
HETATM 1189 O O   . HOH E 4 .   ? 12.064  -2.978  6.337   1.00 22.40 ? 2058 HOH A O   1 
HETATM 1190 O O   . HOH E 4 .   ? 6.776   -6.602  12.027  1.00 15.54 ? 2059 HOH A O   1 
HETATM 1191 O O   . HOH E 4 .   ? 11.145  -7.109  7.579   1.00 33.27 ? 2060 HOH A O   1 
HETATM 1192 O O   . HOH E 4 .   ? -6.283  4.657   14.414  1.00 30.78 ? 2061 HOH A O   1 
HETATM 1193 O O   . HOH E 4 .   ? -10.511 -1.666  12.315  1.00 34.97 ? 2062 HOH A O   1 
# 
loop_
_pdbx_poly_seq_scheme.asym_id 
_pdbx_poly_seq_scheme.entity_id 
_pdbx_poly_seq_scheme.seq_id 
_pdbx_poly_seq_scheme.mon_id 
_pdbx_poly_seq_scheme.ndb_seq_num 
_pdbx_poly_seq_scheme.pdb_seq_num 
_pdbx_poly_seq_scheme.auth_seq_num 
_pdbx_poly_seq_scheme.pdb_mon_id 
_pdbx_poly_seq_scheme.auth_mon_id 
_pdbx_poly_seq_scheme.pdb_strand_id 
_pdbx_poly_seq_scheme.pdb_ins_code 
_pdbx_poly_seq_scheme.hetero 
A 1 1   SER 1   1   ?   ?   ?   A . n 
A 1 2   GLU 2   2   ?   ?   ?   A . n 
A 1 3   LEU 3   3   3   LEU LEU A . n 
A 1 4   ILE 4   4   4   ILE ILE A . n 
A 1 5   VAL 5   5   5   VAL VAL A . n 
A 1 6   ASN 6   6   6   ASN ASN A . n 
A 1 7   VAL 7   7   7   VAL VAL A . n 
A 1 8   ILE 8   8   8   ILE ILE A . n 
A 1 9   ASN 9   9   9   ASN ASN A . n 
A 1 10  GLY 10  10  10  GLY GLY A . n 
A 1 11  PRO 11  11  11  PRO PRO A . n 
A 1 12  ASN 12  12  12  ASN ASN A . n 
A 1 13  LEU 13  13  13  LEU LEU A . n 
A 1 14  GLY 14  14  14  GLY GLY A . n 
A 1 15  ARG 15  15  15  ARG ARG A . n 
A 1 16  LEU 16  16  16  LEU LEU A . n 
A 1 17  GLY 17  17  17  GLY GLY A . n 
A 1 18  ARG 18  18  18  ARG ARG A . n 
A 1 19  ARG 19  19  19  ARG ARG A . n 
A 1 20  GLU 20  20  20  GLU GLU A . n 
A 1 21  PRO 21  21  21  PRO PRO A . n 
A 1 22  ALA 22  22  22  ALA ALA A . n 
A 1 23  VAL 23  23  23  VAL VAL A . n 
A 1 24  TYR 24  24  24  TYR TYR A . n 
A 1 25  GLY 25  25  25  GLY GLY A . n 
A 1 26  GLY 26  26  26  GLY GLY A . n 
A 1 27  THR 27  27  27  THR THR A . n 
A 1 28  THR 28  28  28  THR THR A . n 
A 1 29  HIS 29  29  29  HIS HIS A . n 
A 1 30  ASP 30  30  30  ASP ASP A . n 
A 1 31  GLU 31  31  31  GLU GLU A . n 
A 1 32  LEU 32  32  32  LEU LEU A . n 
A 1 33  VAL 33  33  33  VAL VAL A . n 
A 1 34  ALA 34  34  34  ALA ALA A . n 
A 1 35  LEU 35  35  35  LEU LEU A . n 
A 1 36  ILE 36  36  36  ILE ILE A . n 
A 1 37  GLU 37  37  37  GLU GLU A . n 
A 1 38  ARG 38  38  38  ARG ARG A . n 
A 1 39  GLU 39  39  39  GLU GLU A . n 
A 1 40  ALA 40  40  40  ALA ALA A . n 
A 1 41  ALA 41  41  41  ALA ALA A . n 
A 1 42  GLU 42  42  42  GLU GLU A . n 
A 1 43  LEU 43  43  43  LEU LEU A . n 
A 1 44  GLY 44  44  44  GLY GLY A . n 
A 1 45  LEU 45  45  45  LEU LEU A . n 
A 1 46  LYS 46  46  46  LYS LYS A . n 
A 1 47  ALA 47  47  47  ALA ALA A . n 
A 1 48  VAL 48  48  48  VAL VAL A . n 
A 1 49  VAL 49  49  49  VAL VAL A . n 
A 1 50  ARG 50  50  50  ARG ARG A . n 
A 1 51  GLN 51  51  51  GLN GLN A . n 
A 1 52  SER 52  52  52  SER SER A . n 
A 1 53  ASP 53  53  53  ASP ASP A . n 
A 1 54  SER 54  54  54  SER SER A . n 
A 1 55  GLU 55  55  55  GLU GLU A . n 
A 1 56  ALA 56  56  56  ALA ALA A . n 
A 1 57  GLN 57  57  57  GLN GLN A . n 
A 1 58  LEU 58  58  58  LEU LEU A . n 
A 1 59  LEU 59  59  59  LEU LEU A . n 
A 1 60  ASP 60  60  60  ASP ASP A . n 
A 1 61  TRP 61  61  61  TRP TRP A . n 
A 1 62  ILE 62  62  62  ILE ILE A . n 
A 1 63  HIS 63  63  63  HIS HIS A . n 
A 1 64  GLN 64  64  64  GLN GLN A . n 
A 1 65  ALA 65  65  65  ALA ALA A . n 
A 1 66  ALA 66  66  66  ALA ALA A . n 
A 1 67  ASP 67  67  67  ASP ASP A . n 
A 1 68  ALA 68  68  68  ALA ALA A . n 
A 1 69  ALA 69  69  69  ALA ALA A . n 
A 1 70  GLU 70  70  70  GLU GLU A . n 
A 1 71  PRO 71  71  71  PRO PRO A . n 
A 1 72  VAL 72  72  72  VAL VAL A . n 
A 1 73  ILE 73  73  73  ILE ILE A . n 
A 1 74  LEU 74  74  74  LEU LEU A . n 
A 1 75  ASN 75  75  75  ASN ASN A . n 
A 1 76  ALA 76  76  76  ALA ALA A . n 
A 1 77  GLY 77  77  77  GLY GLY A . n 
A 1 78  GLY 78  78  78  GLY GLY A . n 
A 1 79  LEU 79  79  79  LEU LEU A . n 
A 1 80  THR 80  80  80  THR THR A . n 
A 1 81  HIS 81  81  81  HIS HIS A . n 
A 1 82  THR 82  82  82  THR THR A . n 
A 1 83  SER 83  83  83  SER SER A . n 
A 1 84  VAL 84  84  84  VAL VAL A . n 
A 1 85  ALA 85  85  85  ALA ALA A . n 
A 1 86  LEU 86  86  86  LEU LEU A . n 
A 1 87  ARG 87  87  87  ARG ARG A . n 
A 1 88  ASP 88  88  88  ASP ASP A . n 
A 1 89  ALA 89  89  89  ALA ALA A . n 
A 1 90  CYS 90  90  90  CYS CYS A . n 
A 1 91  ALA 91  91  91  ALA ALA A . n 
A 1 92  GLU 92  92  92  GLU GLU A . n 
A 1 93  LEU 93  93  93  LEU LEU A . n 
A 1 94  SER 94  94  94  SER SER A . n 
A 1 95  ALA 95  95  95  ALA ALA A . n 
A 1 96  PRO 96  96  96  PRO PRO A . n 
A 1 97  LEU 97  97  97  LEU LEU A . n 
A 1 98  ILE 98  98  98  ILE ILE A . n 
A 1 99  GLU 99  99  99  GLU GLU A . n 
A 1 100 VAL 100 100 100 VAL VAL A . n 
A 1 101 HIS 101 101 101 HIS HIS A . n 
A 1 102 ILE 102 102 102 ILE ILE A . n 
A 1 103 SER 103 103 103 SER SER A . n 
A 1 104 ASN 104 104 104 ASN ASN A . n 
A 1 105 VAL 105 105 105 VAL VAL A . n 
A 1 106 HIS 106 106 106 HIS HIS A . n 
A 1 107 ALA 107 107 107 ALA ALA A . n 
A 1 108 ARG 108 108 108 ARG ARG A . n 
A 1 109 GLU 109 109 109 GLU GLU A . n 
A 1 110 GLU 110 110 110 GLU GLU A . n 
A 1 111 PHE 111 111 111 PHE PHE A . n 
A 1 112 ARG 112 112 112 ARG ARG A . n 
A 1 113 ARG 113 113 113 ARG ARG A . n 
A 1 114 HIS 114 114 114 HIS HIS A . n 
A 1 115 SER 115 115 115 SER SER A . n 
A 1 116 TYR 116 116 116 TYR TYR A . n 
A 1 117 LEU 117 117 117 LEU LEU A . n 
A 1 118 SER 118 118 118 SER SER A . n 
A 1 119 PRO 119 119 119 PRO PRO A . n 
A 1 120 ILE 120 120 120 ILE ILE A . n 
A 1 121 ALA 121 121 121 ALA ALA A . n 
A 1 122 THR 122 122 122 THR THR A . n 
A 1 123 GLY 123 123 123 GLY GLY A . n 
A 1 124 VAL 124 124 124 VAL VAL A . n 
A 1 125 ILE 125 125 125 ILE ILE A . n 
A 1 126 VAL 126 126 126 VAL VAL A . n 
A 1 127 GLY 127 127 127 GLY GLY A . n 
A 1 128 LEU 128 128 128 LEU LEU A . n 
A 1 129 GLY 129 129 129 GLY GLY A . n 
A 1 130 ILE 130 130 130 ILE ILE A . n 
A 1 131 GLN 131 131 131 GLN GLN A . n 
A 1 132 GLY 132 132 132 GLY GLY A . n 
A 1 133 TYR 133 133 133 TYR TYR A . n 
A 1 134 LEU 134 134 134 LEU LEU A . n 
A 1 135 LEU 135 135 135 LEU LEU A . n 
A 1 136 ALA 136 136 136 ALA ALA A . n 
A 1 137 LEU 137 137 137 LEU LEU A . n 
A 1 138 ARG 138 138 138 ARG ARG A . n 
A 1 139 TYR 139 139 139 TYR TYR A . n 
A 1 140 LEU 140 140 140 LEU LEU A . n 
A 1 141 ALA 141 141 141 ALA ALA A . n 
A 1 142 GLU 142 142 142 GLU GLU A . n 
A 1 143 HIS 143 143 143 HIS HIS A . n 
A 1 144 VAL 144 144 144 VAL VAL A . n 
A 1 145 GLY 145 145 ?   ?   ?   A . n 
A 1 146 THR 146 146 ?   ?   ?   A . n 
# 
loop_
_pdbx_nonpoly_scheme.asym_id 
_pdbx_nonpoly_scheme.entity_id 
_pdbx_nonpoly_scheme.mon_id 
_pdbx_nonpoly_scheme.ndb_seq_num 
_pdbx_nonpoly_scheme.pdb_seq_num 
_pdbx_nonpoly_scheme.auth_seq_num 
_pdbx_nonpoly_scheme.pdb_mon_id 
_pdbx_nonpoly_scheme.auth_mon_id 
_pdbx_nonpoly_scheme.pdb_strand_id 
_pdbx_nonpoly_scheme.pdb_ins_code 
B 2 2HN 1  1145 1145 2HN 2HN A . 
C 3 SO4 1  1146 1146 SO4 SO4 A . 
D 3 SO4 1  1147 1147 SO4 SO4 A . 
E 4 HOH 1  2001 2001 HOH HOH A . 
E 4 HOH 2  2002 2002 HOH HOH A . 
E 4 HOH 3  2003 2003 HOH HOH A . 
E 4 HOH 4  2004 2004 HOH HOH A . 
E 4 HOH 5  2005 2005 HOH HOH A . 
E 4 HOH 6  2006 2006 HOH HOH A . 
E 4 HOH 7  2007 2007 HOH HOH A . 
E 4 HOH 8  2008 2008 HOH HOH A . 
E 4 HOH 9  2009 2009 HOH HOH A . 
E 4 HOH 10 2010 2010 HOH HOH A . 
E 4 HOH 11 2011 2011 HOH HOH A . 
E 4 HOH 12 2012 2012 HOH HOH A . 
E 4 HOH 13 2013 2013 HOH HOH A . 
E 4 HOH 14 2014 2014 HOH HOH A . 
E 4 HOH 15 2015 2015 HOH HOH A . 
E 4 HOH 16 2016 2016 HOH HOH A . 
E 4 HOH 17 2017 2017 HOH HOH A . 
E 4 HOH 18 2018 2018 HOH HOH A . 
E 4 HOH 19 2019 2019 HOH HOH A . 
E 4 HOH 20 2020 2020 HOH HOH A . 
E 4 HOH 21 2021 2021 HOH HOH A . 
E 4 HOH 22 2022 2022 HOH HOH A . 
E 4 HOH 23 2023 2023 HOH HOH A . 
E 4 HOH 24 2024 2024 HOH HOH A . 
E 4 HOH 25 2025 2025 HOH HOH A . 
E 4 HOH 26 2026 2026 HOH HOH A . 
E 4 HOH 27 2027 2027 HOH HOH A . 
E 4 HOH 28 2028 2028 HOH HOH A . 
E 4 HOH 29 2029 2029 HOH HOH A . 
E 4 HOH 30 2030 2030 HOH HOH A . 
E 4 HOH 31 2031 2031 HOH HOH A . 
E 4 HOH 32 2032 2032 HOH HOH A . 
E 4 HOH 33 2033 2033 HOH HOH A . 
E 4 HOH 34 2034 2034 HOH HOH A . 
E 4 HOH 35 2035 2035 HOH HOH A . 
E 4 HOH 36 2036 2036 HOH HOH A . 
E 4 HOH 37 2037 2037 HOH HOH A . 
E 4 HOH 38 2038 2038 HOH HOH A . 
E 4 HOH 39 2039 2039 HOH HOH A . 
E 4 HOH 40 2040 2040 HOH HOH A . 
E 4 HOH 41 2041 2041 HOH HOH A . 
E 4 HOH 42 2042 2042 HOH HOH A . 
E 4 HOH 43 2043 2043 HOH HOH A . 
E 4 HOH 44 2044 2044 HOH HOH A . 
E 4 HOH 45 2045 2045 HOH HOH A . 
E 4 HOH 46 2046 2046 HOH HOH A . 
E 4 HOH 47 2047 2047 HOH HOH A . 
E 4 HOH 48 2048 2048 HOH HOH A . 
E 4 HOH 49 2049 2049 HOH HOH A . 
E 4 HOH 50 2050 2050 HOH HOH A . 
E 4 HOH 51 2051 2051 HOH HOH A . 
E 4 HOH 52 2052 2052 HOH HOH A . 
E 4 HOH 53 2053 2053 HOH HOH A . 
E 4 HOH 54 2054 2054 HOH HOH A . 
E 4 HOH 55 2055 2055 HOH HOH A . 
E 4 HOH 56 2056 2056 HOH HOH A . 
E 4 HOH 57 2057 2057 HOH HOH A . 
E 4 HOH 58 2058 2058 HOH HOH A . 
E 4 HOH 59 2059 2059 HOH HOH A . 
E 4 HOH 60 2060 2060 HOH HOH A . 
E 4 HOH 61 2061 2061 HOH HOH A . 
E 4 HOH 62 2062 2062 HOH HOH A . 
# 
_pdbx_struct_assembly.id                   1 
_pdbx_struct_assembly.details              author_and_software_defined_assembly 
_pdbx_struct_assembly.method_details       PISA 
_pdbx_struct_assembly.oligomeric_details   dodecameric 
_pdbx_struct_assembly.oligomeric_count     12 
# 
_pdbx_struct_assembly_gen.assembly_id       1 
_pdbx_struct_assembly_gen.oper_expression   1,2,3,4,5,6,7,8,9,10,11,12 
_pdbx_struct_assembly_gen.asym_id_list      A,B,C,D,E 
# 
loop_
_pdbx_struct_assembly_prop.biol_id 
_pdbx_struct_assembly_prop.type 
_pdbx_struct_assembly_prop.value 
_pdbx_struct_assembly_prop.details 
1 'ABSA (A^2)' 32310  ? 
1 MORE         -494.3 ? 
1 'SSA (A^2)'  54840  ? 
# 
loop_
_pdbx_struct_oper_list.id 
_pdbx_struct_oper_list.type 
_pdbx_struct_oper_list.name 
_pdbx_struct_oper_list.symmetry_operation 
_pdbx_struct_oper_list.matrix[1][1] 
_pdbx_struct_oper_list.matrix[1][2] 
_pdbx_struct_oper_list.matrix[1][3] 
_pdbx_struct_oper_list.vector[1] 
_pdbx_struct_oper_list.matrix[2][1] 
_pdbx_struct_oper_list.matrix[2][2] 
_pdbx_struct_oper_list.matrix[2][3] 
_pdbx_struct_oper_list.vector[2] 
_pdbx_struct_oper_list.matrix[3][1] 
_pdbx_struct_oper_list.matrix[3][2] 
_pdbx_struct_oper_list.matrix[3][3] 
_pdbx_struct_oper_list.vector[3] 
1  'identity operation'         1_555  x,y,z           1.0000000000  0.0000000000  0.0000000000  0.0000000000   0.0000000000  1.0000000000  0.0000000000  0.0000000000  0.0000000000  0.0000000000  1.0000000000  0.0000000000   
2  'crystal symmetry operation' 48_555 -y+1/2,-z+1/2,x -0.4300156432 -0.1102959843 0.8960587829  10.5326960081  0.6713623380  0.6245207767  0.3990569014  11.3835837537 -0.6036217008 0.7731808296  -0.1945051336 -26.8816583878 
3  'crystal symmetry operation' 32_555 -z+1/2,x,-y+1/2 0.4559966258  -0.6915350818 0.5602198746  25.5528307836  -0.7486149370 0.0423743193  0.6616495244  35.0071119460 -0.4812927938 -0.7210989167 -0.4983709451 19.7480116093  
4  'crystal symmetry operation' 38_555 -x+1/2,-y+1/2,z -0.9985171652 -0.0490213557 0.0236722931  7.4239178103   -0.0490213557 0.6206075923  -0.7825874539 9.8183135113  0.0236722931  -0.7825874539 -0.6220904271 19.8670485033  
5  'crystal symmetry operation' 43_555 -z+1/2,-x+1/2,y -0.4081587819 -0.8899465402 0.2034737436  33.2783194399  0.7610903796  -0.4548026734 -0.4624888781 43.0105237280 0.5041307795  -0.0339069883 0.8629614553  -0.8062015102  
6  'crystal symmetry operation' 5_555  z,x,y           0.3821777992  0.9101192840  -0.1600719174 -27.9325741991 0.0978205417  -0.2120924226 -0.9723414760 35.5105459415 -0.9188967686 0.3559490037  -0.1700853766 -12.5031433792 
7  'crystal symmetry operation' 23_555 y,-z+1/2,-x+1/2 0.4559966258  -0.7486149370 -0.4812927938 24.0594179659  -0.6915350818 0.0423743193  -0.7210989167 30.4275461672 0.5602198746  0.6616495244  -0.4983709451 -27.6358074200 
8  'crystal symmetry operation' 27_555 -x+1/2,y,-z+1/2 -0.5447830961 -0.3534498320 -0.7604502577 13.3788144231  -0.3534498320 -0.7255664658 0.5904460347  58.2820410359 -0.7604502577 0.5904460347  0.2703495619  -19.0801633456 
9  'crystal symmetry operation' 34_555 -y+1/2,z,-x+1/2 -0.4081587819 0.7610903796  0.5041307795  -18.7456265094 -0.8899465402 -0.4548026734 -0.0339069883 49.1498905595 0.2034737436  -0.4624888781 0.8629614553  13.8163454550  
10 'crystal symmetry operation' 9_555  y,z,x           0.3821777992  0.0978205417  -0.9188967686 -4.2875491538  0.9101192840  -0.2120924226 0.3559490037  37.4039735746 -0.1600719174 -0.9723414760 -0.1700853766 27.9305540923  
11 'crystal symmetry operation' 18_555 z,-x+1/2,-y+1/2 -0.4300156432 0.6713623380  -0.6036217008 -19.3396377135 -0.1102959843 0.6245207767  0.7731808296  14.8368124396 0.8960587829  0.3990569014  -0.1945051336 -19.2092329806 
12 'crystal symmetry operation' 16_555 x,-y+1/2,-z+1/2 0.5433002613  0.4024711877  0.7367779646  -9.2437939226  0.4024711877  -0.8950411265 0.1921414192  60.2646395078 0.7367779646  0.1921414192  -0.6482591348 -13.5574514185 
# 
loop_
_pdbx_struct_special_symmetry.id 
_pdbx_struct_special_symmetry.PDB_model_num 
_pdbx_struct_special_symmetry.auth_asym_id 
_pdbx_struct_special_symmetry.auth_comp_id 
_pdbx_struct_special_symmetry.auth_seq_id 
_pdbx_struct_special_symmetry.PDB_ins_code 
_pdbx_struct_special_symmetry.label_asym_id 
_pdbx_struct_special_symmetry.label_comp_id 
_pdbx_struct_special_symmetry.label_seq_id 
1 1 A SO4 1146 ? C SO4 . 
2 1 A SO4 1146 ? C SO4 . 
3 1 A HOH 2035 ? E HOH . 
4 1 A HOH 2053 ? E HOH . 
5 1 A HOH 2057 ? E HOH . 
# 
loop_
_pdbx_audit_revision_history.ordinal 
_pdbx_audit_revision_history.data_content_type 
_pdbx_audit_revision_history.major_revision 
_pdbx_audit_revision_history.minor_revision 
_pdbx_audit_revision_history.revision_date 
1 'Structure model' 1 0 2012-12-19 
2 'Structure model' 1 1 2013-03-20 
3 'Structure model' 1 2 2013-03-27 
4 'Structure model' 1 3 2013-08-07 
5 'Structure model' 1 4 2018-01-17 
6 'Structure model' 1 5 2023-12-20 
# 
_pdbx_audit_revision_details.ordinal             1 
_pdbx_audit_revision_details.revision_ordinal    1 
_pdbx_audit_revision_details.data_content_type   'Structure model' 
_pdbx_audit_revision_details.provider            repository 
_pdbx_audit_revision_details.type                'Initial release' 
_pdbx_audit_revision_details.description         ? 
_pdbx_audit_revision_details.details             ? 
# 
loop_
_pdbx_audit_revision_group.ordinal 
_pdbx_audit_revision_group.revision_ordinal 
_pdbx_audit_revision_group.data_content_type 
_pdbx_audit_revision_group.group 
1 2 'Structure model' Other                     
2 3 'Structure model' 'Database references'     
3 4 'Structure model' 'Non-polymer description' 
4 5 'Structure model' 'Database references'     
5 6 'Structure model' 'Data collection'         
6 6 'Structure model' 'Database references'     
7 6 'Structure model' 'Derived calculations'    
8 6 'Structure model' Other                     
9 6 'Structure model' 'Refinement description'  
# 
loop_
_pdbx_audit_revision_category.ordinal 
_pdbx_audit_revision_category.revision_ordinal 
_pdbx_audit_revision_category.data_content_type 
_pdbx_audit_revision_category.category 
1 5 'Structure model' citation                      
2 5 'Structure model' citation_author               
3 6 'Structure model' chem_comp_atom                
4 6 'Structure model' chem_comp_bond                
5 6 'Structure model' database_2                    
6 6 'Structure model' pdbx_database_status          
7 6 'Structure model' pdbx_initial_refinement_model 
8 6 'Structure model' struct_site                   
# 
loop_
_pdbx_audit_revision_item.ordinal 
_pdbx_audit_revision_item.revision_ordinal 
_pdbx_audit_revision_item.data_content_type 
_pdbx_audit_revision_item.item 
1  5 'Structure model' '_citation.journal_abbrev'             
2  5 'Structure model' '_citation.journal_id_ISSN'            
3  5 'Structure model' '_citation.page_last'                  
4  5 'Structure model' '_citation.pdbx_database_id_DOI'       
5  5 'Structure model' '_citation.title'                      
6  6 'Structure model' '_database_2.pdbx_DOI'                 
7  6 'Structure model' '_database_2.pdbx_database_accession'  
8  6 'Structure model' '_pdbx_database_status.status_code_sf' 
9  6 'Structure model' '_struct_site.pdbx_auth_asym_id'       
10 6 'Structure model' '_struct_site.pdbx_auth_comp_id'       
11 6 'Structure model' '_struct_site.pdbx_auth_seq_id'        
# 
loop_
_software.name 
_software.classification 
_software.version 
_software.citation_id 
_software.pdbx_ordinal 
REFMAC refinement       5.5.0102 ? 1 
MOSFLM 'data reduction' .        ? 2 
SCALA  'data scaling'   .        ? 3 
MOLREP phasing          .        ? 4 
# 
_pdbx_entry_details.entry_id                 4B6P 
_pdbx_entry_details.compound_details         ? 
_pdbx_entry_details.source_details           ? 
_pdbx_entry_details.nonpolymer_details       ? 
_pdbx_entry_details.sequence_details         
;INITIATOR METHIONINE (RESIDUE 1 IN UNIPROT SEQUENCE) IS
REMOVED.
;
_pdbx_entry_details.has_ligand_of_interest   ? 
# 
loop_
_pdbx_validate_torsion.id 
_pdbx_validate_torsion.PDB_model_num 
_pdbx_validate_torsion.auth_comp_id 
_pdbx_validate_torsion.auth_asym_id 
_pdbx_validate_torsion.auth_seq_id 
_pdbx_validate_torsion.PDB_ins_code 
_pdbx_validate_torsion.label_alt_id 
_pdbx_validate_torsion.phi 
_pdbx_validate_torsion.psi 
1 1 ASN A 12  ? ? 77.24   -6.11   
2 1 ARG A 18  ? ? -124.93 -165.89 
3 1 ARG A 19  ? ? 71.50   -68.32  
4 1 ARG A 108 ? ? -117.71 -147.97 
# 
loop_
_pdbx_unobs_or_zero_occ_residues.id 
_pdbx_unobs_or_zero_occ_residues.PDB_model_num 
_pdbx_unobs_or_zero_occ_residues.polymer_flag 
_pdbx_unobs_or_zero_occ_residues.occupancy_flag 
_pdbx_unobs_or_zero_occ_residues.auth_asym_id 
_pdbx_unobs_or_zero_occ_residues.auth_comp_id 
_pdbx_unobs_or_zero_occ_residues.auth_seq_id 
_pdbx_unobs_or_zero_occ_residues.PDB_ins_code 
_pdbx_unobs_or_zero_occ_residues.label_asym_id 
_pdbx_unobs_or_zero_occ_residues.label_comp_id 
_pdbx_unobs_or_zero_occ_residues.label_seq_id 
1 1 Y 1 A SER 1   ? A SER 1   
2 1 Y 1 A GLU 2   ? A GLU 2   
3 1 Y 1 A GLY 145 ? A GLY 145 
4 1 Y 1 A THR 146 ? A THR 146 
# 
loop_
_chem_comp_atom.comp_id 
_chem_comp_atom.atom_id 
_chem_comp_atom.type_symbol 
_chem_comp_atom.pdbx_aromatic_flag 
_chem_comp_atom.pdbx_stereo_config 
_chem_comp_atom.pdbx_ordinal 
2HN FAK  F N N 1   
2HN CAT  C Y N 2   
2HN CAR  C Y N 3   
2HN FAI  F N N 4   
2HN CAP  C Y N 5   
2HN FAG  F N N 6   
2HN CAQ  C Y N 7   
2HN FAH  F N N 8   
2HN CAS  C Y N 9   
2HN FAJ  F N N 10  
2HN CAU  C Y N 11  
2HN CAL  C N N 12  
2HN CAX  C N S 13  
2HN CAY  C N R 14  
2HN OAF  O N N 15  
2HN CAN  C N N 16  
2HN OAC  O N N 17  
2HN OAA  O N N 18  
2HN CAO  C N N 19  
2HN OAB  O N N 20  
2HN CAW  C N S 21  
2HN OAE  O N N 22  
2HN CAV  C N R 23  
2HN OAD  O N N 24  
2HN CAM  C N N 25  
2HN HAL1 H N N 26  
2HN HAL2 H N N 27  
2HN HAX  H N N 28  
2HN HAF  H N N 29  
2HN HAM1 H N N 30  
2HN HAM2 H N N 31  
2HN HAC  H N N 32  
2HN HAW  H N N 33  
2HN HAE  H N N 34  
2HN HAV  H N N 35  
2HN HAD  H N N 36  
ALA N    N N N 37  
ALA CA   C N S 38  
ALA C    C N N 39  
ALA O    O N N 40  
ALA CB   C N N 41  
ALA OXT  O N N 42  
ALA H    H N N 43  
ALA H2   H N N 44  
ALA HA   H N N 45  
ALA HB1  H N N 46  
ALA HB2  H N N 47  
ALA HB3  H N N 48  
ALA HXT  H N N 49  
ARG N    N N N 50  
ARG CA   C N S 51  
ARG C    C N N 52  
ARG O    O N N 53  
ARG CB   C N N 54  
ARG CG   C N N 55  
ARG CD   C N N 56  
ARG NE   N N N 57  
ARG CZ   C N N 58  
ARG NH1  N N N 59  
ARG NH2  N N N 60  
ARG OXT  O N N 61  
ARG H    H N N 62  
ARG H2   H N N 63  
ARG HA   H N N 64  
ARG HB2  H N N 65  
ARG HB3  H N N 66  
ARG HG2  H N N 67  
ARG HG3  H N N 68  
ARG HD2  H N N 69  
ARG HD3  H N N 70  
ARG HE   H N N 71  
ARG HH11 H N N 72  
ARG HH12 H N N 73  
ARG HH21 H N N 74  
ARG HH22 H N N 75  
ARG HXT  H N N 76  
ASN N    N N N 77  
ASN CA   C N S 78  
ASN C    C N N 79  
ASN O    O N N 80  
ASN CB   C N N 81  
ASN CG   C N N 82  
ASN OD1  O N N 83  
ASN ND2  N N N 84  
ASN OXT  O N N 85  
ASN H    H N N 86  
ASN H2   H N N 87  
ASN HA   H N N 88  
ASN HB2  H N N 89  
ASN HB3  H N N 90  
ASN HD21 H N N 91  
ASN HD22 H N N 92  
ASN HXT  H N N 93  
ASP N    N N N 94  
ASP CA   C N S 95  
ASP C    C N N 96  
ASP O    O N N 97  
ASP CB   C N N 98  
ASP CG   C N N 99  
ASP OD1  O N N 100 
ASP OD2  O N N 101 
ASP OXT  O N N 102 
ASP H    H N N 103 
ASP H2   H N N 104 
ASP HA   H N N 105 
ASP HB2  H N N 106 
ASP HB3  H N N 107 
ASP HD2  H N N 108 
ASP HXT  H N N 109 
CYS N    N N N 110 
CYS CA   C N R 111 
CYS C    C N N 112 
CYS O    O N N 113 
CYS CB   C N N 114 
CYS SG   S N N 115 
CYS OXT  O N N 116 
CYS H    H N N 117 
CYS H2   H N N 118 
CYS HA   H N N 119 
CYS HB2  H N N 120 
CYS HB3  H N N 121 
CYS HG   H N N 122 
CYS HXT  H N N 123 
GLN N    N N N 124 
GLN CA   C N S 125 
GLN C    C N N 126 
GLN O    O N N 127 
GLN CB   C N N 128 
GLN CG   C N N 129 
GLN CD   C N N 130 
GLN OE1  O N N 131 
GLN NE2  N N N 132 
GLN OXT  O N N 133 
GLN H    H N N 134 
GLN H2   H N N 135 
GLN HA   H N N 136 
GLN HB2  H N N 137 
GLN HB3  H N N 138 
GLN HG2  H N N 139 
GLN HG3  H N N 140 
GLN HE21 H N N 141 
GLN HE22 H N N 142 
GLN HXT  H N N 143 
GLU N    N N N 144 
GLU CA   C N S 145 
GLU C    C N N 146 
GLU O    O N N 147 
GLU CB   C N N 148 
GLU CG   C N N 149 
GLU CD   C N N 150 
GLU OE1  O N N 151 
GLU OE2  O N N 152 
GLU OXT  O N N 153 
GLU H    H N N 154 
GLU H2   H N N 155 
GLU HA   H N N 156 
GLU HB2  H N N 157 
GLU HB3  H N N 158 
GLU HG2  H N N 159 
GLU HG3  H N N 160 
GLU HE2  H N N 161 
GLU HXT  H N N 162 
GLY N    N N N 163 
GLY CA   C N N 164 
GLY C    C N N 165 
GLY O    O N N 166 
GLY OXT  O N N 167 
GLY H    H N N 168 
GLY H2   H N N 169 
GLY HA2  H N N 170 
GLY HA3  H N N 171 
GLY HXT  H N N 172 
HIS N    N N N 173 
HIS CA   C N S 174 
HIS C    C N N 175 
HIS O    O N N 176 
HIS CB   C N N 177 
HIS CG   C Y N 178 
HIS ND1  N Y N 179 
HIS CD2  C Y N 180 
HIS CE1  C Y N 181 
HIS NE2  N Y N 182 
HIS OXT  O N N 183 
HIS H    H N N 184 
HIS H2   H N N 185 
HIS HA   H N N 186 
HIS HB2  H N N 187 
HIS HB3  H N N 188 
HIS HD1  H N N 189 
HIS HD2  H N N 190 
HIS HE1  H N N 191 
HIS HE2  H N N 192 
HIS HXT  H N N 193 
HOH O    O N N 194 
HOH H1   H N N 195 
HOH H2   H N N 196 
ILE N    N N N 197 
ILE CA   C N S 198 
ILE C    C N N 199 
ILE O    O N N 200 
ILE CB   C N S 201 
ILE CG1  C N N 202 
ILE CG2  C N N 203 
ILE CD1  C N N 204 
ILE OXT  O N N 205 
ILE H    H N N 206 
ILE H2   H N N 207 
ILE HA   H N N 208 
ILE HB   H N N 209 
ILE HG12 H N N 210 
ILE HG13 H N N 211 
ILE HG21 H N N 212 
ILE HG22 H N N 213 
ILE HG23 H N N 214 
ILE HD11 H N N 215 
ILE HD12 H N N 216 
ILE HD13 H N N 217 
ILE HXT  H N N 218 
LEU N    N N N 219 
LEU CA   C N S 220 
LEU C    C N N 221 
LEU O    O N N 222 
LEU CB   C N N 223 
LEU CG   C N N 224 
LEU CD1  C N N 225 
LEU CD2  C N N 226 
LEU OXT  O N N 227 
LEU H    H N N 228 
LEU H2   H N N 229 
LEU HA   H N N 230 
LEU HB2  H N N 231 
LEU HB3  H N N 232 
LEU HG   H N N 233 
LEU HD11 H N N 234 
LEU HD12 H N N 235 
LEU HD13 H N N 236 
LEU HD21 H N N 237 
LEU HD22 H N N 238 
LEU HD23 H N N 239 
LEU HXT  H N N 240 
LYS N    N N N 241 
LYS CA   C N S 242 
LYS C    C N N 243 
LYS O    O N N 244 
LYS CB   C N N 245 
LYS CG   C N N 246 
LYS CD   C N N 247 
LYS CE   C N N 248 
LYS NZ   N N N 249 
LYS OXT  O N N 250 
LYS H    H N N 251 
LYS H2   H N N 252 
LYS HA   H N N 253 
LYS HB2  H N N 254 
LYS HB3  H N N 255 
LYS HG2  H N N 256 
LYS HG3  H N N 257 
LYS HD2  H N N 258 
LYS HD3  H N N 259 
LYS HE2  H N N 260 
LYS HE3  H N N 261 
LYS HZ1  H N N 262 
LYS HZ2  H N N 263 
LYS HZ3  H N N 264 
LYS HXT  H N N 265 
PHE N    N N N 266 
PHE CA   C N S 267 
PHE C    C N N 268 
PHE O    O N N 269 
PHE CB   C N N 270 
PHE CG   C Y N 271 
PHE CD1  C Y N 272 
PHE CD2  C Y N 273 
PHE CE1  C Y N 274 
PHE CE2  C Y N 275 
PHE CZ   C Y N 276 
PHE OXT  O N N 277 
PHE H    H N N 278 
PHE H2   H N N 279 
PHE HA   H N N 280 
PHE HB2  H N N 281 
PHE HB3  H N N 282 
PHE HD1  H N N 283 
PHE HD2  H N N 284 
PHE HE1  H N N 285 
PHE HE2  H N N 286 
PHE HZ   H N N 287 
PHE HXT  H N N 288 
PRO N    N N N 289 
PRO CA   C N S 290 
PRO C    C N N 291 
PRO O    O N N 292 
PRO CB   C N N 293 
PRO CG   C N N 294 
PRO CD   C N N 295 
PRO OXT  O N N 296 
PRO H    H N N 297 
PRO HA   H N N 298 
PRO HB2  H N N 299 
PRO HB3  H N N 300 
PRO HG2  H N N 301 
PRO HG3  H N N 302 
PRO HD2  H N N 303 
PRO HD3  H N N 304 
PRO HXT  H N N 305 
SER N    N N N 306 
SER CA   C N S 307 
SER C    C N N 308 
SER O    O N N 309 
SER CB   C N N 310 
SER OG   O N N 311 
SER OXT  O N N 312 
SER H    H N N 313 
SER H2   H N N 314 
SER HA   H N N 315 
SER HB2  H N N 316 
SER HB3  H N N 317 
SER HG   H N N 318 
SER HXT  H N N 319 
SO4 S    S N N 320 
SO4 O1   O N N 321 
SO4 O2   O N N 322 
SO4 O3   O N N 323 
SO4 O4   O N N 324 
THR N    N N N 325 
THR CA   C N S 326 
THR C    C N N 327 
THR O    O N N 328 
THR CB   C N R 329 
THR OG1  O N N 330 
THR CG2  C N N 331 
THR OXT  O N N 332 
THR H    H N N 333 
THR H2   H N N 334 
THR HA   H N N 335 
THR HB   H N N 336 
THR HG1  H N N 337 
THR HG21 H N N 338 
THR HG22 H N N 339 
THR HG23 H N N 340 
THR HXT  H N N 341 
TRP N    N N N 342 
TRP CA   C N S 343 
TRP C    C N N 344 
TRP O    O N N 345 
TRP CB   C N N 346 
TRP CG   C Y N 347 
TRP CD1  C Y N 348 
TRP CD2  C Y N 349 
TRP NE1  N Y N 350 
TRP CE2  C Y N 351 
TRP CE3  C Y N 352 
TRP CZ2  C Y N 353 
TRP CZ3  C Y N 354 
TRP CH2  C Y N 355 
TRP OXT  O N N 356 
TRP H    H N N 357 
TRP H2   H N N 358 
TRP HA   H N N 359 
TRP HB2  H N N 360 
TRP HB3  H N N 361 
TRP HD1  H N N 362 
TRP HE1  H N N 363 
TRP HE3  H N N 364 
TRP HZ2  H N N 365 
TRP HZ3  H N N 366 
TRP HH2  H N N 367 
TRP HXT  H N N 368 
TYR N    N N N 369 
TYR CA   C N S 370 
TYR C    C N N 371 
TYR O    O N N 372 
TYR CB   C N N 373 
TYR CG   C Y N 374 
TYR CD1  C Y N 375 
TYR CD2  C Y N 376 
TYR CE1  C Y N 377 
TYR CE2  C Y N 378 
TYR CZ   C Y N 379 
TYR OH   O N N 380 
TYR OXT  O N N 381 
TYR H    H N N 382 
TYR H2   H N N 383 
TYR HA   H N N 384 
TYR HB2  H N N 385 
TYR HB3  H N N 386 
TYR HD1  H N N 387 
TYR HD2  H N N 388 
TYR HE1  H N N 389 
TYR HE2  H N N 390 
TYR HH   H N N 391 
TYR HXT  H N N 392 
VAL N    N N N 393 
VAL CA   C N S 394 
VAL C    C N N 395 
VAL O    O N N 396 
VAL CB   C N N 397 
VAL CG1  C N N 398 
VAL CG2  C N N 399 
VAL OXT  O N N 400 
VAL H    H N N 401 
VAL H2   H N N 402 
VAL HA   H N N 403 
VAL HB   H N N 404 
VAL HG11 H N N 405 
VAL HG12 H N N 406 
VAL HG13 H N N 407 
VAL HG21 H N N 408 
VAL HG22 H N N 409 
VAL HG23 H N N 410 
VAL HXT  H N N 411 
# 
loop_
_chem_comp_bond.comp_id 
_chem_comp_bond.atom_id_1 
_chem_comp_bond.atom_id_2 
_chem_comp_bond.value_order 
_chem_comp_bond.pdbx_aromatic_flag 
_chem_comp_bond.pdbx_stereo_config 
_chem_comp_bond.pdbx_ordinal 
2HN FAK CAT  sing N N 1   
2HN CAT CAR  sing Y N 2   
2HN CAT CAU  doub Y N 3   
2HN CAR FAI  sing N N 4   
2HN CAR CAP  doub Y N 5   
2HN CAP FAG  sing N N 6   
2HN CAP CAQ  sing Y N 7   
2HN CAQ FAH  sing N N 8   
2HN CAQ CAS  doub Y N 9   
2HN CAS FAJ  sing N N 10  
2HN CAS CAU  sing Y N 11  
2HN CAU CAL  sing N N 12  
2HN CAL CAX  sing N N 13  
2HN CAX CAY  sing N N 14  
2HN CAX CAO  sing N N 15  
2HN CAY OAF  sing N N 16  
2HN CAY CAN  sing N N 17  
2HN CAY CAM  sing N N 18  
2HN CAN OAC  sing N N 19  
2HN CAN OAA  doub N N 20  
2HN CAO OAB  doub N N 21  
2HN CAO CAW  sing N N 22  
2HN CAW OAE  sing N N 23  
2HN CAW CAV  sing N N 24  
2HN CAV OAD  sing N N 25  
2HN CAV CAM  sing N N 26  
2HN CAL HAL1 sing N N 27  
2HN CAL HAL2 sing N N 28  
2HN CAX HAX  sing N N 29  
2HN OAF HAF  sing N N 30  
2HN CAM HAM1 sing N N 31  
2HN CAM HAM2 sing N N 32  
2HN OAC HAC  sing N N 33  
2HN CAW HAW  sing N N 34  
2HN OAE HAE  sing N N 35  
2HN CAV HAV  sing N N 36  
2HN OAD HAD  sing N N 37  
ALA N   CA   sing N N 38  
ALA N   H    sing N N 39  
ALA N   H2   sing N N 40  
ALA CA  C    sing N N 41  
ALA CA  CB   sing N N 42  
ALA CA  HA   sing N N 43  
ALA C   O    doub N N 44  
ALA C   OXT  sing N N 45  
ALA CB  HB1  sing N N 46  
ALA CB  HB2  sing N N 47  
ALA CB  HB3  sing N N 48  
ALA OXT HXT  sing N N 49  
ARG N   CA   sing N N 50  
ARG N   H    sing N N 51  
ARG N   H2   sing N N 52  
ARG CA  C    sing N N 53  
ARG CA  CB   sing N N 54  
ARG CA  HA   sing N N 55  
ARG C   O    doub N N 56  
ARG C   OXT  sing N N 57  
ARG CB  CG   sing N N 58  
ARG CB  HB2  sing N N 59  
ARG CB  HB3  sing N N 60  
ARG CG  CD   sing N N 61  
ARG CG  HG2  sing N N 62  
ARG CG  HG3  sing N N 63  
ARG CD  NE   sing N N 64  
ARG CD  HD2  sing N N 65  
ARG CD  HD3  sing N N 66  
ARG NE  CZ   sing N N 67  
ARG NE  HE   sing N N 68  
ARG CZ  NH1  sing N N 69  
ARG CZ  NH2  doub N N 70  
ARG NH1 HH11 sing N N 71  
ARG NH1 HH12 sing N N 72  
ARG NH2 HH21 sing N N 73  
ARG NH2 HH22 sing N N 74  
ARG OXT HXT  sing N N 75  
ASN N   CA   sing N N 76  
ASN N   H    sing N N 77  
ASN N   H2   sing N N 78  
ASN CA  C    sing N N 79  
ASN CA  CB   sing N N 80  
ASN CA  HA   sing N N 81  
ASN C   O    doub N N 82  
ASN C   OXT  sing N N 83  
ASN CB  CG   sing N N 84  
ASN CB  HB2  sing N N 85  
ASN CB  HB3  sing N N 86  
ASN CG  OD1  doub N N 87  
ASN CG  ND2  sing N N 88  
ASN ND2 HD21 sing N N 89  
ASN ND2 HD22 sing N N 90  
ASN OXT HXT  sing N N 91  
ASP N   CA   sing N N 92  
ASP N   H    sing N N 93  
ASP N   H2   sing N N 94  
ASP CA  C    sing N N 95  
ASP CA  CB   sing N N 96  
ASP CA  HA   sing N N 97  
ASP C   O    doub N N 98  
ASP C   OXT  sing N N 99  
ASP CB  CG   sing N N 100 
ASP CB  HB2  sing N N 101 
ASP CB  HB3  sing N N 102 
ASP CG  OD1  doub N N 103 
ASP CG  OD2  sing N N 104 
ASP OD2 HD2  sing N N 105 
ASP OXT HXT  sing N N 106 
CYS N   CA   sing N N 107 
CYS N   H    sing N N 108 
CYS N   H2   sing N N 109 
CYS CA  C    sing N N 110 
CYS CA  CB   sing N N 111 
CYS CA  HA   sing N N 112 
CYS C   O    doub N N 113 
CYS C   OXT  sing N N 114 
CYS CB  SG   sing N N 115 
CYS CB  HB2  sing N N 116 
CYS CB  HB3  sing N N 117 
CYS SG  HG   sing N N 118 
CYS OXT HXT  sing N N 119 
GLN N   CA   sing N N 120 
GLN N   H    sing N N 121 
GLN N   H2   sing N N 122 
GLN CA  C    sing N N 123 
GLN CA  CB   sing N N 124 
GLN CA  HA   sing N N 125 
GLN C   O    doub N N 126 
GLN C   OXT  sing N N 127 
GLN CB  CG   sing N N 128 
GLN CB  HB2  sing N N 129 
GLN CB  HB3  sing N N 130 
GLN CG  CD   sing N N 131 
GLN CG  HG2  sing N N 132 
GLN CG  HG3  sing N N 133 
GLN CD  OE1  doub N N 134 
GLN CD  NE2  sing N N 135 
GLN NE2 HE21 sing N N 136 
GLN NE2 HE22 sing N N 137 
GLN OXT HXT  sing N N 138 
GLU N   CA   sing N N 139 
GLU N   H    sing N N 140 
GLU N   H2   sing N N 141 
GLU CA  C    sing N N 142 
GLU CA  CB   sing N N 143 
GLU CA  HA   sing N N 144 
GLU C   O    doub N N 145 
GLU C   OXT  sing N N 146 
GLU CB  CG   sing N N 147 
GLU CB  HB2  sing N N 148 
GLU CB  HB3  sing N N 149 
GLU CG  CD   sing N N 150 
GLU CG  HG2  sing N N 151 
GLU CG  HG3  sing N N 152 
GLU CD  OE1  doub N N 153 
GLU CD  OE2  sing N N 154 
GLU OE2 HE2  sing N N 155 
GLU OXT HXT  sing N N 156 
GLY N   CA   sing N N 157 
GLY N   H    sing N N 158 
GLY N   H2   sing N N 159 
GLY CA  C    sing N N 160 
GLY CA  HA2  sing N N 161 
GLY CA  HA3  sing N N 162 
GLY C   O    doub N N 163 
GLY C   OXT  sing N N 164 
GLY OXT HXT  sing N N 165 
HIS N   CA   sing N N 166 
HIS N   H    sing N N 167 
HIS N   H2   sing N N 168 
HIS CA  C    sing N N 169 
HIS CA  CB   sing N N 170 
HIS CA  HA   sing N N 171 
HIS C   O    doub N N 172 
HIS C   OXT  sing N N 173 
HIS CB  CG   sing N N 174 
HIS CB  HB2  sing N N 175 
HIS CB  HB3  sing N N 176 
HIS CG  ND1  sing Y N 177 
HIS CG  CD2  doub Y N 178 
HIS ND1 CE1  doub Y N 179 
HIS ND1 HD1  sing N N 180 
HIS CD2 NE2  sing Y N 181 
HIS CD2 HD2  sing N N 182 
HIS CE1 NE2  sing Y N 183 
HIS CE1 HE1  sing N N 184 
HIS NE2 HE2  sing N N 185 
HIS OXT HXT  sing N N 186 
HOH O   H1   sing N N 187 
HOH O   H2   sing N N 188 
ILE N   CA   sing N N 189 
ILE N   H    sing N N 190 
ILE N   H2   sing N N 191 
ILE CA  C    sing N N 192 
ILE CA  CB   sing N N 193 
ILE CA  HA   sing N N 194 
ILE C   O    doub N N 195 
ILE C   OXT  sing N N 196 
ILE CB  CG1  sing N N 197 
ILE CB  CG2  sing N N 198 
ILE CB  HB   sing N N 199 
ILE CG1 CD1  sing N N 200 
ILE CG1 HG12 sing N N 201 
ILE CG1 HG13 sing N N 202 
ILE CG2 HG21 sing N N 203 
ILE CG2 HG22 sing N N 204 
ILE CG2 HG23 sing N N 205 
ILE CD1 HD11 sing N N 206 
ILE CD1 HD12 sing N N 207 
ILE CD1 HD13 sing N N 208 
ILE OXT HXT  sing N N 209 
LEU N   CA   sing N N 210 
LEU N   H    sing N N 211 
LEU N   H2   sing N N 212 
LEU CA  C    sing N N 213 
LEU CA  CB   sing N N 214 
LEU CA  HA   sing N N 215 
LEU C   O    doub N N 216 
LEU C   OXT  sing N N 217 
LEU CB  CG   sing N N 218 
LEU CB  HB2  sing N N 219 
LEU CB  HB3  sing N N 220 
LEU CG  CD1  sing N N 221 
LEU CG  CD2  sing N N 222 
LEU CG  HG   sing N N 223 
LEU CD1 HD11 sing N N 224 
LEU CD1 HD12 sing N N 225 
LEU CD1 HD13 sing N N 226 
LEU CD2 HD21 sing N N 227 
LEU CD2 HD22 sing N N 228 
LEU CD2 HD23 sing N N 229 
LEU OXT HXT  sing N N 230 
LYS N   CA   sing N N 231 
LYS N   H    sing N N 232 
LYS N   H2   sing N N 233 
LYS CA  C    sing N N 234 
LYS CA  CB   sing N N 235 
LYS CA  HA   sing N N 236 
LYS C   O    doub N N 237 
LYS C   OXT  sing N N 238 
LYS CB  CG   sing N N 239 
LYS CB  HB2  sing N N 240 
LYS CB  HB3  sing N N 241 
LYS CG  CD   sing N N 242 
LYS CG  HG2  sing N N 243 
LYS CG  HG3  sing N N 244 
LYS CD  CE   sing N N 245 
LYS CD  HD2  sing N N 246 
LYS CD  HD3  sing N N 247 
LYS CE  NZ   sing N N 248 
LYS CE  HE2  sing N N 249 
LYS CE  HE3  sing N N 250 
LYS NZ  HZ1  sing N N 251 
LYS NZ  HZ2  sing N N 252 
LYS NZ  HZ3  sing N N 253 
LYS OXT HXT  sing N N 254 
PHE N   CA   sing N N 255 
PHE N   H    sing N N 256 
PHE N   H2   sing N N 257 
PHE CA  C    sing N N 258 
PHE CA  CB   sing N N 259 
PHE CA  HA   sing N N 260 
PHE C   O    doub N N 261 
PHE C   OXT  sing N N 262 
PHE CB  CG   sing N N 263 
PHE CB  HB2  sing N N 264 
PHE CB  HB3  sing N N 265 
PHE CG  CD1  doub Y N 266 
PHE CG  CD2  sing Y N 267 
PHE CD1 CE1  sing Y N 268 
PHE CD1 HD1  sing N N 269 
PHE CD2 CE2  doub Y N 270 
PHE CD2 HD2  sing N N 271 
PHE CE1 CZ   doub Y N 272 
PHE CE1 HE1  sing N N 273 
PHE CE2 CZ   sing Y N 274 
PHE CE2 HE2  sing N N 275 
PHE CZ  HZ   sing N N 276 
PHE OXT HXT  sing N N 277 
PRO N   CA   sing N N 278 
PRO N   CD   sing N N 279 
PRO N   H    sing N N 280 
PRO CA  C    sing N N 281 
PRO CA  CB   sing N N 282 
PRO CA  HA   sing N N 283 
PRO C   O    doub N N 284 
PRO C   OXT  sing N N 285 
PRO CB  CG   sing N N 286 
PRO CB  HB2  sing N N 287 
PRO CB  HB3  sing N N 288 
PRO CG  CD   sing N N 289 
PRO CG  HG2  sing N N 290 
PRO CG  HG3  sing N N 291 
PRO CD  HD2  sing N N 292 
PRO CD  HD3  sing N N 293 
PRO OXT HXT  sing N N 294 
SER N   CA   sing N N 295 
SER N   H    sing N N 296 
SER N   H2   sing N N 297 
SER CA  C    sing N N 298 
SER CA  CB   sing N N 299 
SER CA  HA   sing N N 300 
SER C   O    doub N N 301 
SER C   OXT  sing N N 302 
SER CB  OG   sing N N 303 
SER CB  HB2  sing N N 304 
SER CB  HB3  sing N N 305 
SER OG  HG   sing N N 306 
SER OXT HXT  sing N N 307 
SO4 S   O1   doub N N 308 
SO4 S   O2   doub N N 309 
SO4 S   O3   sing N N 310 
SO4 S   O4   sing N N 311 
THR N   CA   sing N N 312 
THR N   H    sing N N 313 
THR N   H2   sing N N 314 
THR CA  C    sing N N 315 
THR CA  CB   sing N N 316 
THR CA  HA   sing N N 317 
THR C   O    doub N N 318 
THR C   OXT  sing N N 319 
THR CB  OG1  sing N N 320 
THR CB  CG2  sing N N 321 
THR CB  HB   sing N N 322 
THR OG1 HG1  sing N N 323 
THR CG2 HG21 sing N N 324 
THR CG2 HG22 sing N N 325 
THR CG2 HG23 sing N N 326 
THR OXT HXT  sing N N 327 
TRP N   CA   sing N N 328 
TRP N   H    sing N N 329 
TRP N   H2   sing N N 330 
TRP CA  C    sing N N 331 
TRP CA  CB   sing N N 332 
TRP CA  HA   sing N N 333 
TRP C   O    doub N N 334 
TRP C   OXT  sing N N 335 
TRP CB  CG   sing N N 336 
TRP CB  HB2  sing N N 337 
TRP CB  HB3  sing N N 338 
TRP CG  CD1  doub Y N 339 
TRP CG  CD2  sing Y N 340 
TRP CD1 NE1  sing Y N 341 
TRP CD1 HD1  sing N N 342 
TRP CD2 CE2  doub Y N 343 
TRP CD2 CE3  sing Y N 344 
TRP NE1 CE2  sing Y N 345 
TRP NE1 HE1  sing N N 346 
TRP CE2 CZ2  sing Y N 347 
TRP CE3 CZ3  doub Y N 348 
TRP CE3 HE3  sing N N 349 
TRP CZ2 CH2  doub Y N 350 
TRP CZ2 HZ2  sing N N 351 
TRP CZ3 CH2  sing Y N 352 
TRP CZ3 HZ3  sing N N 353 
TRP CH2 HH2  sing N N 354 
TRP OXT HXT  sing N N 355 
TYR N   CA   sing N N 356 
TYR N   H    sing N N 357 
TYR N   H2   sing N N 358 
TYR CA  C    sing N N 359 
TYR CA  CB   sing N N 360 
TYR CA  HA   sing N N 361 
TYR C   O    doub N N 362 
TYR C   OXT  sing N N 363 
TYR CB  CG   sing N N 364 
TYR CB  HB2  sing N N 365 
TYR CB  HB3  sing N N 366 
TYR CG  CD1  doub Y N 367 
TYR CG  CD2  sing Y N 368 
TYR CD1 CE1  sing Y N 369 
TYR CD1 HD1  sing N N 370 
TYR CD2 CE2  doub Y N 371 
TYR CD2 HD2  sing N N 372 
TYR CE1 CZ   doub Y N 373 
TYR CE1 HE1  sing N N 374 
TYR CE2 CZ   sing Y N 375 
TYR CE2 HE2  sing N N 376 
TYR CZ  OH   sing N N 377 
TYR OH  HH   sing N N 378 
TYR OXT HXT  sing N N 379 
VAL N   CA   sing N N 380 
VAL N   H    sing N N 381 
VAL N   H2   sing N N 382 
VAL CA  C    sing N N 383 
VAL CA  CB   sing N N 384 
VAL CA  HA   sing N N 385 
VAL C   O    doub N N 386 
VAL C   OXT  sing N N 387 
VAL CB  CG1  sing N N 388 
VAL CB  CG2  sing N N 389 
VAL CB  HB   sing N N 390 
VAL CG1 HG11 sing N N 391 
VAL CG1 HG12 sing N N 392 
VAL CG1 HG13 sing N N 393 
VAL CG2 HG21 sing N N 394 
VAL CG2 HG22 sing N N 395 
VAL CG2 HG23 sing N N 396 
VAL OXT HXT  sing N N 397 
# 
loop_
_pdbx_entity_nonpoly.entity_id 
_pdbx_entity_nonpoly.name 
_pdbx_entity_nonpoly.comp_id 
2 '(1R,2S,4S,5R)-2-(2,3,4,5,6-pentafluorophenyl)methyl-1,4,5-trihydroxy-3-oxocyclohexane-1-carboxylic acid' 2HN 
3 'SULFATE ION'                                                                                             SO4 
4 water                                                                                                     HOH 
# 
_pdbx_initial_refinement_model.id               1 
_pdbx_initial_refinement_model.entity_id_list   ? 
_pdbx_initial_refinement_model.type             'experimental model' 
_pdbx_initial_refinement_model.source_name      PDB 
_pdbx_initial_refinement_model.accession_code   1H0S 
_pdbx_initial_refinement_model.details          'PDB ENTRY 1H0S' 
# 
